data_9J2Z
#
_entry.id   9J2Z
#
_cell.length_a   86.749
_cell.length_b   84.384
_cell.length_c   124.676
_cell.angle_alpha   90.00
_cell.angle_beta   92.52
_cell.angle_gamma   90.00
#
_symmetry.space_group_name_H-M   'P 1 21 1'
#
loop_
_entity.id
_entity.type
_entity.pdbx_description
1 polymer 'Cyclic GMP-AMP synthase'
2 non-polymer 'ZINC ION'
3 non-polymer (4~{S},5~{R})-2-[4,5-bis(chloranyl)-1~{H}-benzimidazol-2-yl]-5-methyl-4-[(1~{S})-3-oxidanylidene-1~{H}-2-benzofuran-1-yl]pyrazolidin-3-one
#
_entity_poly.entity_id   1
_entity_poly.type   'polypeptide(L)'
_entity_poly.pdbx_seq_one_letter_code
;SPDKLKKVLDKLRLKRKDISEAAETVNKVVERLLRRMQKRESEFKGVEQLNTGSYYEHVKISAPNEFDVMFKLEVPRIEL
QEYYETGAFYLVKFKRIPRGNPLSHFLEGEVLSATKMLSKFRKIIKEEVKEIKDIDVSVEKEKPGSPAVTLLIRNPEEIS
VDIILALESKGSWPISTKEGLPIQGWLGTKVRTNLRREPFYLVPKNAKDGNSFQGETWRLSFSHTEKYILNNHGIEKTCC
ESSGAKCCRKECLKLMKYLLEQLKKEFQELDAFCSYHVKTAIFHMWTQDPQDSQWDPRNLSSCFDKLLAFFLECLRTEKL
DHYFIPKFNLFSQELIDRKSKEFLSKKIEYERNNGFPIFDKL
;
_entity_poly.pdbx_strand_id   A,B,C,D
#
# COMPACT_ATOMS: atom_id res chain seq x y z
N PRO A 2 -50.90 -13.23 29.39
CA PRO A 2 -49.44 -13.27 29.40
C PRO A 2 -48.90 -14.68 29.15
N ASP A 3 -48.46 -14.94 27.92
CA ASP A 3 -48.12 -16.29 27.49
C ASP A 3 -46.71 -16.66 27.92
N LYS A 4 -46.33 -17.92 27.66
CA LYS A 4 -45.00 -18.39 28.05
C LYS A 4 -43.90 -17.65 27.31
N LEU A 5 -44.13 -17.32 26.04
CA LEU A 5 -43.10 -16.65 25.25
C LEU A 5 -42.73 -15.30 25.85
N LYS A 6 -43.74 -14.50 26.22
CA LYS A 6 -43.45 -13.20 26.84
C LYS A 6 -42.76 -13.38 28.18
N LYS A 7 -43.13 -14.41 28.94
CA LYS A 7 -42.49 -14.66 30.22
C LYS A 7 -41.05 -15.12 30.04
N VAL A 8 -40.77 -15.90 28.99
CA VAL A 8 -39.41 -16.30 28.70
C VAL A 8 -38.56 -15.08 28.38
N LEU A 9 -39.11 -14.17 27.57
CA LEU A 9 -38.39 -12.93 27.27
C LEU A 9 -38.14 -12.11 28.54
N ASP A 10 -39.14 -12.01 29.42
CA ASP A 10 -38.94 -11.40 30.72
C ASP A 10 -37.81 -12.06 31.48
N LYS A 11 -37.76 -13.40 31.45
CA LYS A 11 -36.73 -14.14 32.16
C LYS A 11 -35.35 -13.86 31.58
N LEU A 12 -35.26 -13.73 30.26
CA LEU A 12 -33.95 -13.55 29.62
C LEU A 12 -33.34 -12.20 29.98
N ARG A 13 -34.16 -11.13 29.93
CA ARG A 13 -33.62 -9.80 30.27
C ARG A 13 -33.38 -9.67 31.78
N LEU A 14 -34.17 -10.36 32.61
CA LEU A 14 -33.90 -10.35 34.05
C LEU A 14 -32.65 -11.15 34.39
N LYS A 15 -32.37 -12.22 33.65
CA LYS A 15 -31.13 -12.96 33.84
C LYS A 15 -29.92 -12.17 33.40
N ARG A 16 -30.10 -11.20 32.50
CA ARG A 16 -29.00 -10.31 32.11
C ARG A 16 -28.63 -9.30 33.19
N LYS A 17 -29.43 -9.19 34.25
CA LYS A 17 -29.06 -8.33 35.37
C LYS A 17 -27.83 -8.88 36.08
N ASP A 18 -27.75 -10.19 36.24
CA ASP A 18 -26.64 -10.84 36.92
C ASP A 18 -25.41 -11.00 36.03
N ILE A 19 -25.40 -10.34 34.87
CA ILE A 19 -24.24 -10.31 33.99
C ILE A 19 -23.51 -8.97 34.05
N SER A 20 -24.23 -7.88 34.35
CA SER A 20 -23.70 -6.54 34.12
C SER A 20 -22.48 -6.23 34.97
N GLU A 21 -22.38 -6.81 36.17
CA GLU A 21 -21.23 -6.52 37.02
C GLU A 21 -19.97 -7.22 36.51
N ALA A 22 -20.11 -8.46 36.05
CA ALA A 22 -19.01 -9.13 35.37
C ALA A 22 -18.63 -8.39 34.09
N ALA A 23 -19.63 -7.79 33.42
CA ALA A 23 -19.35 -7.08 32.17
C ALA A 23 -18.56 -5.79 32.41
N GLU A 24 -18.84 -5.10 33.52
CA GLU A 24 -18.06 -3.90 33.84
C GLU A 24 -16.61 -4.26 34.18
N THR A 25 -16.42 -5.36 34.92
CA THR A 25 -15.07 -5.86 35.15
C THR A 25 -14.35 -6.14 33.82
N VAL A 26 -15.03 -6.82 32.90
CA VAL A 26 -14.41 -7.21 31.64
C VAL A 26 -14.00 -5.98 30.84
N ASN A 27 -14.87 -4.97 30.79
CA ASN A 27 -14.60 -3.81 29.95
C ASN A 27 -13.37 -3.05 30.42
N LYS A 28 -13.18 -2.94 31.74
CA LYS A 28 -12.02 -2.18 32.21
C LYS A 28 -10.73 -2.99 32.15
N VAL A 29 -10.82 -4.33 32.22
CA VAL A 29 -9.64 -5.15 31.98
C VAL A 29 -9.17 -5.01 30.54
N VAL A 30 -10.10 -5.11 29.58
CA VAL A 30 -9.70 -5.15 28.17
C VAL A 30 -9.25 -3.79 27.69
N GLU A 31 -9.90 -2.70 28.15
CA GLU A 31 -9.45 -1.38 27.73
C GLU A 31 -8.12 -1.00 28.37
N ARG A 32 -7.82 -1.58 29.56
CA ARG A 32 -6.47 -1.43 30.10
C ARG A 32 -5.45 -2.24 29.30
N LEU A 33 -5.81 -3.48 28.94
CA LEU A 33 -4.92 -4.32 28.14
C LEU A 33 -4.66 -3.69 26.78
N LEU A 34 -5.70 -3.18 26.13
CA LEU A 34 -5.52 -2.52 24.85
C LEU A 34 -4.60 -1.32 25.00
N ARG A 35 -4.95 -0.36 25.87
CA ARG A 35 -4.10 0.81 26.09
C ARG A 35 -2.64 0.44 26.33
N ARG A 36 -2.40 -0.69 27.01
CA ARG A 36 -1.03 -1.16 27.17
C ARG A 36 -0.45 -1.62 25.84
N MET A 37 -1.22 -2.39 25.08
CA MET A 37 -0.72 -2.89 23.79
C MET A 37 -0.53 -1.75 22.79
N GLN A 38 -1.32 -0.70 22.88
CA GLN A 38 -1.21 0.43 21.97
C GLN A 38 -0.07 1.37 22.35
N LYS A 39 0.48 1.26 23.56
CA LYS A 39 1.69 2.02 23.88
C LYS A 39 2.97 1.27 23.51
N ARG A 40 2.96 -0.05 23.65
CA ARG A 40 4.11 -0.86 23.34
C ARG A 40 4.35 -0.93 21.84
N GLU A 41 5.62 -1.02 21.45
CA GLU A 41 6.02 -1.10 20.05
C GLU A 41 5.97 -2.55 19.59
N SER A 42 5.10 -2.85 18.62
CA SER A 42 4.91 -4.22 18.12
C SER A 42 4.02 -4.18 16.88
N GLU A 43 3.88 -5.33 16.19
CA GLU A 43 3.01 -5.42 15.03
C GLU A 43 1.56 -5.19 15.44
N PHE A 44 1.29 -5.26 16.75
CA PHE A 44 -0.06 -5.15 17.26
C PHE A 44 -0.33 -3.81 17.93
N LYS A 45 0.53 -2.80 17.72
CA LYS A 45 0.29 -1.52 18.36
C LYS A 45 -1.01 -0.88 17.88
N GLY A 46 -1.35 -1.11 16.61
CA GLY A 46 -2.58 -0.61 16.05
C GLY A 46 -3.81 -1.39 16.42
N VAL A 47 -3.70 -2.37 17.30
CA VAL A 47 -4.86 -3.18 17.67
C VAL A 47 -5.92 -2.33 18.34
N GLU A 48 -7.18 -2.66 18.08
CA GLU A 48 -8.31 -1.97 18.69
C GLU A 48 -9.42 -2.98 18.93
N GLN A 49 -10.32 -2.66 19.85
CA GLN A 49 -11.49 -3.50 20.06
C GLN A 49 -12.52 -3.23 18.97
N LEU A 50 -13.01 -4.29 18.36
CA LEU A 50 -14.13 -4.20 17.43
C LEU A 50 -15.42 -4.39 18.22
N ASN A 51 -16.30 -3.39 18.19
CA ASN A 51 -17.54 -3.43 18.95
C ASN A 51 -18.59 -4.16 18.11
N THR A 52 -18.97 -5.35 18.57
CA THR A 52 -19.91 -6.21 17.85
C THR A 52 -21.24 -6.34 18.58
N GLY A 53 -21.56 -5.40 19.46
CA GLY A 53 -22.73 -5.53 20.30
C GLY A 53 -22.51 -6.52 21.44
N SER A 54 -23.24 -6.31 22.52
CA SER A 54 -23.04 -7.12 23.72
C SER A 54 -24.35 -7.58 24.33
N TYR A 55 -25.47 -7.41 23.66
CA TYR A 55 -26.74 -7.89 24.20
C TYR A 55 -26.91 -9.38 23.86
N TYR A 56 -27.99 -9.96 24.39
CA TYR A 56 -28.23 -11.37 24.14
C TYR A 56 -28.37 -11.67 22.66
N GLU A 57 -28.98 -10.74 21.91
CA GLU A 57 -29.18 -10.95 20.48
C GLU A 57 -27.86 -11.01 19.72
N HIS A 58 -26.83 -10.28 20.16
CA HIS A 58 -25.59 -10.18 19.42
C HIS A 58 -24.55 -11.24 19.80
N VAL A 59 -24.62 -11.80 21.01
CA VAL A 59 -23.52 -12.60 21.53
C VAL A 59 -23.73 -14.07 21.20
N LYS A 60 -22.64 -14.83 21.22
CA LYS A 60 -22.72 -16.27 21.13
C LYS A 60 -23.27 -16.84 22.43
N ILE A 61 -23.79 -18.06 22.35
CA ILE A 61 -24.30 -18.74 23.54
C ILE A 61 -23.13 -19.13 24.43
N SER A 62 -23.19 -18.71 25.70
CA SER A 62 -22.12 -19.02 26.63
C SER A 62 -22.64 -18.89 28.06
N ALA A 63 -21.84 -19.39 28.99
CA ALA A 63 -22.18 -19.31 30.40
C ALA A 63 -22.16 -17.86 30.88
N PRO A 64 -22.94 -17.54 31.91
CA PRO A 64 -23.05 -16.14 32.35
C PRO A 64 -21.72 -15.45 32.64
N ASN A 65 -20.68 -16.20 32.99
CA ASN A 65 -19.37 -15.64 33.29
C ASN A 65 -18.40 -15.80 32.13
N GLU A 66 -18.89 -16.01 30.91
CA GLU A 66 -18.06 -16.23 29.74
C GLU A 66 -18.32 -15.12 28.74
N PHE A 67 -17.23 -14.53 28.22
CA PHE A 67 -17.32 -13.39 27.32
C PHE A 67 -16.40 -13.58 26.14
N ASP A 68 -16.72 -12.87 25.05
CA ASP A 68 -15.94 -12.88 23.83
C ASP A 68 -15.74 -11.45 23.36
N VAL A 69 -14.50 -11.09 23.00
CA VAL A 69 -14.21 -9.79 22.40
C VAL A 69 -13.26 -10.01 21.23
N MET A 70 -13.37 -9.14 20.23
CA MET A 70 -12.55 -9.19 19.03
C MET A 70 -11.55 -8.04 19.06
N PHE A 71 -10.28 -8.35 18.83
CA PHE A 71 -9.22 -7.36 18.66
C PHE A 71 -8.96 -7.23 17.16
N LYS A 72 -9.31 -6.10 16.57
CA LYS A 72 -9.06 -5.85 15.16
C LYS A 72 -7.66 -5.29 14.95
N LEU A 73 -7.06 -5.67 13.83
CA LEU A 73 -5.75 -5.13 13.43
C LEU A 73 -5.79 -4.83 11.94
N GLU A 74 -5.69 -3.55 11.59
CA GLU A 74 -5.67 -3.17 10.19
C GLU A 74 -4.47 -3.77 9.48
N VAL A 75 -4.71 -4.39 8.34
CA VAL A 75 -3.64 -4.98 7.52
C VAL A 75 -3.81 -4.54 6.07
N PRO A 76 -2.98 -3.65 5.57
CA PRO A 76 -3.18 -3.10 4.22
C PRO A 76 -2.69 -4.04 3.12
N ARG A 77 -3.31 -3.87 1.95
CA ARG A 77 -2.89 -4.50 0.69
C ARG A 77 -2.85 -6.03 0.82
N ILE A 78 -3.95 -6.58 1.36
CA ILE A 78 -4.15 -8.02 1.39
C ILE A 78 -4.42 -8.52 -0.03
N GLU A 79 -3.94 -9.71 -0.34
CA GLU A 79 -4.30 -10.43 -1.56
C GLU A 79 -4.89 -11.78 -1.13
N LEU A 80 -6.21 -11.90 -1.24
CA LEU A 80 -6.90 -13.10 -0.80
C LEU A 80 -6.82 -14.19 -1.85
N GLN A 81 -6.73 -15.44 -1.39
CA GLN A 81 -6.89 -16.61 -2.24
C GLN A 81 -7.92 -17.53 -1.60
N GLU A 82 -8.96 -17.87 -2.35
CA GLU A 82 -9.97 -18.78 -1.86
C GLU A 82 -9.37 -20.15 -1.59
N TYR A 83 -9.55 -20.65 -0.37
CA TYR A 83 -9.16 -22.01 -0.02
C TYR A 83 -10.25 -23.01 -0.37
N TYR A 84 -11.49 -22.67 -0.07
CA TYR A 84 -12.66 -23.44 -0.48
C TYR A 84 -13.42 -22.66 -1.55
N GLU A 85 -13.97 -23.37 -2.53
CA GLU A 85 -14.80 -22.71 -3.55
C GLU A 85 -16.06 -22.11 -2.95
N THR A 86 -16.47 -22.56 -1.77
CA THR A 86 -17.65 -22.05 -1.11
C THR A 86 -17.45 -20.66 -0.50
N GLY A 87 -16.21 -20.20 -0.39
CA GLY A 87 -15.92 -18.99 0.35
C GLY A 87 -15.75 -19.20 1.84
N ALA A 88 -15.68 -20.45 2.28
CA ALA A 88 -15.63 -20.75 3.71
C ALA A 88 -14.27 -20.48 4.34
N PHE A 89 -13.21 -20.45 3.53
CA PHE A 89 -11.87 -20.25 4.08
C PHE A 89 -11.01 -19.51 3.09
N TYR A 90 -9.99 -18.81 3.60
CA TYR A 90 -9.11 -18.01 2.77
C TYR A 90 -7.67 -18.17 3.24
N LEU A 91 -6.75 -18.09 2.28
CA LEU A 91 -5.34 -17.87 2.54
C LEU A 91 -5.05 -16.39 2.33
N VAL A 92 -4.19 -15.84 3.17
CA VAL A 92 -3.92 -14.41 3.18
C VAL A 92 -2.52 -14.19 2.62
N LYS A 93 -2.44 -13.69 1.39
CA LYS A 93 -1.22 -13.22 0.78
C LYS A 93 -1.26 -11.70 0.71
N PHE A 94 -0.32 -11.13 -0.02
CA PHE A 94 -0.16 -9.68 -0.04
C PHE A 94 0.13 -9.19 -1.46
N LYS A 95 -0.37 -8.00 -1.76
CA LYS A 95 0.10 -7.28 -2.93
C LYS A 95 1.46 -6.65 -2.61
N ARG A 96 2.08 -6.03 -3.62
CA ARG A 96 3.34 -5.35 -3.40
C ARG A 96 3.19 -4.24 -2.36
N ILE A 97 4.09 -4.23 -1.38
CA ILE A 97 4.11 -3.18 -0.36
C ILE A 97 5.47 -2.50 -0.45
N PRO A 98 5.59 -1.40 -1.18
CA PRO A 98 6.93 -0.88 -1.55
C PRO A 98 7.79 -0.45 -0.37
N ARG A 99 7.19 -0.04 0.76
CA ARG A 99 7.98 0.31 1.93
C ARG A 99 8.14 -0.85 2.91
N GLY A 100 7.75 -2.06 2.51
CA GLY A 100 7.93 -3.24 3.33
C GLY A 100 6.69 -3.69 4.06
N ASN A 101 6.38 -4.98 3.98
CA ASN A 101 5.25 -5.54 4.72
C ASN A 101 5.58 -5.58 6.21
N PRO A 102 4.84 -4.87 7.06
CA PRO A 102 5.13 -4.92 8.51
C PRO A 102 4.91 -6.30 9.11
N LEU A 103 4.14 -7.17 8.46
CA LEU A 103 3.90 -8.53 8.94
C LEU A 103 4.80 -9.55 8.25
N SER A 104 5.88 -9.09 7.60
CA SER A 104 6.78 -9.94 6.82
C SER A 104 7.21 -11.19 7.59
N HIS A 105 7.50 -11.05 8.88
CA HIS A 105 8.06 -12.11 9.68
C HIS A 105 7.02 -13.12 10.15
N PHE A 106 5.73 -12.86 9.94
CA PHE A 106 4.69 -13.84 10.21
C PHE A 106 4.39 -14.71 8.99
N LEU A 107 5.09 -14.49 7.88
CA LEU A 107 4.82 -15.22 6.65
C LEU A 107 5.40 -16.62 6.68
N GLU A 108 4.71 -17.55 6.02
CA GLU A 108 5.21 -18.88 5.72
C GLU A 108 5.05 -19.06 4.23
N GLY A 109 6.14 -18.89 3.48
CA GLY A 109 6.02 -18.84 2.03
C GLY A 109 5.34 -17.56 1.61
N GLU A 110 4.34 -17.67 0.76
CA GLU A 110 3.56 -16.52 0.29
C GLU A 110 2.39 -16.19 1.21
N VAL A 111 2.18 -16.94 2.29
CA VAL A 111 0.94 -16.90 3.05
C VAL A 111 1.21 -16.41 4.46
N LEU A 112 0.31 -15.57 4.97
CA LEU A 112 0.37 -15.14 6.36
C LEU A 112 0.02 -16.31 7.27
N SER A 113 0.92 -16.63 8.20
CA SER A 113 0.69 -17.74 9.12
C SER A 113 -0.11 -17.25 10.32
N ALA A 114 -1.32 -17.77 10.49
CA ALA A 114 -2.07 -17.51 11.71
C ALA A 114 -1.36 -18.08 12.93
N THR A 115 -0.61 -19.16 12.75
CA THR A 115 0.11 -19.76 13.87
C THR A 115 1.21 -18.83 14.38
N LYS A 116 2.02 -18.30 13.47
CA LYS A 116 3.09 -17.38 13.87
C LYS A 116 2.52 -16.11 14.50
N MET A 117 1.51 -15.52 13.83
CA MET A 117 0.90 -14.29 14.33
C MET A 117 0.30 -14.49 15.72
N LEU A 118 -0.49 -15.56 15.89
CA LEU A 118 -1.17 -15.79 17.16
C LEU A 118 -0.16 -16.03 18.28
N SER A 119 0.90 -16.78 18.00
CA SER A 119 1.88 -17.10 19.04
C SER A 119 2.46 -15.82 19.65
N LYS A 120 2.82 -14.86 18.79
CA LYS A 120 3.31 -13.59 19.33
C LYS A 120 2.17 -12.76 19.95
N PHE A 121 0.99 -12.80 19.33
CA PHE A 121 -0.19 -12.19 19.92
C PHE A 121 -0.41 -12.69 21.35
N ARG A 122 -0.32 -14.00 21.55
CA ARG A 122 -0.46 -14.59 22.87
C ARG A 122 0.67 -14.13 23.79
N LYS A 123 1.91 -14.14 23.28
CA LYS A 123 3.06 -13.79 24.11
C LYS A 123 2.95 -12.36 24.64
N ILE A 124 2.70 -11.40 23.76
CA ILE A 124 2.65 -10.01 24.18
C ILE A 124 1.59 -9.82 25.26
N ILE A 125 0.39 -10.40 25.05
CA ILE A 125 -0.70 -10.24 26.01
C ILE A 125 -0.26 -10.76 27.36
N LYS A 126 0.26 -12.01 27.40
CA LYS A 126 0.75 -12.60 28.64
C LYS A 126 1.67 -11.63 29.37
N GLU A 127 2.52 -10.92 28.63
CA GLU A 127 3.46 -10.00 29.27
C GLU A 127 2.75 -8.75 29.80
N GLU A 128 1.81 -8.20 29.02
CA GLU A 128 1.08 -7.03 29.49
C GLU A 128 0.08 -7.40 30.59
N VAL A 129 -0.47 -8.61 30.56
CA VAL A 129 -1.39 -9.07 31.59
C VAL A 129 -0.64 -9.32 32.88
N LYS A 130 0.63 -9.74 32.79
CA LYS A 130 1.44 -9.86 34.00
C LYS A 130 1.50 -8.53 34.76
N GLU A 131 1.56 -7.42 34.02
CA GLU A 131 1.76 -6.09 34.58
C GLU A 131 0.46 -5.37 34.90
N ILE A 132 -0.61 -6.07 35.23
CA ILE A 132 -1.82 -5.41 35.71
C ILE A 132 -2.09 -5.91 37.12
N LYS A 133 -1.99 -5.01 38.08
CA LYS A 133 -2.00 -5.35 39.49
C LYS A 133 -3.34 -5.09 40.16
N ASP A 134 -4.01 -3.98 39.80
CA ASP A 134 -5.32 -3.58 40.31
C ASP A 134 -6.23 -4.79 40.45
N ILE A 135 -6.08 -5.72 39.51
CA ILE A 135 -7.03 -6.80 39.29
C ILE A 135 -6.26 -8.08 38.94
N ASP A 136 -6.75 -9.21 39.44
CA ASP A 136 -6.12 -10.51 39.20
C ASP A 136 -6.52 -11.00 37.81
N VAL A 137 -5.63 -10.81 36.84
CA VAL A 137 -5.86 -11.26 35.48
C VAL A 137 -4.66 -12.09 35.04
N SER A 138 -4.94 -13.29 34.55
CA SER A 138 -3.96 -14.20 33.98
C SER A 138 -4.47 -14.63 32.62
N VAL A 139 -3.71 -15.49 31.96
CA VAL A 139 -4.08 -16.00 30.64
C VAL A 139 -4.12 -17.52 30.73
N GLU A 140 -5.25 -18.10 30.38
CA GLU A 140 -5.38 -19.55 30.32
C GLU A 140 -4.36 -20.15 29.37
N LYS A 141 -3.94 -21.37 29.66
CA LYS A 141 -3.03 -22.07 28.75
C LYS A 141 -3.73 -22.31 27.42
N GLU A 142 -2.96 -22.21 26.34
CA GLU A 142 -3.50 -22.36 25.00
C GLU A 142 -4.23 -23.70 24.87
N LYS A 143 -5.40 -23.66 24.25
CA LYS A 143 -6.20 -24.86 24.06
C LYS A 143 -5.98 -25.45 22.68
N PRO A 144 -5.94 -26.79 22.52
CA PRO A 144 -6.12 -27.36 21.20
C PRO A 144 -7.38 -26.90 20.50
N GLY A 145 -7.21 -26.60 19.21
CA GLY A 145 -8.31 -26.11 18.41
C GLY A 145 -8.43 -24.60 18.39
N SER A 146 -9.05 -24.03 19.41
CA SER A 146 -9.46 -22.63 19.36
C SER A 146 -8.23 -21.71 19.29
N PRO A 147 -8.28 -20.66 18.46
CA PRO A 147 -7.20 -19.68 18.44
C PRO A 147 -7.30 -18.61 19.52
N ALA A 148 -8.28 -18.72 20.40
CA ALA A 148 -8.57 -17.66 21.35
C ALA A 148 -7.45 -17.51 22.38
N VAL A 149 -7.11 -16.26 22.67
CA VAL A 149 -6.30 -15.92 23.85
C VAL A 149 -7.30 -15.53 24.93
N THR A 150 -7.53 -16.43 25.89
CA THR A 150 -8.62 -16.29 26.84
C THR A 150 -8.09 -15.85 28.19
N LEU A 151 -8.54 -14.69 28.66
CA LEU A 151 -8.13 -14.16 29.94
C LEU A 151 -8.90 -14.82 31.07
N LEU A 152 -8.24 -15.03 32.19
CA LEU A 152 -8.94 -15.55 33.38
C LEU A 152 -8.96 -14.42 34.40
N ILE A 153 -10.13 -13.80 34.58
CA ILE A 153 -10.26 -12.67 35.56
C ILE A 153 -10.77 -13.26 36.88
N ARG A 154 -9.98 -13.12 37.95
CA ARG A 154 -10.36 -13.77 39.23
C ARG A 154 -10.94 -12.78 40.24
N ASN A 155 -11.30 -11.57 39.80
CA ASN A 155 -12.01 -10.68 40.77
C ASN A 155 -12.98 -11.63 41.44
N PRO A 156 -12.89 -11.90 42.75
CA PRO A 156 -13.66 -12.95 43.38
C PRO A 156 -14.06 -14.05 42.38
N GLU A 157 -15.19 -13.91 41.71
CA GLU A 157 -15.68 -14.95 40.78
C GLU A 157 -14.78 -15.02 39.53
N GLU A 158 -14.45 -16.23 39.08
CA GLU A 158 -13.62 -16.38 37.87
C GLU A 158 -14.42 -16.02 36.63
N ILE A 159 -13.97 -15.03 35.85
CA ILE A 159 -14.63 -14.62 34.60
C ILE A 159 -13.69 -14.94 33.43
N SER A 160 -14.22 -15.53 32.35
CA SER A 160 -13.42 -15.89 31.18
C SER A 160 -13.70 -14.93 30.04
N VAL A 161 -12.64 -14.54 29.32
CA VAL A 161 -12.78 -13.62 28.18
C VAL A 161 -11.92 -14.15 27.03
N ASP A 162 -12.56 -14.65 25.97
CA ASP A 162 -11.84 -15.09 24.79
C ASP A 162 -11.52 -13.87 23.91
N ILE A 163 -10.24 -13.60 23.67
CA ILE A 163 -9.82 -12.53 22.79
C ILE A 163 -9.57 -13.14 21.42
N ILE A 164 -10.26 -12.61 20.41
CA ILE A 164 -10.15 -13.09 19.04
C ILE A 164 -9.41 -12.04 18.22
N LEU A 165 -8.33 -12.45 17.57
CA LEU A 165 -7.61 -11.57 16.66
C LEU A 165 -8.30 -11.57 15.30
N ALA A 166 -8.59 -10.39 14.78
CA ALA A 166 -9.20 -10.25 13.45
C ALA A 166 -8.39 -9.25 12.64
N LEU A 167 -8.04 -9.66 11.42
CA LEU A 167 -7.43 -8.73 10.48
C LEU A 167 -8.52 -7.86 9.87
N GLU A 168 -8.23 -6.57 9.75
CA GLU A 168 -9.13 -5.62 9.12
C GLU A 168 -8.57 -5.24 7.76
N SER A 169 -9.34 -5.48 6.70
CA SER A 169 -8.95 -5.09 5.35
C SER A 169 -9.95 -4.06 4.85
N LYS A 170 -9.42 -2.96 4.31
CA LYS A 170 -10.24 -1.89 3.75
C LYS A 170 -10.42 -2.03 2.24
N GLY A 171 -9.95 -3.12 1.65
CA GLY A 171 -10.17 -3.38 0.26
C GLY A 171 -11.61 -3.82 -0.01
N SER A 172 -11.88 -4.10 -1.27
CA SER A 172 -13.22 -4.51 -1.68
C SER A 172 -13.57 -5.86 -1.06
N TRP A 173 -14.86 -6.11 -0.92
CA TRP A 173 -15.33 -7.35 -0.33
C TRP A 173 -15.02 -8.52 -1.27
N PRO A 174 -14.74 -9.70 -0.72
CA PRO A 174 -14.40 -10.85 -1.56
C PRO A 174 -15.49 -11.16 -2.58
N ILE A 175 -15.05 -11.67 -3.73
CA ILE A 175 -15.92 -12.03 -4.84
C ILE A 175 -17.02 -12.97 -4.37
N SER A 176 -16.76 -13.74 -3.31
CA SER A 176 -17.76 -14.67 -2.78
C SER A 176 -18.95 -13.97 -2.13
N THR A 177 -18.85 -12.67 -1.84
CA THR A 177 -19.95 -11.91 -1.25
C THR A 177 -20.76 -11.13 -2.27
N LYS A 178 -20.41 -11.21 -3.56
CA LYS A 178 -20.99 -10.34 -4.57
C LYS A 178 -22.52 -10.36 -4.52
N GLU A 179 -23.11 -11.55 -4.50
CA GLU A 179 -24.55 -11.70 -4.45
C GLU A 179 -25.07 -11.90 -3.04
N GLY A 180 -24.22 -11.74 -2.02
CA GLY A 180 -24.66 -11.82 -0.64
C GLY A 180 -25.38 -10.56 -0.20
N LEU A 181 -25.66 -10.51 1.10
CA LEU A 181 -26.31 -9.40 1.76
C LEU A 181 -27.57 -8.83 0.93
N PRO A 182 -28.53 -9.82 0.76
CA PRO A 182 -29.64 -9.49 -0.17
C PRO A 182 -30.74 -8.66 0.49
N ILE A 183 -30.40 -7.42 0.87
CA ILE A 183 -31.29 -6.58 1.66
C ILE A 183 -32.05 -5.57 0.79
N GLN A 184 -32.02 -5.72 -0.54
CA GLN A 184 -32.49 -4.66 -1.42
C GLN A 184 -33.97 -4.32 -1.18
N GLY A 185 -34.80 -5.32 -0.94
CA GLY A 185 -36.20 -5.08 -0.69
C GLY A 185 -36.57 -4.79 0.75
N TRP A 186 -35.58 -4.74 1.64
CA TRP A 186 -35.83 -4.61 3.08
C TRP A 186 -35.14 -3.37 3.62
N LEU A 187 -33.80 -3.35 3.67
CA LEU A 187 -33.08 -2.15 4.09
C LEU A 187 -32.72 -1.25 2.93
N GLY A 188 -32.59 -1.78 1.72
CA GLY A 188 -32.53 -0.96 0.53
C GLY A 188 -31.15 -0.95 -0.10
N THR A 189 -31.10 -0.36 -1.30
CA THR A 189 -29.89 -0.34 -2.09
C THR A 189 -28.86 0.65 -1.57
N LYS A 190 -29.32 1.78 -1.01
CA LYS A 190 -28.38 2.74 -0.45
C LYS A 190 -27.68 2.17 0.77
N VAL A 191 -28.43 1.51 1.66
CA VAL A 191 -27.83 0.86 2.82
C VAL A 191 -26.84 -0.21 2.37
N ARG A 192 -27.26 -1.07 1.43
CA ARG A 192 -26.38 -2.14 0.96
C ARG A 192 -25.08 -1.58 0.40
N THR A 193 -25.17 -0.54 -0.43
CA THR A 193 -23.97 0.07 -0.99
C THR A 193 -23.05 0.59 0.12
N ASN A 194 -23.64 1.23 1.14
CA ASN A 194 -22.82 1.78 2.22
C ASN A 194 -22.16 0.68 3.05
N LEU A 195 -22.91 -0.38 3.37
CA LEU A 195 -22.35 -1.46 4.18
C LEU A 195 -21.20 -2.14 3.46
N ARG A 196 -21.34 -2.35 2.14
CA ARG A 196 -20.27 -3.00 1.38
C ARG A 196 -19.05 -2.10 1.18
N ARG A 197 -19.16 -0.80 1.51
CA ARG A 197 -18.00 0.08 1.51
C ARG A 197 -17.21 0.07 2.81
N GLU A 198 -17.75 -0.52 3.87
CA GLU A 198 -17.04 -0.64 5.13
C GLU A 198 -16.01 -1.76 5.03
N PRO A 199 -15.08 -1.86 5.99
CA PRO A 199 -14.09 -2.95 5.95
C PRO A 199 -14.75 -4.32 6.10
N PHE A 200 -13.93 -5.36 5.97
CA PHE A 200 -14.33 -6.69 6.39
C PHE A 200 -13.19 -7.29 7.19
N TYR A 201 -13.45 -8.46 7.82
CA TYR A 201 -12.52 -8.96 8.80
C TYR A 201 -12.20 -10.43 8.54
N LEU A 202 -11.00 -10.82 8.93
CA LEU A 202 -10.50 -12.18 8.78
C LEU A 202 -10.15 -12.74 10.14
N VAL A 203 -10.79 -13.83 10.51
CA VAL A 203 -10.59 -14.50 11.80
C VAL A 203 -9.84 -15.80 11.52
N PRO A 204 -8.79 -16.12 12.27
CA PRO A 204 -8.09 -17.39 12.03
C PRO A 204 -8.96 -18.56 12.44
N LYS A 205 -8.99 -19.58 11.58
CA LYS A 205 -9.80 -20.76 11.85
C LYS A 205 -9.27 -21.91 11.00
N ASN A 206 -8.89 -23.00 11.65
CA ASN A 206 -8.45 -24.17 10.91
C ASN A 206 -9.64 -24.87 10.27
N ALA A 207 -9.37 -25.52 9.14
CA ALA A 207 -10.33 -26.40 8.49
C ALA A 207 -10.04 -27.84 8.87
N LYS A 208 -11.08 -28.67 8.82
CA LYS A 208 -10.95 -30.07 9.22
C LYS A 208 -10.73 -30.94 7.99
N ASP A 209 -9.51 -30.85 7.43
CA ASP A 209 -9.27 -31.43 6.12
C ASP A 209 -7.84 -31.89 5.85
N GLY A 210 -6.99 -31.99 6.85
CA GLY A 210 -5.64 -32.50 6.66
C GLY A 210 -4.58 -31.47 7.06
N ASN A 211 -3.32 -31.90 6.90
CA ASN A 211 -2.20 -31.13 7.43
C ASN A 211 -1.95 -29.85 6.63
N SER A 212 -2.17 -29.88 5.31
CA SER A 212 -1.78 -28.78 4.46
C SER A 212 -2.56 -27.50 4.80
N PHE A 213 -1.82 -26.40 4.93
CA PHE A 213 -2.32 -25.06 5.21
C PHE A 213 -2.97 -24.93 6.58
N GLN A 214 -2.86 -25.96 7.43
CA GLN A 214 -3.34 -25.87 8.80
C GLN A 214 -2.57 -24.78 9.54
N GLY A 215 -3.29 -23.94 10.28
CA GLY A 215 -2.68 -22.78 10.89
C GLY A 215 -2.42 -21.64 9.94
N GLU A 216 -2.84 -21.76 8.68
CA GLU A 216 -2.65 -20.72 7.67
C GLU A 216 -3.96 -20.30 7.03
N THR A 217 -5.10 -20.74 7.56
CA THR A 217 -6.40 -20.51 6.98
C THR A 217 -7.18 -19.49 7.81
N TRP A 218 -7.98 -18.67 7.12
CA TRP A 218 -8.78 -17.62 7.75
C TRP A 218 -10.20 -17.68 7.19
N ARG A 219 -11.16 -17.27 8.01
CA ARG A 219 -12.54 -17.15 7.57
C ARG A 219 -12.99 -15.70 7.68
N LEU A 220 -13.99 -15.35 6.89
CA LEU A 220 -14.50 -13.99 6.87
C LEU A 220 -15.41 -13.74 8.06
N SER A 221 -15.38 -12.51 8.57
CA SER A 221 -16.25 -12.07 9.64
C SER A 221 -16.87 -10.73 9.27
N PHE A 222 -18.20 -10.66 9.44
CA PHE A 222 -18.95 -9.43 9.20
C PHE A 222 -19.68 -9.00 10.47
N SER A 223 -19.08 -9.26 11.63
CA SER A 223 -19.73 -9.00 12.90
C SER A 223 -20.13 -7.54 13.03
N HIS A 224 -19.32 -6.63 12.49
CA HIS A 224 -19.68 -5.21 12.50
C HIS A 224 -20.94 -4.95 11.67
N THR A 225 -21.03 -5.59 10.50
CA THR A 225 -22.23 -5.47 9.68
C THR A 225 -23.43 -6.11 10.36
N GLU A 226 -23.23 -7.27 10.99
CA GLU A 226 -24.33 -7.97 11.63
C GLU A 226 -24.88 -7.17 12.80
N LYS A 227 -24.01 -6.48 13.54
CA LYS A 227 -24.48 -5.60 14.60
C LYS A 227 -25.33 -4.46 14.03
N TYR A 228 -24.84 -3.83 12.95
CA TYR A 228 -25.62 -2.74 12.35
C TYR A 228 -27.02 -3.23 11.94
N ILE A 229 -27.07 -4.37 11.25
CA ILE A 229 -28.35 -4.89 10.77
C ILE A 229 -29.28 -5.16 11.94
N LEU A 230 -28.75 -5.80 13.00
CA LEU A 230 -29.56 -6.09 14.17
C LEU A 230 -30.11 -4.82 14.81
N ASN A 231 -29.35 -3.73 14.76
CA ASN A 231 -29.75 -2.48 15.38
C ASN A 231 -30.43 -1.51 14.42
N ASN A 232 -30.50 -1.85 13.13
CA ASN A 232 -31.20 -1.06 12.11
C ASN A 232 -32.02 -2.01 11.23
N HIS A 233 -32.94 -2.72 11.85
CA HIS A 233 -33.55 -3.90 11.26
C HIS A 233 -34.86 -3.63 10.52
N GLY A 234 -35.34 -2.39 10.50
CA GLY A 234 -36.69 -2.08 10.09
C GLY A 234 -36.78 -1.46 8.71
N ILE A 235 -37.92 -1.69 8.04
CA ILE A 235 -38.19 -1.03 6.78
C ILE A 235 -38.37 0.47 6.99
N GLU A 236 -39.01 0.85 8.09
CA GLU A 236 -39.12 2.25 8.47
C GLU A 236 -37.94 2.64 9.34
N LYS A 237 -37.45 3.86 9.16
CA LYS A 237 -36.27 4.28 9.89
C LYS A 237 -36.55 4.45 11.38
N THR A 238 -37.83 4.58 11.77
CA THR A 238 -38.21 4.77 13.16
C THR A 238 -38.57 3.47 13.86
N CYS A 239 -38.46 2.33 13.18
CA CYS A 239 -38.76 1.05 13.79
C CYS A 239 -38.05 0.91 15.13
N CYS A 240 -38.84 0.63 16.18
CA CYS A 240 -38.35 0.45 17.55
C CYS A 240 -37.73 1.72 18.13
N GLU A 241 -37.97 2.88 17.53
CA GLU A 241 -37.50 4.15 18.07
C GLU A 241 -38.61 4.79 18.90
N SER A 242 -38.28 5.91 19.55
CA SER A 242 -39.21 6.53 20.49
C SER A 242 -40.39 7.19 19.77
N SER A 243 -40.18 7.71 18.57
CA SER A 243 -41.26 8.22 17.73
C SER A 243 -41.67 7.23 16.66
N GLY A 244 -41.49 5.94 16.92
CA GLY A 244 -41.87 4.91 15.97
C GLY A 244 -42.66 3.80 16.61
N ALA A 245 -42.74 2.66 15.94
CA ALA A 245 -43.40 1.48 16.47
C ALA A 245 -42.37 0.38 16.68
N LYS A 246 -42.57 -0.43 17.71
CA LYS A 246 -41.68 -1.55 17.95
C LYS A 246 -42.17 -2.77 17.19
N CYS A 247 -41.21 -3.62 16.82
CA CYS A 247 -41.47 -4.92 16.21
C CYS A 247 -41.00 -6.00 17.18
N CYS A 248 -41.18 -7.26 16.77
CA CYS A 248 -40.74 -8.40 17.56
C CYS A 248 -39.59 -9.15 16.88
N ARG A 249 -38.82 -8.45 16.04
CA ARG A 249 -37.72 -9.10 15.32
C ARG A 249 -36.64 -9.60 16.28
N LYS A 250 -36.15 -8.71 17.13
CA LYS A 250 -35.12 -9.11 18.11
C LYS A 250 -35.69 -10.15 19.08
N GLU A 251 -36.93 -9.95 19.52
CA GLU A 251 -37.54 -10.89 20.45
C GLU A 251 -37.60 -12.30 19.85
N CYS A 252 -37.91 -12.40 18.55
CA CYS A 252 -37.90 -13.70 17.89
C CYS A 252 -36.50 -14.30 17.87
N LEU A 253 -35.49 -13.48 17.53
CA LEU A 253 -34.11 -13.96 17.56
C LEU A 253 -33.74 -14.49 18.95
N LYS A 254 -34.11 -13.76 19.99
CA LYS A 254 -33.77 -14.15 21.35
C LYS A 254 -34.42 -15.48 21.72
N LEU A 255 -35.73 -15.61 21.47
CA LEU A 255 -36.44 -16.85 21.77
C LEU A 255 -35.81 -18.03 21.06
N MET A 256 -35.35 -17.81 19.82
CA MET A 256 -34.79 -18.90 19.01
C MET A 256 -33.41 -19.31 19.50
N LYS A 257 -32.56 -18.32 19.75
CA LYS A 257 -31.28 -18.56 20.41
C LYS A 257 -31.47 -19.32 21.71
N TYR A 258 -32.42 -18.89 22.55
CA TYR A 258 -32.62 -19.51 23.84
C TYR A 258 -33.16 -20.93 23.69
N LEU A 259 -34.01 -21.17 22.70
CA LEU A 259 -34.49 -22.52 22.45
C LEU A 259 -33.34 -23.45 22.09
N LEU A 260 -32.46 -22.99 21.20
CA LEU A 260 -31.31 -23.81 20.81
C LEU A 260 -30.36 -24.03 21.98
N GLU A 261 -30.09 -22.99 22.77
CA GLU A 261 -29.15 -23.11 23.87
C GLU A 261 -29.61 -24.14 24.89
N GLN A 262 -30.91 -24.08 25.25
CA GLN A 262 -31.41 -25.02 26.26
C GLN A 262 -31.56 -26.43 25.70
N LEU A 263 -31.77 -26.54 24.37
CA LEU A 263 -31.70 -27.85 23.75
C LEU A 263 -30.26 -28.39 23.72
N LYS A 264 -29.29 -27.50 23.49
CA LYS A 264 -27.90 -27.92 23.33
C LYS A 264 -27.33 -28.40 24.66
N LYS A 265 -27.70 -27.75 25.76
CA LYS A 265 -27.19 -28.16 27.07
C LYS A 265 -27.77 -29.50 27.53
N GLU A 266 -28.72 -30.07 26.81
CA GLU A 266 -29.30 -31.36 27.16
C GLU A 266 -28.94 -32.46 26.19
N PHE A 267 -28.38 -32.14 25.03
CA PHE A 267 -28.12 -33.14 24.00
C PHE A 267 -26.79 -32.83 23.33
N GLN A 268 -25.78 -33.66 23.61
CA GLN A 268 -24.52 -33.56 22.88
C GLN A 268 -24.73 -33.73 21.38
N GLU A 269 -25.83 -34.38 20.98
CA GLU A 269 -26.14 -34.53 19.56
C GLU A 269 -26.20 -33.20 18.83
N LEU A 270 -26.45 -32.11 19.54
CA LEU A 270 -26.63 -30.80 18.93
C LEU A 270 -25.34 -29.98 18.89
N ASP A 271 -24.19 -30.62 19.10
CA ASP A 271 -22.92 -29.88 19.21
C ASP A 271 -22.61 -29.10 17.94
N ALA A 272 -22.97 -29.63 16.76
CA ALA A 272 -22.62 -28.96 15.52
C ALA A 272 -23.44 -27.70 15.27
N PHE A 273 -24.49 -27.47 16.03
CA PHE A 273 -25.36 -26.31 15.86
C PHE A 273 -24.94 -25.21 16.83
N CYS A 274 -24.98 -23.97 16.37
CA CYS A 274 -24.62 -22.83 17.19
C CYS A 274 -25.51 -21.65 16.84
N SER A 275 -25.44 -20.62 17.68
CA SER A 275 -26.32 -19.46 17.55
C SER A 275 -26.18 -18.75 16.21
N TYR A 276 -25.04 -18.91 15.52
CA TYR A 276 -24.89 -18.26 14.22
C TYR A 276 -25.83 -18.85 13.18
N HIS A 277 -26.14 -20.15 13.28
CA HIS A 277 -27.15 -20.72 12.40
C HIS A 277 -28.50 -20.06 12.62
N VAL A 278 -28.81 -19.71 13.87
CA VAL A 278 -30.07 -19.05 14.19
C VAL A 278 -30.10 -17.64 13.59
N LYS A 279 -29.01 -16.89 13.79
CA LYS A 279 -28.96 -15.53 13.24
C LYS A 279 -29.05 -15.54 11.73
N THR A 280 -28.34 -16.47 11.09
CA THR A 280 -28.41 -16.60 9.63
C THR A 280 -29.84 -16.88 9.17
N ALA A 281 -30.51 -17.83 9.83
CA ALA A 281 -31.88 -18.15 9.45
C ALA A 281 -32.80 -16.96 9.57
N ILE A 282 -32.67 -16.18 10.66
CA ILE A 282 -33.58 -15.06 10.83
C ILE A 282 -33.21 -13.89 9.92
N PHE A 283 -31.94 -13.78 9.51
CA PHE A 283 -31.59 -12.81 8.48
C PHE A 283 -32.38 -13.09 7.20
N HIS A 284 -32.50 -14.37 6.84
CA HIS A 284 -33.28 -14.72 5.65
C HIS A 284 -34.77 -14.45 5.85
N MET A 285 -35.30 -14.75 7.03
CA MET A 285 -36.70 -14.45 7.31
C MET A 285 -36.98 -12.96 7.23
N TRP A 286 -36.02 -12.13 7.67
CA TRP A 286 -36.20 -10.68 7.58
C TRP A 286 -36.17 -10.19 6.15
N THR A 287 -35.43 -10.90 5.28
CA THR A 287 -35.45 -10.58 3.86
C THR A 287 -36.74 -11.05 3.18
N GLN A 288 -37.23 -12.22 3.57
CA GLN A 288 -38.42 -12.78 2.95
C GLN A 288 -39.69 -12.05 3.39
N ASP A 289 -39.76 -11.63 4.65
CA ASP A 289 -40.90 -10.91 5.21
C ASP A 289 -40.42 -9.53 5.68
N PRO A 290 -40.23 -8.59 4.76
CA PRO A 290 -39.52 -7.34 5.11
C PRO A 290 -40.36 -6.26 5.78
N GLN A 291 -41.70 -6.34 5.74
CA GLN A 291 -42.51 -5.28 6.32
C GLN A 291 -42.48 -5.33 7.84
N ASP A 292 -42.39 -4.16 8.48
CA ASP A 292 -42.45 -4.08 9.94
C ASP A 292 -43.74 -4.71 10.46
N SER A 293 -44.85 -4.53 9.74
CA SER A 293 -46.12 -5.11 10.13
C SER A 293 -46.13 -6.63 10.05
N GLN A 294 -45.15 -7.24 9.39
CA GLN A 294 -44.99 -8.68 9.43
C GLN A 294 -44.24 -9.15 10.67
N TRP A 295 -43.82 -8.22 11.53
CA TRP A 295 -43.18 -8.53 12.80
C TRP A 295 -43.82 -7.70 13.91
N ASP A 296 -45.14 -7.63 13.88
CA ASP A 296 -45.90 -6.87 14.87
C ASP A 296 -45.78 -7.55 16.23
N PRO A 297 -45.52 -6.80 17.32
CA PRO A 297 -45.35 -7.44 18.63
C PRO A 297 -46.59 -8.19 19.11
N ARG A 298 -47.77 -7.80 18.66
CA ARG A 298 -48.97 -8.50 19.07
C ARG A 298 -49.07 -9.89 18.43
N ASN A 299 -48.22 -10.20 17.45
CA ASN A 299 -48.22 -11.49 16.79
C ASN A 299 -46.97 -12.31 17.12
N LEU A 300 -46.41 -12.07 18.32
CA LEU A 300 -45.14 -12.72 18.69
C LEU A 300 -45.13 -14.23 18.43
N SER A 301 -46.16 -14.93 18.92
CA SER A 301 -46.15 -16.39 18.81
C SER A 301 -46.31 -16.86 17.37
N SER A 302 -47.06 -16.11 16.55
CA SER A 302 -47.13 -16.44 15.13
C SER A 302 -45.80 -16.17 14.45
N CYS A 303 -45.12 -15.08 14.83
CA CYS A 303 -43.84 -14.76 14.21
C CYS A 303 -42.77 -15.76 14.64
N PHE A 304 -42.74 -16.09 15.94
CA PHE A 304 -41.85 -17.14 16.41
C PHE A 304 -42.11 -18.45 15.66
N ASP A 305 -43.39 -18.79 15.44
CA ASP A 305 -43.68 -20.10 14.85
C ASP A 305 -43.25 -20.15 13.39
N LYS A 306 -43.38 -19.03 12.66
CA LYS A 306 -42.97 -19.08 11.27
C LYS A 306 -41.44 -19.10 11.17
N LEU A 307 -40.76 -18.48 12.14
CA LEU A 307 -39.31 -18.62 12.21
C LEU A 307 -38.94 -20.07 12.45
N LEU A 308 -39.71 -20.76 13.31
CA LEU A 308 -39.45 -22.17 13.57
C LEU A 308 -39.69 -23.00 12.32
N ALA A 309 -40.81 -22.72 11.63
CA ALA A 309 -41.12 -23.50 10.43
C ALA A 309 -40.08 -23.27 9.35
N PHE A 310 -39.50 -22.05 9.32
CA PHE A 310 -38.45 -21.79 8.33
C PHE A 310 -37.19 -22.55 8.68
N PHE A 311 -36.80 -22.51 9.97
CA PHE A 311 -35.62 -23.26 10.40
C PHE A 311 -35.80 -24.75 10.13
N LEU A 312 -36.98 -25.27 10.44
CA LEU A 312 -37.29 -26.67 10.17
C LEU A 312 -37.10 -27.01 8.69
N GLU A 313 -37.52 -26.09 7.81
CA GLU A 313 -37.38 -26.35 6.38
C GLU A 313 -35.92 -26.25 5.95
N CYS A 314 -35.12 -25.42 6.63
CA CYS A 314 -33.69 -25.39 6.35
C CYS A 314 -33.04 -26.71 6.76
N LEU A 315 -33.51 -27.29 7.88
CA LEU A 315 -32.95 -28.57 8.31
C LEU A 315 -33.37 -29.68 7.34
N ARG A 316 -34.64 -29.66 6.91
CA ARG A 316 -35.13 -30.77 6.10
C ARG A 316 -34.45 -30.80 4.74
N THR A 317 -34.24 -29.63 4.15
CA THR A 317 -33.56 -29.53 2.86
C THR A 317 -32.05 -29.37 3.01
N GLU A 318 -31.53 -29.43 4.24
CA GLU A 318 -30.11 -29.30 4.52
C GLU A 318 -29.48 -28.16 3.72
N LYS A 319 -30.11 -26.99 3.82
CA LYS A 319 -29.61 -25.80 3.15
C LYS A 319 -29.86 -24.60 4.03
N LEU A 320 -28.77 -23.90 4.36
CA LEU A 320 -28.82 -22.63 5.07
C LEU A 320 -27.66 -21.79 4.54
N ASP A 321 -27.94 -21.01 3.51
CA ASP A 321 -26.89 -20.20 2.90
C ASP A 321 -26.41 -19.14 3.87
N HIS A 322 -25.09 -19.02 4.00
CA HIS A 322 -24.51 -17.88 4.69
C HIS A 322 -25.07 -16.59 4.11
N TYR A 323 -25.50 -15.68 4.99
CA TYR A 323 -26.19 -14.49 4.53
C TYR A 323 -25.29 -13.61 3.67
N PHE A 324 -23.98 -13.67 3.89
CA PHE A 324 -23.03 -12.84 3.15
C PHE A 324 -22.34 -13.59 2.02
N ILE A 325 -22.29 -14.91 2.09
CA ILE A 325 -21.56 -15.74 1.13
C ILE A 325 -22.49 -16.83 0.61
N PRO A 326 -23.30 -16.56 -0.41
CA PRO A 326 -24.41 -17.47 -0.75
C PRO A 326 -23.98 -18.89 -1.13
N LYS A 327 -22.74 -19.11 -1.57
CA LYS A 327 -22.31 -20.46 -1.92
C LYS A 327 -21.96 -21.31 -0.71
N PHE A 328 -21.83 -20.67 0.46
CA PHE A 328 -21.35 -21.31 1.68
C PHE A 328 -22.57 -21.85 2.44
N ASN A 329 -22.83 -23.15 2.29
CA ASN A 329 -23.98 -23.79 2.91
C ASN A 329 -23.59 -24.27 4.31
N LEU A 330 -24.09 -23.57 5.33
CA LEU A 330 -23.81 -23.94 6.71
C LEU A 330 -24.44 -25.27 7.09
N PHE A 331 -25.46 -25.73 6.36
CA PHE A 331 -26.14 -26.98 6.66
C PHE A 331 -25.77 -28.10 5.68
N SER A 332 -24.59 -28.01 5.08
CA SER A 332 -24.12 -29.07 4.20
C SER A 332 -23.71 -30.29 5.01
N GLN A 333 -23.76 -31.47 4.38
CA GLN A 333 -23.44 -32.70 5.10
C GLN A 333 -21.97 -32.76 5.48
N GLU A 334 -21.08 -32.08 4.74
CA GLU A 334 -19.68 -32.04 5.14
C GLU A 334 -19.51 -31.43 6.52
N LEU A 335 -20.39 -30.51 6.89
CA LEU A 335 -20.26 -29.79 8.16
C LEU A 335 -21.16 -30.35 9.26
N ILE A 336 -22.35 -30.84 8.92
CA ILE A 336 -23.27 -31.40 9.91
C ILE A 336 -23.88 -32.67 9.33
N ASP A 337 -23.71 -33.78 10.02
CA ASP A 337 -24.32 -35.03 9.60
C ASP A 337 -25.83 -34.87 9.47
N ARG A 338 -26.41 -35.58 8.49
CA ARG A 338 -27.84 -35.51 8.27
C ARG A 338 -28.62 -35.93 9.52
N LYS A 339 -28.03 -36.82 10.32
CA LYS A 339 -28.69 -37.37 11.49
C LYS A 339 -28.76 -36.37 12.62
N SER A 340 -27.84 -35.41 12.66
CA SER A 340 -27.93 -34.33 13.65
C SER A 340 -29.05 -33.36 13.30
N LYS A 341 -29.28 -33.12 12.01
CA LYS A 341 -30.39 -32.26 11.61
C LYS A 341 -31.72 -32.91 11.93
N GLU A 342 -31.86 -34.20 11.57
CA GLU A 342 -33.10 -34.91 11.89
C GLU A 342 -33.36 -34.95 13.39
N PHE A 343 -32.30 -35.15 14.19
CA PHE A 343 -32.45 -35.12 15.64
C PHE A 343 -32.94 -33.76 16.11
N LEU A 344 -32.30 -32.68 15.63
CA LEU A 344 -32.72 -31.34 16.04
C LEU A 344 -34.14 -31.06 15.56
N SER A 345 -34.50 -31.51 14.37
CA SER A 345 -35.85 -31.31 13.86
C SER A 345 -36.88 -31.95 14.77
N LYS A 346 -36.64 -33.20 15.18
CA LYS A 346 -37.58 -33.87 16.06
C LYS A 346 -37.64 -33.21 17.43
N LYS A 347 -36.51 -32.65 17.89
CA LYS A 347 -36.52 -31.93 19.16
C LYS A 347 -37.34 -30.64 19.08
N ILE A 348 -37.25 -29.95 17.94
CA ILE A 348 -37.98 -28.70 17.78
C ILE A 348 -39.47 -28.97 17.61
N GLU A 349 -39.83 -29.92 16.75
CA GLU A 349 -41.23 -30.26 16.58
C GLU A 349 -41.85 -30.71 17.88
N TYR A 350 -41.09 -31.43 18.72
CA TYR A 350 -41.61 -31.81 20.03
C TYR A 350 -41.88 -30.58 20.89
N GLU A 351 -40.89 -29.67 20.97
CA GLU A 351 -41.09 -28.44 21.73
C GLU A 351 -42.25 -27.63 21.19
N ARG A 352 -42.36 -27.56 19.86
CA ARG A 352 -43.35 -26.74 19.20
C ARG A 352 -44.75 -27.23 19.49
N ASN A 353 -44.96 -28.54 19.48
CA ASN A 353 -46.29 -29.12 19.66
C ASN A 353 -46.64 -29.37 21.11
N ASN A 354 -45.77 -28.97 22.06
CA ASN A 354 -46.06 -29.21 23.48
C ASN A 354 -45.90 -27.96 24.34
N GLY A 355 -45.97 -26.76 23.76
CA GLY A 355 -45.89 -25.54 24.55
C GLY A 355 -44.50 -25.19 25.03
N PHE A 356 -43.47 -25.79 24.44
CA PHE A 356 -42.07 -25.55 24.77
C PHE A 356 -41.78 -25.88 26.23
N PRO A 357 -41.80 -27.16 26.60
CA PRO A 357 -41.44 -27.54 27.99
C PRO A 357 -40.04 -27.10 28.36
N ILE A 358 -39.10 -27.20 27.43
CA ILE A 358 -37.72 -26.77 27.62
C ILE A 358 -37.61 -25.37 28.22
N PHE A 359 -38.64 -24.53 28.04
CA PHE A 359 -38.58 -23.15 28.49
C PHE A 359 -38.93 -23.00 29.97
N ASP A 360 -39.31 -24.08 30.65
CA ASP A 360 -39.78 -24.04 32.02
C ASP A 360 -38.68 -24.31 33.04
N LYS A 361 -37.49 -24.69 32.60
CA LYS A 361 -36.38 -24.93 33.53
C LYS A 361 -35.62 -23.64 33.79
N PRO B 2 -20.52 5.73 -23.32
CA PRO B 2 -19.20 5.13 -23.53
C PRO B 2 -19.00 3.87 -22.68
N ASP B 3 -18.18 2.93 -23.15
CA ASP B 3 -17.84 1.78 -22.35
C ASP B 3 -16.64 2.13 -21.47
N LYS B 4 -16.10 1.14 -20.75
CA LYS B 4 -15.10 1.44 -19.73
C LYS B 4 -13.78 1.90 -20.34
N LEU B 5 -13.40 1.33 -21.49
CA LEU B 5 -12.09 1.61 -22.07
C LEU B 5 -11.93 3.11 -22.38
N LYS B 6 -12.95 3.73 -22.96
CA LYS B 6 -12.84 5.16 -23.24
C LYS B 6 -12.82 5.99 -21.96
N LYS B 7 -13.55 5.57 -20.93
CA LYS B 7 -13.47 6.25 -19.64
C LYS B 7 -12.05 6.22 -19.09
N VAL B 8 -11.36 5.09 -19.27
CA VAL B 8 -9.95 5.01 -18.88
C VAL B 8 -9.14 6.03 -19.68
N LEU B 9 -9.38 6.08 -20.99
CA LEU B 9 -8.58 6.96 -21.86
C LEU B 9 -8.74 8.43 -21.46
N ASP B 10 -9.96 8.85 -21.13
CA ASP B 10 -10.16 10.26 -20.77
C ASP B 10 -9.50 10.60 -19.44
N LYS B 11 -9.64 9.71 -18.44
CA LYS B 11 -8.97 9.98 -17.17
C LYS B 11 -7.45 10.02 -17.32
N LEU B 12 -6.93 9.22 -18.27
CA LEU B 12 -5.50 9.30 -18.57
C LEU B 12 -5.13 10.65 -19.18
N ARG B 13 -6.04 11.21 -19.99
CA ARG B 13 -5.81 12.55 -20.52
C ARG B 13 -5.71 13.58 -19.40
N LEU B 14 -6.52 13.41 -18.35
CA LEU B 14 -6.51 14.38 -17.26
C LEU B 14 -5.16 14.38 -16.54
N LYS B 15 -4.61 13.19 -16.30
CA LYS B 15 -3.26 13.14 -15.74
C LYS B 15 -2.18 13.65 -16.70
N ARG B 16 -2.50 13.73 -18.00
CA ARG B 16 -1.51 14.26 -18.95
C ARG B 16 -1.18 15.73 -18.67
N LYS B 17 -2.17 16.52 -18.24
CA LYS B 17 -1.90 17.92 -17.91
C LYS B 17 -1.03 18.05 -16.66
N ASP B 18 -1.34 17.26 -15.62
CA ASP B 18 -0.53 17.30 -14.40
C ASP B 18 0.92 16.95 -14.68
N ILE B 19 1.16 16.08 -15.66
CA ILE B 19 2.54 15.74 -16.02
C ILE B 19 3.16 16.85 -16.85
N SER B 20 2.36 17.46 -17.73
CA SER B 20 2.85 18.49 -18.63
C SER B 20 3.62 19.60 -17.91
N GLU B 21 3.14 19.97 -16.72
CA GLU B 21 3.82 21.09 -16.05
C GLU B 21 5.05 20.66 -15.23
N ALA B 22 4.98 19.47 -14.63
CA ALA B 22 6.19 18.87 -14.08
C ALA B 22 7.27 18.72 -15.15
N ALA B 23 6.83 18.49 -16.39
CA ALA B 23 7.78 18.32 -17.49
C ALA B 23 8.51 19.62 -17.79
N GLU B 24 7.80 20.75 -17.71
CA GLU B 24 8.49 22.01 -18.04
C GLU B 24 9.49 22.44 -16.97
N THR B 25 9.25 22.05 -15.71
CA THR B 25 10.32 22.23 -14.71
C THR B 25 11.56 21.43 -15.10
N VAL B 26 11.36 20.16 -15.48
CA VAL B 26 12.47 19.32 -15.91
C VAL B 26 13.16 19.92 -17.14
N ASN B 27 12.38 20.37 -18.11
CA ASN B 27 12.94 20.93 -19.34
C ASN B 27 13.78 22.17 -19.05
N LYS B 28 13.36 22.97 -18.06
CA LYS B 28 14.15 24.15 -17.70
C LYS B 28 15.48 23.74 -17.06
N VAL B 29 15.44 22.74 -16.17
CA VAL B 29 16.66 22.30 -15.51
C VAL B 29 17.60 21.63 -16.52
N VAL B 30 17.06 20.70 -17.30
CA VAL B 30 17.86 19.96 -18.25
C VAL B 30 18.57 20.92 -19.21
N GLU B 31 17.81 21.79 -19.89
CA GLU B 31 18.44 22.65 -20.89
C GLU B 31 19.49 23.58 -20.28
N ARG B 32 19.33 23.93 -18.99
CA ARG B 32 20.41 24.67 -18.33
C ARG B 32 21.67 23.81 -18.15
N LEU B 33 21.49 22.56 -17.70
CA LEU B 33 22.64 21.69 -17.50
C LEU B 33 23.41 21.47 -18.80
N LEU B 34 22.68 21.20 -19.89
CA LEU B 34 23.35 21.00 -21.17
C LEU B 34 24.17 22.22 -21.56
N ARG B 35 23.54 23.41 -21.52
CA ARG B 35 24.27 24.61 -21.94
C ARG B 35 25.49 24.87 -21.07
N ARG B 36 25.45 24.46 -19.80
CA ARG B 36 26.66 24.47 -18.99
C ARG B 36 27.65 23.43 -19.47
N MET B 37 27.18 22.21 -19.72
CA MET B 37 28.06 21.15 -20.20
C MET B 37 28.57 21.45 -21.61
N GLN B 38 27.80 22.19 -22.41
CA GLN B 38 28.25 22.59 -23.72
C GLN B 38 29.23 23.74 -23.69
N LYS B 39 29.42 24.38 -22.55
CA LYS B 39 30.44 25.41 -22.39
C LYS B 39 31.76 24.83 -21.90
N ARG B 40 31.71 23.90 -20.96
CA ARG B 40 32.90 23.43 -20.29
C ARG B 40 33.68 22.47 -21.17
N GLU B 41 35.00 22.67 -21.24
CA GLU B 41 35.86 21.83 -22.05
C GLU B 41 35.94 20.44 -21.44
N SER B 42 35.42 19.44 -22.16
CA SER B 42 35.42 18.07 -21.66
C SER B 42 35.17 17.13 -22.83
N GLU B 43 35.28 15.84 -22.55
CA GLU B 43 34.89 14.82 -23.51
C GLU B 43 33.42 14.94 -23.89
N PHE B 44 32.62 15.57 -23.03
CA PHE B 44 31.17 15.65 -23.20
C PHE B 44 30.71 17.05 -23.60
N LYS B 45 31.55 17.85 -24.24
CA LYS B 45 31.07 19.18 -24.57
C LYS B 45 30.11 19.15 -25.74
N GLY B 46 30.22 18.15 -26.60
CA GLY B 46 29.30 18.03 -27.71
C GLY B 46 27.95 17.43 -27.40
N VAL B 47 27.63 17.16 -26.13
CA VAL B 47 26.39 16.47 -25.82
C VAL B 47 25.20 17.35 -26.14
N GLU B 48 24.14 16.73 -26.62
CA GLU B 48 22.86 17.38 -26.80
C GLU B 48 21.77 16.41 -26.35
N GLN B 49 20.58 16.94 -26.15
CA GLN B 49 19.46 16.11 -25.72
C GLN B 49 18.86 15.41 -26.93
N LEU B 50 18.80 14.09 -26.88
CA LEU B 50 17.96 13.33 -27.79
C LEU B 50 16.54 13.40 -27.25
N ASN B 51 15.65 14.08 -27.96
CA ASN B 51 14.27 14.25 -27.53
C ASN B 51 13.43 13.12 -28.11
N THR B 52 13.07 12.16 -27.27
CA THR B 52 12.33 10.97 -27.67
C THR B 52 10.85 11.05 -27.35
N GLY B 53 10.31 12.27 -27.19
CA GLY B 53 8.92 12.44 -26.85
C GLY B 53 8.65 12.19 -25.39
N SER B 54 7.84 13.03 -24.76
CA SER B 54 7.61 12.98 -23.31
C SER B 54 6.20 12.56 -22.94
N TYR B 55 5.36 12.19 -23.91
CA TYR B 55 3.98 11.84 -23.60
C TYR B 55 3.86 10.36 -23.26
N TYR B 56 2.75 10.04 -22.58
CA TYR B 56 2.55 8.73 -21.97
C TYR B 56 2.78 7.58 -22.95
N GLU B 57 2.54 7.79 -24.24
CA GLU B 57 2.74 6.73 -25.21
C GLU B 57 4.22 6.47 -25.48
N HIS B 58 5.08 7.43 -25.20
CA HIS B 58 6.52 7.31 -25.42
C HIS B 58 7.29 6.88 -24.18
N VAL B 59 6.87 7.29 -23.01
CA VAL B 59 7.71 7.20 -21.81
C VAL B 59 7.54 5.85 -21.15
N LYS B 60 8.58 5.42 -20.45
CA LYS B 60 8.54 4.17 -19.71
C LYS B 60 7.52 4.27 -18.57
N ILE B 61 7.08 3.11 -18.09
CA ILE B 61 6.11 3.05 -16.99
C ILE B 61 6.69 3.75 -15.75
N ALA B 63 6.27 6.75 -12.06
CA ALA B 63 5.45 7.67 -11.31
C ALA B 63 5.35 9.02 -12.04
N PRO B 64 4.23 9.72 -11.85
CA PRO B 64 4.06 11.03 -12.50
C PRO B 64 5.17 12.01 -12.21
N ASN B 65 5.92 11.79 -11.13
CA ASN B 65 7.04 12.63 -10.72
C ASN B 65 8.38 12.08 -11.17
N GLU B 66 8.38 11.18 -12.15
CA GLU B 66 9.60 10.54 -12.64
C GLU B 66 9.70 10.74 -14.14
N PHE B 67 10.88 11.15 -14.61
CA PHE B 67 11.12 11.39 -16.02
C PHE B 67 12.43 10.75 -16.44
N ASP B 68 12.63 10.68 -17.76
CA ASP B 68 13.86 10.17 -18.35
C ASP B 68 14.34 11.17 -19.40
N VAL B 69 15.66 11.32 -19.50
CA VAL B 69 16.28 12.14 -20.53
C VAL B 69 17.46 11.37 -21.09
N MET B 70 17.64 11.44 -22.41
CA MET B 70 18.79 10.87 -23.08
C MET B 70 19.71 11.99 -23.57
N PHE B 71 20.97 11.90 -23.19
CA PHE B 71 22.02 12.80 -23.67
C PHE B 71 22.83 12.05 -24.71
N LYS B 72 22.75 12.48 -25.95
CA LYS B 72 23.55 11.91 -27.03
C LYS B 72 24.91 12.60 -27.08
N LEU B 73 25.93 11.85 -27.49
CA LEU B 73 27.23 12.41 -27.80
C LEU B 73 27.81 11.66 -28.98
N GLU B 74 27.99 12.35 -30.10
CA GLU B 74 28.55 11.70 -31.28
C GLU B 74 29.97 11.24 -31.00
N VAL B 75 30.20 9.95 -31.20
CA VAL B 75 31.52 9.35 -31.05
C VAL B 75 31.94 8.79 -32.41
N PRO B 76 32.82 9.48 -33.12
CA PRO B 76 33.18 9.03 -34.47
C PRO B 76 34.12 7.82 -34.45
N ARG B 77 34.20 7.17 -35.60
CA ARG B 77 35.18 6.11 -35.86
C ARG B 77 35.05 4.94 -34.90
N ILE B 78 33.82 4.50 -34.65
CA ILE B 78 33.58 3.33 -33.81
C ILE B 78 33.51 2.11 -34.70
N GLU B 79 34.00 0.99 -34.19
CA GLU B 79 33.74 -0.32 -34.77
C GLU B 79 33.28 -1.26 -33.66
N LEU B 80 32.11 -1.86 -33.87
CA LEU B 80 31.48 -2.67 -32.85
C LEU B 80 31.91 -4.12 -32.94
N GLN B 81 32.00 -4.77 -31.78
CA GLN B 81 32.19 -6.21 -31.70
C GLN B 81 30.95 -6.81 -31.07
N GLU B 82 30.25 -7.66 -31.81
CA GLU B 82 29.03 -8.26 -31.29
C GLU B 82 29.33 -9.05 -30.02
N TYR B 83 28.56 -8.77 -28.97
CA TYR B 83 28.62 -9.55 -27.74
C TYR B 83 28.02 -10.92 -28.00
N TYR B 84 28.88 -11.94 -28.12
CA TYR B 84 28.49 -13.29 -28.46
C TYR B 84 27.61 -13.23 -29.71
N GLU B 85 26.39 -13.75 -29.70
CA GLU B 85 25.53 -13.70 -30.88
C GLU B 85 24.17 -13.11 -30.53
N THR B 86 24.17 -12.06 -29.71
CA THR B 86 22.93 -11.48 -29.19
C THR B 86 22.30 -10.47 -30.12
N GLY B 87 23.08 -9.80 -30.96
CA GLY B 87 22.54 -8.79 -31.85
C GLY B 87 22.30 -7.44 -31.19
N ALA B 88 21.94 -7.45 -29.91
CA ALA B 88 21.60 -6.21 -29.21
C ALA B 88 22.77 -5.64 -28.41
N PHE B 89 23.74 -6.45 -28.04
CA PHE B 89 24.81 -6.04 -27.14
C PHE B 89 26.15 -6.05 -27.87
N TYR B 90 26.97 -5.03 -27.60
CA TYR B 90 28.22 -4.86 -28.32
C TYR B 90 29.30 -4.35 -27.37
N LEU B 91 30.54 -4.57 -27.78
CA LEU B 91 31.69 -3.87 -27.25
C LEU B 91 32.08 -2.77 -28.23
N VAL B 92 32.42 -1.60 -27.70
CA VAL B 92 32.78 -0.45 -28.52
C VAL B 92 34.29 -0.39 -28.63
N LYS B 93 34.81 -0.55 -29.85
CA LYS B 93 36.20 -0.28 -30.14
C LYS B 93 36.28 0.87 -31.13
N PHE B 94 37.49 1.36 -31.36
CA PHE B 94 37.66 2.54 -32.21
C PHE B 94 38.61 2.23 -33.34
N LYS B 95 38.28 2.72 -34.53
CA LYS B 95 39.17 2.54 -35.70
C LYS B 95 40.30 3.58 -35.63
N ASN B 101 42.35 9.03 -30.33
CA ASN B 101 40.96 8.92 -29.81
C ASN B 101 40.78 9.94 -28.68
N PRO B 102 39.86 10.91 -28.85
CA PRO B 102 39.55 11.85 -27.76
C PRO B 102 39.06 11.19 -26.48
N LEU B 103 38.48 10.00 -26.56
CA LEU B 103 37.97 9.27 -25.41
C LEU B 103 38.93 8.19 -24.91
N SER B 104 40.20 8.24 -25.27
CA SER B 104 41.07 7.10 -25.01
C SER B 104 41.37 6.94 -23.52
N HIS B 105 41.30 8.02 -22.72
CA HIS B 105 41.43 7.80 -21.28
C HIS B 105 40.28 6.97 -20.72
N PHE B 106 39.22 6.73 -21.51
CA PHE B 106 38.11 5.86 -21.12
C PHE B 106 38.27 4.41 -21.57
N LEU B 107 39.37 4.05 -22.22
CA LEU B 107 39.49 2.71 -22.77
C LEU B 107 40.02 1.73 -21.71
N GLU B 108 39.66 0.46 -21.88
CA GLU B 108 40.20 -0.66 -21.11
C GLU B 108 40.80 -1.61 -22.13
N GLY B 109 42.08 -1.41 -22.43
CA GLY B 109 42.66 -2.09 -23.59
C GLY B 109 42.14 -1.45 -24.87
N GLU B 110 41.58 -2.28 -25.75
CA GLU B 110 40.99 -1.77 -26.98
C GLU B 110 39.57 -1.26 -26.79
N VAL B 111 38.96 -1.52 -25.63
CA VAL B 111 37.51 -1.46 -25.47
C VAL B 111 37.14 -0.22 -24.67
N LEU B 112 36.14 0.51 -25.14
CA LEU B 112 35.58 1.64 -24.39
C LEU B 112 34.88 1.12 -23.15
N SER B 113 35.27 1.62 -21.99
CA SER B 113 34.66 1.22 -20.73
C SER B 113 33.51 2.17 -20.42
N ALA B 114 32.29 1.61 -20.32
CA ALA B 114 31.18 2.40 -19.83
C ALA B 114 31.45 2.89 -18.42
N THR B 115 32.02 2.03 -17.57
CA THR B 115 32.32 2.41 -16.19
C THR B 115 33.16 3.67 -16.12
N LYS B 116 34.30 3.68 -16.82
CA LYS B 116 35.15 4.86 -16.84
C LYS B 116 34.41 6.07 -17.43
N MET B 117 33.78 5.88 -18.60
CA MET B 117 33.08 6.98 -19.24
C MET B 117 31.96 7.53 -18.38
N LEU B 118 31.19 6.67 -17.73
CA LEU B 118 30.06 7.11 -16.95
C LEU B 118 30.51 7.79 -15.67
N SER B 119 31.62 7.36 -15.08
CA SER B 119 32.08 7.97 -13.84
C SER B 119 32.43 9.44 -14.06
N LYS B 120 33.16 9.74 -15.14
CA LYS B 120 33.45 11.16 -15.42
C LYS B 120 32.19 11.91 -15.86
N PHE B 121 31.33 11.25 -16.65
CA PHE B 121 30.00 11.78 -16.91
C PHE B 121 29.29 12.15 -15.61
N ARG B 122 29.31 11.24 -14.63
CA ARG B 122 28.68 11.47 -13.34
C ARG B 122 29.33 12.64 -12.62
N LYS B 123 30.67 12.68 -12.62
CA LYS B 123 31.39 13.72 -11.89
C LYS B 123 31.10 15.10 -12.48
N ILE B 124 31.08 15.21 -13.81
CA ILE B 124 30.87 16.51 -14.45
C ILE B 124 29.47 17.03 -14.15
N ILE B 125 28.46 16.14 -14.21
CA ILE B 125 27.09 16.58 -13.94
C ILE B 125 27.00 17.13 -12.53
N LYS B 126 27.43 16.35 -11.52
CA LYS B 126 27.37 16.82 -10.13
C LYS B 126 27.98 18.21 -9.98
N GLU B 127 29.15 18.43 -10.61
CA GLU B 127 29.82 19.72 -10.44
C GLU B 127 29.01 20.86 -11.05
N GLU B 128 28.41 20.64 -12.23
CA GLU B 128 27.61 21.69 -12.87
C GLU B 128 26.30 21.91 -12.15
N VAL B 129 25.78 20.84 -11.54
CA VAL B 129 24.62 20.89 -10.68
C VAL B 129 24.89 21.71 -9.41
N LYS B 130 26.17 21.80 -9.01
CA LYS B 130 26.53 22.53 -7.79
C LYS B 130 26.59 24.04 -8.01
N GLU B 131 26.83 24.47 -9.25
CA GLU B 131 26.69 25.88 -9.59
C GLU B 131 25.26 26.19 -10.01
N ILE B 132 24.31 25.54 -9.35
CA ILE B 132 22.89 25.74 -9.57
C ILE B 132 22.23 25.89 -8.21
N LYS B 133 22.48 27.03 -7.55
CA LYS B 133 21.79 27.41 -6.32
C LYS B 133 20.65 28.37 -6.62
N ASP B 134 19.91 28.05 -7.69
CA ASP B 134 18.68 28.71 -8.10
C ASP B 134 17.46 27.88 -7.71
N ILE B 135 17.59 26.56 -7.83
CA ILE B 135 16.59 25.57 -7.45
C ILE B 135 17.35 24.37 -6.91
N ASP B 136 16.82 23.72 -5.87
CA ASP B 136 17.61 22.70 -5.17
C ASP B 136 17.72 21.43 -6.03
N VAL B 137 18.66 21.45 -6.97
CA VAL B 137 18.94 20.28 -7.78
C VAL B 137 20.14 19.57 -7.17
N SER B 138 20.05 18.25 -7.09
CA SER B 138 21.14 17.43 -6.51
C SER B 138 21.37 16.22 -7.41
N VAL B 139 22.17 15.27 -6.92
CA VAL B 139 22.54 14.06 -7.66
C VAL B 139 22.64 12.91 -6.66
N GLU B 140 21.75 11.93 -6.77
CA GLU B 140 21.71 10.88 -5.76
C GLU B 140 22.67 9.75 -6.11
N LYS B 141 22.92 8.87 -5.13
CA LYS B 141 23.95 7.83 -5.28
C LYS B 141 23.78 6.97 -6.53
N GLU B 142 24.90 6.46 -7.06
CA GLU B 142 24.88 5.56 -8.22
C GLU B 142 24.30 4.21 -7.83
N LYS B 143 22.96 4.09 -7.83
CA LYS B 143 22.35 2.78 -7.58
C LYS B 143 22.98 1.78 -8.53
N PRO B 144 23.71 0.75 -8.05
CA PRO B 144 24.39 -0.16 -8.93
C PRO B 144 23.46 -1.25 -9.44
N SER B 146 22.61 0.64 -12.44
CA SER B 146 21.99 1.53 -13.45
C SER B 146 22.93 2.71 -13.75
N PRO B 147 23.19 3.01 -15.01
CA PRO B 147 24.12 4.07 -15.38
C PRO B 147 23.44 5.42 -15.33
N ALA B 148 22.23 5.46 -14.79
CA ALA B 148 21.48 6.71 -14.79
C ALA B 148 22.01 7.67 -13.75
N VAL B 149 22.27 8.91 -14.16
CA VAL B 149 22.67 9.94 -13.21
C VAL B 149 21.38 10.70 -12.87
N THR B 150 20.78 10.33 -11.74
CA THR B 150 19.44 10.76 -11.39
C THR B 150 19.48 12.16 -10.76
N LEU B 151 18.76 13.10 -11.34
CA LEU B 151 18.66 14.46 -10.81
C LEU B 151 17.47 14.56 -9.87
N LEU B 152 17.66 15.36 -8.81
CA LEU B 152 16.60 15.65 -7.84
C LEU B 152 16.26 17.13 -7.94
N ILE B 153 15.08 17.45 -8.48
CA ILE B 153 14.63 18.83 -8.53
C ILE B 153 13.61 19.03 -7.43
N ARG B 154 13.85 20.00 -6.56
CA ARG B 154 13.07 20.19 -5.34
C ARG B 154 12.29 21.50 -5.35
N ASN B 155 11.71 21.84 -6.50
CA ASN B 155 10.70 22.89 -6.55
C ASN B 155 9.46 22.33 -5.84
N PRO B 156 8.32 23.09 -5.72
CA PRO B 156 7.19 22.57 -4.94
C PRO B 156 6.87 21.09 -5.11
N GLU B 157 7.19 20.52 -6.26
CA GLU B 157 7.11 19.09 -6.49
C GLU B 157 8.52 18.53 -6.62
N GLU B 158 8.83 17.50 -5.83
CA GLU B 158 10.09 16.79 -6.01
C GLU B 158 9.96 15.86 -7.21
N ILE B 159 10.84 16.03 -8.18
CA ILE B 159 10.78 15.29 -9.43
C ILE B 159 12.12 14.60 -9.67
N SER B 160 12.06 13.32 -10.02
CA SER B 160 13.24 12.54 -10.38
C SER B 160 13.44 12.61 -11.89
N VAL B 161 14.70 12.65 -12.31
CA VAL B 161 15.03 12.65 -13.74
C VAL B 161 16.27 11.79 -13.96
N ASP B 162 16.09 10.63 -14.59
CA ASP B 162 17.22 9.79 -14.96
C ASP B 162 17.86 10.34 -16.22
N ILE B 163 19.16 10.69 -16.14
CA ILE B 163 19.92 11.11 -17.31
C ILE B 163 20.69 9.92 -17.83
N ILE B 164 20.42 9.54 -19.08
CA ILE B 164 21.01 8.37 -19.70
C ILE B 164 22.04 8.84 -20.72
N LEU B 165 23.27 8.34 -20.58
CA LEU B 165 24.28 8.58 -21.60
C LEU B 165 24.02 7.70 -22.80
N ALA B 166 24.22 8.26 -24.00
CA ALA B 166 24.06 7.51 -25.23
C ALA B 166 25.15 7.92 -26.20
N LEU B 167 25.82 6.93 -26.78
CA LEU B 167 26.73 7.18 -27.89
C LEU B 167 25.94 7.31 -29.17
N GLU B 168 26.39 8.18 -30.07
CA GLU B 168 25.80 8.33 -31.38
C GLU B 168 26.79 7.90 -32.45
N SER B 169 26.31 7.06 -33.38
CA SER B 169 27.13 6.61 -34.50
C SER B 169 26.36 6.89 -35.79
N LYS B 170 26.99 7.62 -36.70
CA LYS B 170 26.39 7.96 -37.98
C LYS B 170 26.82 7.02 -39.10
N GLY B 171 27.47 5.91 -38.76
CA GLY B 171 27.68 4.84 -39.71
C GLY B 171 26.39 4.08 -39.96
N SER B 172 26.47 3.10 -40.85
CA SER B 172 25.30 2.30 -41.15
C SER B 172 24.92 1.42 -39.97
N TRP B 173 23.66 1.02 -39.92
CA TRP B 173 23.16 0.26 -38.79
C TRP B 173 23.81 -1.12 -38.73
N PRO B 174 23.99 -1.67 -37.52
CA PRO B 174 24.60 -2.99 -37.39
C PRO B 174 23.87 -4.04 -38.22
N ILE B 175 24.63 -5.00 -38.72
CA ILE B 175 24.09 -6.01 -39.63
C ILE B 175 22.99 -6.83 -38.99
N SER B 176 22.96 -6.91 -37.65
CA SER B 176 21.90 -7.66 -36.97
C SER B 176 20.53 -7.02 -37.18
N THR B 177 20.47 -5.77 -37.63
CA THR B 177 19.21 -5.06 -37.87
C THR B 177 18.77 -5.12 -39.32
N LYS B 178 19.47 -5.85 -40.18
CA LYS B 178 19.25 -5.76 -41.62
C LYS B 178 17.84 -6.21 -42.00
N GLU B 179 17.36 -7.31 -41.41
CA GLU B 179 15.99 -7.78 -41.64
C GLU B 179 15.03 -7.31 -40.56
N GLY B 180 15.41 -6.27 -39.82
CA GLY B 180 14.53 -5.65 -38.84
C GLY B 180 13.74 -4.51 -39.44
N LEU B 181 13.01 -3.82 -38.57
CA LEU B 181 12.12 -2.74 -38.97
C LEU B 181 11.25 -3.15 -40.14
N PRO B 182 10.43 -4.19 -40.01
CA PRO B 182 9.70 -4.75 -41.16
C PRO B 182 8.45 -3.94 -41.51
N ILE B 183 8.67 -2.71 -41.96
CA ILE B 183 7.60 -1.75 -42.17
C ILE B 183 7.25 -1.59 -43.66
N GLN B 184 7.71 -2.52 -44.50
CA GLN B 184 7.66 -2.28 -45.95
C GLN B 184 6.22 -2.21 -46.46
N GLY B 185 5.32 -3.02 -45.93
CA GLY B 185 3.94 -3.02 -46.35
C GLY B 185 3.01 -2.17 -45.52
N TRP B 186 3.54 -1.29 -44.68
CA TRP B 186 2.74 -0.47 -43.77
C TRP B 186 3.14 0.99 -43.90
N LEU B 187 4.37 1.31 -43.53
CA LEU B 187 4.91 2.66 -43.71
C LEU B 187 5.69 2.83 -45.00
N GLY B 188 6.26 1.77 -45.54
CA GLY B 188 6.81 1.79 -46.89
C GLY B 188 8.33 1.76 -46.90
N THR B 189 8.85 1.56 -48.11
CA THR B 189 10.28 1.40 -48.33
C THR B 189 11.03 2.72 -48.30
N LYS B 190 10.40 3.81 -48.76
CA LYS B 190 11.04 5.12 -48.66
C LYS B 190 11.22 5.54 -47.21
N VAL B 191 10.24 5.22 -46.37
CA VAL B 191 10.35 5.54 -44.94
C VAL B 191 11.45 4.72 -44.29
N ARG B 192 11.47 3.40 -44.54
CA ARG B 192 12.48 2.54 -43.95
C ARG B 192 13.88 2.97 -44.38
N THR B 193 14.05 3.32 -45.65
CA THR B 193 15.36 3.76 -46.14
C THR B 193 15.78 5.05 -45.45
N ASN B 194 14.86 6.02 -45.34
CA ASN B 194 15.19 7.26 -44.65
C ASN B 194 15.51 7.03 -43.18
N LEU B 195 14.75 6.15 -42.52
CA LEU B 195 14.99 5.87 -41.11
C LEU B 195 16.34 5.21 -40.91
N ARG B 196 16.66 4.20 -41.71
CA ARG B 196 17.93 3.49 -41.58
C ARG B 196 19.12 4.33 -42.02
N ARG B 197 18.88 5.51 -42.60
CA ARG B 197 19.97 6.46 -42.86
C ARG B 197 20.23 7.41 -41.70
N GLU B 198 19.32 7.49 -40.73
CA GLU B 198 19.55 8.26 -39.52
C GLU B 198 20.60 7.57 -38.67
N PRO B 199 21.15 8.25 -37.66
CA PRO B 199 22.09 7.59 -36.75
C PRO B 199 21.42 6.49 -35.94
N PHE B 200 22.26 5.67 -35.31
CA PHE B 200 21.81 4.72 -34.30
C PHE B 200 22.54 5.02 -32.99
N TYR B 201 21.97 4.53 -31.86
CA TYR B 201 22.48 4.93 -30.56
C TYR B 201 22.88 3.71 -29.75
N LEU B 202 23.72 3.96 -28.75
CA LEU B 202 24.29 2.91 -27.92
C LEU B 202 24.28 3.37 -26.47
N VAL B 203 23.61 2.61 -25.60
CA VAL B 203 23.48 2.97 -24.19
C VAL B 203 24.23 1.96 -23.33
N PRO B 204 24.87 2.39 -22.25
CA PRO B 204 25.56 1.44 -21.37
C PRO B 204 24.56 0.53 -20.66
N LYS B 205 24.79 -0.78 -20.77
CA LYS B 205 23.94 -1.75 -20.08
C LYS B 205 24.66 -3.08 -20.02
N ASN B 206 24.71 -3.66 -18.83
CA ASN B 206 25.27 -4.99 -18.66
C ASN B 206 24.29 -6.05 -19.14
N ALA B 207 24.83 -7.21 -19.52
CA ALA B 207 23.98 -8.32 -19.91
C ALA B 207 23.58 -9.10 -18.66
N LYS B 208 22.70 -10.11 -18.82
CA LYS B 208 22.23 -10.86 -17.65
C LYS B 208 23.29 -11.83 -17.16
N ASP B 209 23.97 -12.51 -18.09
CA ASP B 209 25.00 -13.50 -17.73
C ASP B 209 25.94 -12.95 -16.65
N ASN B 211 28.82 -12.13 -17.74
CA ASN B 211 30.08 -12.90 -17.82
C ASN B 211 31.23 -12.03 -17.34
N SER B 212 32.16 -11.66 -18.23
CA SER B 212 33.33 -10.90 -17.81
C SER B 212 33.38 -9.54 -18.45
N PHE B 213 32.21 -8.96 -18.79
CA PHE B 213 32.18 -7.72 -19.53
C PHE B 213 31.29 -6.67 -18.86
N GLN B 214 31.06 -6.80 -17.55
CA GLN B 214 30.26 -5.81 -16.84
C GLN B 214 30.99 -4.47 -16.85
N GLY B 215 30.33 -3.43 -17.34
CA GLY B 215 30.95 -2.12 -17.44
C GLY B 215 31.57 -1.86 -18.78
N GLU B 216 31.41 -2.80 -19.73
CA GLU B 216 32.04 -2.69 -21.05
C GLU B 216 31.05 -2.92 -22.18
N THR B 217 29.84 -3.42 -21.87
CA THR B 217 28.84 -3.73 -22.88
C THR B 217 27.90 -2.55 -23.10
N TRP B 218 27.54 -2.30 -24.35
CA TRP B 218 26.58 -1.28 -24.72
C TRP B 218 25.45 -1.91 -25.51
N ARG B 219 24.25 -1.40 -25.32
CA ARG B 219 23.05 -1.93 -25.95
C ARG B 219 22.53 -0.95 -27.00
N LEU B 220 22.06 -1.50 -28.12
CA LEU B 220 21.49 -0.67 -29.17
C LEU B 220 20.23 0.03 -28.67
N SER B 221 20.04 1.25 -29.12
CA SER B 221 18.83 2.02 -28.84
C SER B 221 18.33 2.63 -30.14
N PHE B 222 17.01 2.55 -30.33
CA PHE B 222 16.34 3.14 -31.48
C PHE B 222 15.20 4.04 -31.03
N SER B 223 15.37 4.68 -29.85
CA SER B 223 14.31 5.50 -29.28
C SER B 223 13.85 6.61 -30.22
N HIS B 224 14.76 7.12 -31.05
CA HIS B 224 14.38 8.16 -32.00
C HIS B 224 13.48 7.60 -33.11
N THR B 225 13.90 6.46 -33.69
CA THR B 225 13.05 5.80 -34.68
C THR B 225 11.68 5.46 -34.11
N GLU B 226 11.65 4.96 -32.87
CA GLU B 226 10.38 4.58 -32.26
C GLU B 226 9.49 5.79 -32.02
N LYS B 227 10.08 6.94 -31.71
CA LYS B 227 9.30 8.17 -31.62
C LYS B 227 8.64 8.50 -32.97
N TYR B 228 9.42 8.39 -34.06
CA TYR B 228 8.87 8.68 -35.38
C TYR B 228 7.69 7.77 -35.71
N ILE B 229 7.89 6.46 -35.54
CA ILE B 229 6.86 5.49 -35.91
C ILE B 229 5.58 5.73 -35.10
N LEU B 230 5.73 6.01 -33.80
CA LEU B 230 4.56 6.21 -32.96
C LEU B 230 3.75 7.42 -33.43
N ASN B 231 4.43 8.48 -33.88
CA ASN B 231 3.74 9.69 -34.33
C ASN B 231 3.46 9.72 -35.82
N ASN B 232 3.92 8.73 -36.58
CA ASN B 232 3.70 8.64 -38.02
C ASN B 232 3.27 7.20 -38.35
N HIS B 233 2.13 6.80 -37.78
CA HIS B 233 1.78 5.39 -37.63
C HIS B 233 0.75 4.90 -38.65
N GLY B 234 0.35 5.74 -39.59
CA GLY B 234 -0.72 5.39 -40.50
C GLY B 234 -0.20 4.91 -41.85
N ILE B 235 -0.97 4.02 -42.48
CA ILE B 235 -0.71 3.72 -43.89
C ILE B 235 -1.09 4.92 -44.74
N GLU B 236 -2.07 5.71 -44.29
CA GLU B 236 -2.42 6.96 -44.94
C GLU B 236 -1.76 8.11 -44.19
N LYS B 237 -1.23 9.06 -44.96
CA LYS B 237 -0.49 10.17 -44.37
C LYS B 237 -1.36 11.06 -43.50
N THR B 238 -2.68 11.05 -43.72
CA THR B 238 -3.60 11.89 -42.98
C THR B 238 -4.08 11.26 -41.68
N CYS B 239 -3.64 10.04 -41.37
CA CYS B 239 -4.11 9.32 -40.18
C CYS B 239 -3.97 10.18 -38.93
N CYS B 240 -5.09 10.34 -38.22
CA CYS B 240 -5.17 11.10 -36.97
C CYS B 240 -4.88 12.59 -37.16
N GLU B 241 -4.95 13.08 -38.39
CA GLU B 241 -4.76 14.50 -38.65
C GLU B 241 -6.11 15.22 -38.71
N SER B 242 -6.04 16.56 -38.79
CA SER B 242 -7.26 17.36 -38.75
C SER B 242 -8.04 17.31 -40.07
N SER B 243 -7.39 16.92 -41.17
CA SER B 243 -8.08 16.66 -42.43
C SER B 243 -8.09 15.18 -42.76
N GLY B 244 -7.96 14.33 -41.74
CA GLY B 244 -8.00 12.89 -41.92
C GLY B 244 -8.90 12.24 -40.88
N ALA B 245 -8.77 10.94 -40.70
CA ALA B 245 -9.62 10.18 -39.79
C ALA B 245 -8.78 9.60 -38.66
N LYS B 246 -9.35 9.61 -37.45
CA LYS B 246 -8.67 9.01 -36.32
C LYS B 246 -8.64 7.49 -36.47
N CYS B 247 -7.56 6.90 -35.95
CA CYS B 247 -7.49 5.48 -35.67
C CYS B 247 -7.35 5.31 -34.16
N CYS B 248 -7.39 4.07 -33.71
CA CYS B 248 -7.24 3.77 -32.28
C CYS B 248 -5.93 3.05 -31.99
N ARG B 249 -4.92 3.27 -32.83
CA ARG B 249 -3.62 2.61 -32.64
C ARG B 249 -2.97 3.03 -31.33
N LYS B 250 -2.81 4.35 -31.13
CA LYS B 250 -2.13 4.83 -29.94
C LYS B 250 -2.99 4.66 -28.69
N GLU B 251 -4.31 4.67 -28.85
CA GLU B 251 -5.19 4.43 -27.71
C GLU B 251 -5.04 3.00 -27.20
N CYS B 252 -4.91 2.04 -28.10
CA CYS B 252 -4.68 0.66 -27.68
C CYS B 252 -3.35 0.54 -26.94
N LEU B 253 -2.31 1.21 -27.45
CA LEU B 253 -1.01 1.15 -26.76
C LEU B 253 -1.09 1.73 -25.35
N LYS B 254 -1.72 2.91 -25.22
CA LYS B 254 -1.87 3.51 -23.89
C LYS B 254 -2.63 2.58 -22.94
N LEU B 255 -3.72 1.97 -23.43
CA LEU B 255 -4.51 1.09 -22.58
C LEU B 255 -3.69 -0.10 -22.11
N MET B 256 -2.89 -0.68 -23.01
CA MET B 256 -2.11 -1.85 -22.64
C MET B 256 -1.03 -1.51 -21.64
N LYS B 257 -0.22 -0.49 -21.94
CA LYS B 257 0.80 -0.04 -20.99
C LYS B 257 0.17 0.28 -19.64
N TYR B 258 -1.02 0.89 -19.64
CA TYR B 258 -1.70 1.18 -18.38
C TYR B 258 -2.13 -0.10 -17.67
N LEU B 259 -2.64 -1.08 -18.42
CA LEU B 259 -2.99 -2.36 -17.82
C LEU B 259 -1.76 -3.01 -17.19
N LEU B 260 -0.62 -2.95 -17.87
CA LEU B 260 0.61 -3.51 -17.33
C LEU B 260 1.07 -2.72 -16.11
N GLU B 261 1.04 -1.39 -16.17
CA GLU B 261 1.43 -0.56 -15.04
C GLU B 261 0.57 -0.87 -13.81
N GLN B 262 -0.74 -1.04 -14.02
CA GLN B 262 -1.64 -1.32 -12.91
C GLN B 262 -1.35 -2.69 -12.31
N LEU B 263 -1.18 -3.71 -13.17
CA LEU B 263 -0.88 -5.04 -12.66
C LEU B 263 0.47 -5.10 -11.97
N LYS B 264 1.42 -4.25 -12.37
CA LYS B 264 2.74 -4.27 -11.76
C LYS B 264 2.74 -3.64 -10.38
N LYS B 265 1.97 -2.56 -10.21
CA LYS B 265 1.87 -1.95 -8.89
C LYS B 265 1.35 -2.95 -7.84
N GLU B 266 0.59 -3.95 -8.28
CA GLU B 266 -0.04 -4.89 -7.36
C GLU B 266 0.74 -6.19 -7.16
N PHE B 267 1.60 -6.58 -8.12
CA PHE B 267 2.23 -7.90 -8.07
C PHE B 267 3.70 -7.76 -8.40
N GLN B 268 4.57 -7.99 -7.41
CA GLN B 268 6.01 -8.00 -7.65
C GLN B 268 6.46 -9.20 -8.46
N GLU B 269 5.57 -10.18 -8.70
CA GLU B 269 5.88 -11.26 -9.62
C GLU B 269 6.08 -10.78 -11.04
N LEU B 270 5.64 -9.56 -11.34
CA LEU B 270 5.71 -9.00 -12.69
C LEU B 270 6.87 -8.03 -12.86
N ASP B 271 7.83 -8.01 -11.91
CA ASP B 271 8.97 -7.11 -12.00
C ASP B 271 9.72 -7.25 -13.31
N ALA B 272 9.64 -8.42 -13.95
CA ALA B 272 10.42 -8.70 -15.16
C ALA B 272 9.81 -8.12 -16.43
N PHE B 273 8.63 -7.52 -16.36
CA PHE B 273 7.93 -7.03 -17.54
C PHE B 273 7.87 -5.50 -17.52
N CYS B 274 7.89 -4.90 -18.71
CA CYS B 274 7.88 -3.44 -18.82
C CYS B 274 7.18 -3.00 -20.09
N SER B 275 7.02 -1.68 -20.20
CA SER B 275 6.30 -1.08 -21.31
C SER B 275 6.96 -1.38 -22.65
N TYR B 276 8.28 -1.62 -22.67
CA TYR B 276 8.93 -1.92 -23.94
C TYR B 276 8.46 -3.25 -24.52
N HIS B 277 8.01 -4.18 -23.67
CA HIS B 277 7.39 -5.40 -24.17
C HIS B 277 6.06 -5.07 -24.84
N VAL B 278 5.25 -4.25 -24.18
CA VAL B 278 3.98 -3.79 -24.77
C VAL B 278 4.24 -3.13 -26.12
N LYS B 279 5.11 -2.13 -26.14
CA LYS B 279 5.41 -1.39 -27.36
C LYS B 279 5.89 -2.31 -28.47
N THR B 280 6.79 -3.26 -28.14
CA THR B 280 7.29 -4.18 -29.15
C THR B 280 6.15 -5.05 -29.72
N ALA B 281 5.25 -5.50 -28.84
CA ALA B 281 4.13 -6.32 -29.30
C ALA B 281 3.25 -5.55 -30.28
N ILE B 282 3.01 -4.27 -29.99
CA ILE B 282 2.09 -3.52 -30.87
C ILE B 282 2.77 -3.14 -32.18
N PHE B 283 4.10 -2.95 -32.18
CA PHE B 283 4.81 -2.77 -33.45
C PHE B 283 4.56 -3.95 -34.38
N HIS B 284 4.60 -5.17 -33.81
CA HIS B 284 4.29 -6.35 -34.62
C HIS B 284 2.83 -6.37 -35.08
N MET B 285 1.91 -6.02 -34.16
CA MET B 285 0.50 -5.97 -34.53
C MET B 285 0.27 -4.98 -35.67
N TRP B 286 0.86 -3.79 -35.57
CA TRP B 286 0.73 -2.78 -36.63
C TRP B 286 1.34 -3.27 -37.94
N THR B 287 2.36 -4.14 -37.86
CA THR B 287 2.89 -4.74 -39.08
C THR B 287 1.93 -5.79 -39.64
N GLN B 288 1.32 -6.58 -38.76
CA GLN B 288 0.41 -7.64 -39.19
C GLN B 288 -0.91 -7.06 -39.69
N ASP B 289 -1.38 -5.97 -39.07
CA ASP B 289 -2.64 -5.31 -39.45
C ASP B 289 -2.30 -3.89 -39.91
N PRO B 290 -1.83 -3.73 -41.15
CA PRO B 290 -1.31 -2.42 -41.57
C PRO B 290 -2.37 -1.39 -41.95
N GLN B 291 -3.58 -1.81 -42.29
CA GLN B 291 -4.59 -0.87 -42.77
C GLN B 291 -5.13 -0.03 -41.62
N ASP B 292 -5.26 1.27 -41.86
CA ASP B 292 -5.87 2.16 -40.87
C ASP B 292 -7.27 1.68 -40.49
N SER B 293 -8.01 1.14 -41.47
CA SER B 293 -9.35 0.62 -41.20
C SER B 293 -9.35 -0.58 -40.27
N GLN B 294 -8.21 -1.25 -40.11
CA GLN B 294 -8.09 -2.29 -39.10
C GLN B 294 -7.89 -1.74 -37.70
N TRP B 295 -7.91 -0.41 -37.55
CA TRP B 295 -7.72 0.26 -36.27
C TRP B 295 -8.71 1.42 -36.14
N ASP B 296 -9.94 1.20 -36.60
CA ASP B 296 -10.98 2.22 -36.55
C ASP B 296 -11.39 2.51 -35.11
N PRO B 297 -11.65 3.77 -34.76
CA PRO B 297 -12.00 4.09 -33.36
C PRO B 297 -13.27 3.43 -32.87
N ARG B 298 -14.25 3.22 -33.74
CA ARG B 298 -15.50 2.58 -33.32
C ARG B 298 -15.31 1.11 -32.95
N ASN B 299 -14.17 0.51 -33.31
CA ASN B 299 -13.86 -0.87 -32.95
C ASN B 299 -12.82 -0.94 -31.84
N LEU B 300 -12.77 0.08 -30.97
CA LEU B 300 -11.73 0.14 -29.95
C LEU B 300 -11.63 -1.15 -29.12
N SER B 301 -12.78 -1.65 -28.66
CA SER B 301 -12.77 -2.82 -27.78
C SER B 301 -12.31 -4.06 -28.53
N SER B 302 -12.72 -4.21 -29.80
CA SER B 302 -12.23 -5.34 -30.59
C SER B 302 -10.74 -5.20 -30.86
N CYS B 303 -10.29 -3.97 -31.11
CA CYS B 303 -8.86 -3.76 -31.40
C CYS B 303 -8.03 -4.00 -30.16
N PHE B 304 -8.49 -3.49 -29.01
CA PHE B 304 -7.79 -3.74 -27.75
C PHE B 304 -7.72 -5.24 -27.46
N ASP B 305 -8.79 -5.99 -27.82
CA ASP B 305 -8.79 -7.40 -27.47
C ASP B 305 -7.81 -8.17 -28.35
N LYS B 306 -7.72 -7.81 -29.64
CA LYS B 306 -6.80 -8.55 -30.49
C LYS B 306 -5.36 -8.27 -30.10
N LEU B 307 -5.12 -7.10 -29.48
CA LEU B 307 -3.78 -6.84 -28.95
C LEU B 307 -3.51 -7.71 -27.73
N LEU B 308 -4.50 -7.84 -26.84
CA LEU B 308 -4.33 -8.70 -25.67
C LEU B 308 -4.09 -10.14 -26.10
N ALA B 309 -4.93 -10.65 -27.02
CA ALA B 309 -4.78 -12.02 -27.49
C ALA B 309 -3.41 -12.23 -28.13
N PHE B 310 -2.90 -11.22 -28.86
CA PHE B 310 -1.60 -11.37 -29.49
C PHE B 310 -0.50 -11.40 -28.44
N PHE B 311 -0.62 -10.55 -27.41
CA PHE B 311 0.38 -10.56 -26.34
C PHE B 311 0.38 -11.90 -25.63
N LEU B 312 -0.83 -12.45 -25.37
CA LEU B 312 -0.90 -13.71 -24.63
C LEU B 312 -0.23 -14.83 -25.41
N GLU B 313 -0.41 -14.83 -26.75
CA GLU B 313 0.26 -15.86 -27.54
C GLU B 313 1.78 -15.69 -27.46
N CYS B 314 2.24 -14.43 -27.40
CA CYS B 314 3.66 -14.18 -27.20
C CYS B 314 4.13 -14.74 -25.86
N LEU B 315 3.32 -14.58 -24.80
CA LEU B 315 3.68 -15.13 -23.50
C LEU B 315 3.63 -16.64 -23.52
N ARG B 316 2.63 -17.21 -24.22
CA ARG B 316 2.47 -18.67 -24.19
C ARG B 316 3.62 -19.35 -24.94
N THR B 317 3.94 -18.86 -26.13
CA THR B 317 5.02 -19.42 -26.94
C THR B 317 6.39 -18.94 -26.50
N GLU B 318 6.46 -17.99 -25.56
CA GLU B 318 7.73 -17.45 -25.07
C GLU B 318 8.56 -16.86 -26.20
N LYS B 319 7.92 -16.15 -27.12
CA LYS B 319 8.65 -15.48 -28.19
C LYS B 319 8.09 -14.08 -28.40
N LEU B 320 8.98 -13.09 -28.30
CA LEU B 320 8.67 -11.69 -28.59
C LEU B 320 9.93 -11.10 -29.23
N ASP B 321 10.04 -11.24 -30.54
CA ASP B 321 11.22 -10.75 -31.24
C ASP B 321 11.32 -9.24 -31.14
N HIS B 322 12.53 -8.76 -30.84
CA HIS B 322 12.80 -7.33 -30.90
C HIS B 322 12.49 -6.82 -32.30
N TYR B 323 11.74 -5.73 -32.38
CA TYR B 323 11.24 -5.25 -33.67
C TYR B 323 12.38 -4.87 -34.61
N PHE B 324 13.50 -4.40 -34.06
CA PHE B 324 14.63 -3.98 -34.86
C PHE B 324 15.70 -5.04 -35.03
N ILE B 325 15.74 -6.03 -34.14
CA ILE B 325 16.76 -7.07 -34.14
C ILE B 325 16.07 -8.44 -34.06
N PRO B 326 15.69 -9.03 -35.19
CA PRO B 326 14.86 -10.25 -35.15
C PRO B 326 15.45 -11.39 -34.32
N LYS B 327 16.77 -11.51 -34.22
CA LYS B 327 17.38 -12.64 -33.53
C LYS B 327 17.27 -12.53 -32.01
N PHE B 328 17.00 -11.35 -31.47
CA PHE B 328 16.95 -11.14 -30.03
C PHE B 328 15.51 -11.31 -29.55
N ASN B 329 15.26 -12.37 -28.77
CA ASN B 329 13.93 -12.69 -28.27
C ASN B 329 13.76 -12.13 -26.87
N LEU B 330 12.92 -11.10 -26.74
CA LEU B 330 12.70 -10.45 -25.45
C LEU B 330 12.02 -11.38 -24.44
N PHE B 331 11.34 -12.42 -24.90
CA PHE B 331 10.61 -13.33 -24.03
C PHE B 331 11.32 -14.66 -23.86
N SER B 332 12.60 -14.74 -24.21
CA SER B 332 13.34 -15.98 -24.05
C SER B 332 13.51 -16.30 -22.56
N GLN B 333 13.71 -17.59 -22.29
CA GLN B 333 13.84 -18.08 -20.93
C GLN B 333 15.12 -17.58 -20.28
N GLU B 334 16.13 -17.24 -21.08
CA GLU B 334 17.34 -16.63 -20.55
C GLU B 334 17.04 -15.30 -19.87
N LEU B 335 15.99 -14.61 -20.32
CA LEU B 335 15.67 -13.28 -19.83
C LEU B 335 14.49 -13.25 -18.87
N ILE B 336 13.49 -14.11 -19.07
CA ILE B 336 12.27 -14.10 -18.28
C ILE B 336 11.84 -15.54 -17.99
N ASP B 337 11.57 -15.84 -16.72
CA ASP B 337 11.19 -17.18 -16.32
C ASP B 337 9.83 -17.56 -16.89
N ARG B 338 9.68 -18.86 -17.14
CA ARG B 338 8.39 -19.39 -17.60
C ARG B 338 7.27 -19.09 -16.61
N LYS B 339 7.58 -19.07 -15.31
CA LYS B 339 6.55 -18.84 -14.31
C LYS B 339 6.11 -17.38 -14.23
N SER B 340 7.00 -16.44 -14.56
CA SER B 340 6.58 -15.04 -14.61
C SER B 340 5.62 -14.79 -15.77
N LYS B 341 5.87 -15.42 -16.92
CA LYS B 341 4.97 -15.29 -18.05
C LYS B 341 3.60 -15.90 -17.73
N GLU B 342 3.59 -17.08 -17.10
CA GLU B 342 2.32 -17.70 -16.74
C GLU B 342 1.55 -16.86 -15.73
N PHE B 343 2.25 -16.27 -14.76
CA PHE B 343 1.59 -15.38 -13.81
C PHE B 343 0.92 -14.22 -14.52
N LEU B 344 1.65 -13.57 -15.44
CA LEU B 344 1.07 -12.44 -16.17
C LEU B 344 -0.10 -12.88 -17.05
N SER B 345 0.05 -14.01 -17.74
CA SER B 345 -1.04 -14.50 -18.59
C SER B 345 -2.30 -14.73 -17.78
N LYS B 346 -2.17 -15.31 -16.57
CA LYS B 346 -3.33 -15.52 -15.72
C LYS B 346 -3.97 -14.19 -15.31
N LYS B 347 -3.13 -13.19 -15.01
CA LYS B 347 -3.67 -11.89 -14.61
C LYS B 347 -4.35 -11.18 -15.79
N ILE B 348 -3.80 -11.32 -16.99
CA ILE B 348 -4.38 -10.70 -18.17
C ILE B 348 -5.73 -11.34 -18.49
N GLU B 349 -5.77 -12.67 -18.52
CA GLU B 349 -7.03 -13.36 -18.80
C GLU B 349 -8.09 -13.00 -17.77
N TYR B 350 -7.70 -12.91 -16.49
CA TYR B 350 -8.67 -12.56 -15.46
C TYR B 350 -9.29 -11.19 -15.71
N GLU B 351 -8.43 -10.19 -15.99
CA GLU B 351 -8.96 -8.85 -16.26
C GLU B 351 -9.81 -8.85 -17.53
N ARG B 352 -9.34 -9.54 -18.57
CA ARG B 352 -10.00 -9.55 -19.87
C ARG B 352 -11.40 -10.12 -19.77
N ASN B 353 -11.58 -11.16 -18.96
CA ASN B 353 -12.87 -11.84 -18.84
C ASN B 353 -13.73 -11.30 -17.70
N ASN B 354 -13.30 -10.21 -17.07
CA ASN B 354 -14.10 -9.61 -16.00
C ASN B 354 -14.32 -8.11 -16.19
N GLY B 355 -14.18 -7.60 -17.41
CA GLY B 355 -14.39 -6.19 -17.66
C GLY B 355 -13.32 -5.30 -17.10
N PHE B 356 -12.12 -5.82 -16.89
CA PHE B 356 -10.96 -5.08 -16.42
C PHE B 356 -11.23 -4.36 -15.10
N PRO B 357 -11.53 -5.09 -14.02
CA PRO B 357 -11.69 -4.43 -12.71
C PRO B 357 -10.46 -3.64 -12.29
N ILE B 358 -9.28 -3.99 -12.80
CA ILE B 358 -8.07 -3.23 -12.53
C ILE B 358 -8.20 -1.79 -12.98
N PHE B 359 -9.07 -1.52 -13.95
CA PHE B 359 -9.24 -0.16 -14.43
C PHE B 359 -10.12 0.67 -13.52
N ASP B 360 -10.93 0.01 -12.69
CA ASP B 360 -11.87 0.74 -11.84
C ASP B 360 -11.12 1.53 -10.77
N LYS B 361 -9.88 1.10 -10.46
CA LYS B 361 -9.11 1.77 -9.39
C LYS B 361 -8.91 3.24 -9.76
N ASP C 3 23.40 -40.14 -2.51
CA ASP C 3 22.97 -38.73 -2.65
C ASP C 3 24.02 -37.95 -3.42
N LYS C 4 23.59 -36.91 -4.14
CA LYS C 4 24.54 -36.04 -4.82
C LYS C 4 25.30 -35.24 -3.77
N LEU C 5 24.60 -34.82 -2.70
CA LEU C 5 25.32 -34.00 -1.73
C LEU C 5 26.50 -34.75 -1.13
N LYS C 6 26.33 -36.05 -0.89
CA LYS C 6 27.41 -36.83 -0.29
C LYS C 6 28.57 -37.03 -1.26
N LYS C 7 28.28 -37.14 -2.55
CA LYS C 7 29.38 -37.20 -3.49
C LYS C 7 30.11 -35.85 -3.58
N VAL C 8 29.38 -34.74 -3.43
CA VAL C 8 30.05 -33.44 -3.36
C VAL C 8 31.04 -33.40 -2.19
N LEU C 9 30.62 -33.96 -1.04
CA LEU C 9 31.50 -33.96 0.12
C LEU C 9 32.73 -34.84 -0.09
N ASP C 10 32.56 -35.95 -0.81
CA ASP C 10 33.70 -36.83 -1.09
C ASP C 10 34.77 -36.10 -1.88
N LYS C 11 34.36 -35.36 -2.92
CA LYS C 11 35.36 -34.64 -3.72
C LYS C 11 36.01 -33.52 -2.91
N LEU C 12 35.25 -32.92 -1.99
CA LEU C 12 35.82 -31.87 -1.14
C LEU C 12 36.96 -32.41 -0.29
N ARG C 13 36.81 -33.65 0.20
CA ARG C 13 37.85 -34.30 0.99
C ARG C 13 39.06 -34.59 0.13
N LEU C 14 38.82 -34.96 -1.15
CA LEU C 14 39.93 -35.31 -2.03
C LEU C 14 40.74 -34.06 -2.34
N LYS C 15 40.05 -32.91 -2.41
CA LYS C 15 40.73 -31.64 -2.64
C LYS C 15 41.25 -31.08 -1.32
N ARG C 16 41.41 -31.96 -0.31
CA ARG C 16 41.91 -31.55 1.00
C ARG C 16 43.30 -32.09 1.25
N LYS C 17 43.64 -33.24 0.66
CA LYS C 17 45.01 -33.75 0.78
C LYS C 17 45.98 -32.72 0.23
N ASP C 18 45.68 -32.18 -0.98
CA ASP C 18 46.50 -31.12 -1.55
C ASP C 18 46.61 -29.97 -0.55
N ILE C 19 45.46 -29.58 0.06
CA ILE C 19 45.48 -28.54 1.08
C ILE C 19 46.47 -28.90 2.17
N SER C 20 46.27 -30.08 2.78
CA SER C 20 47.16 -30.47 3.90
C SER C 20 48.63 -30.29 3.48
N GLU C 21 48.94 -30.53 2.21
CA GLU C 21 50.36 -30.47 1.77
C GLU C 21 50.89 -29.04 1.80
N ALA C 22 50.55 -28.24 0.79
CA ALA C 22 51.12 -26.87 0.70
C ALA C 22 51.09 -26.13 2.04
N ALA C 23 50.11 -26.45 2.89
CA ALA C 23 50.10 -25.85 4.24
C ALA C 23 51.50 -25.88 4.83
N GLU C 24 52.12 -27.07 4.83
CA GLU C 24 53.47 -27.22 5.43
C GLU C 24 54.39 -26.13 4.89
N THR C 25 54.52 -26.01 3.56
CA THR C 25 55.44 -25.03 3.01
C THR C 25 55.16 -23.67 3.61
N VAL C 26 53.87 -23.37 3.85
CA VAL C 26 53.50 -22.11 4.51
C VAL C 26 53.94 -22.14 5.96
N ASN C 27 53.48 -23.17 6.72
CA ASN C 27 53.80 -23.24 8.15
C ASN C 27 55.29 -22.97 8.34
N LYS C 28 56.14 -23.52 7.46
CA LYS C 28 57.59 -23.35 7.55
C LYS C 28 57.94 -21.86 7.51
N VAL C 29 57.73 -21.24 6.34
CA VAL C 29 58.02 -19.82 6.19
C VAL C 29 57.48 -19.04 7.39
N VAL C 30 56.21 -19.31 7.79
CA VAL C 30 55.58 -18.60 8.91
C VAL C 30 56.43 -18.77 10.14
N GLU C 31 56.61 -20.02 10.57
CA GLU C 31 57.35 -20.23 11.84
C GLU C 31 58.72 -19.57 11.74
N ARG C 32 59.40 -19.74 10.62
CA ARG C 32 60.71 -19.08 10.42
C ARG C 32 60.54 -17.57 10.68
N LEU C 33 59.65 -16.91 9.94
CA LEU C 33 59.51 -15.43 10.08
C LEU C 33 59.20 -15.11 11.54
N LEU C 34 58.37 -15.93 12.15
CA LEU C 34 57.96 -15.66 13.56
C LEU C 34 59.21 -15.78 14.45
N ARG C 35 59.91 -16.91 14.34
CA ARG C 35 61.10 -17.07 15.19
C ARG C 35 62.05 -15.90 15.06
N ARG C 36 62.27 -15.44 13.81
CA ARG C 36 63.17 -14.30 13.62
C ARG C 36 62.57 -13.02 14.20
N MET C 37 61.27 -12.79 13.99
CA MET C 37 60.62 -11.60 14.53
C MET C 37 60.57 -11.62 16.05
N GLN C 38 60.51 -12.81 16.65
CA GLN C 38 60.47 -12.93 18.09
C GLN C 38 61.82 -12.70 18.73
N LYS C 39 62.90 -12.73 17.93
CA LYS C 39 64.24 -12.49 18.47
C LYS C 39 64.64 -11.02 18.42
N ARG C 40 64.51 -10.39 17.26
CA ARG C 40 64.97 -9.02 17.10
C ARG C 40 64.08 -8.05 17.86
N GLU C 41 64.69 -6.96 18.31
CA GLU C 41 64.03 -6.01 19.20
C GLU C 41 63.22 -5.02 18.37
N SER C 42 61.91 -5.02 18.56
CA SER C 42 61.01 -4.07 17.93
C SER C 42 59.70 -4.08 18.70
N GLU C 43 58.77 -3.23 18.28
CA GLU C 43 57.44 -3.23 18.89
C GLU C 43 56.73 -4.56 18.69
N PHE C 44 57.08 -5.28 17.63
CA PHE C 44 56.42 -6.52 17.25
C PHE C 44 57.16 -7.75 17.76
N LYS C 45 58.03 -7.58 18.75
CA LYS C 45 58.80 -8.70 19.29
C LYS C 45 57.88 -9.77 19.85
N GLY C 46 56.80 -9.37 20.51
CA GLY C 46 55.87 -10.32 21.10
C GLY C 46 54.86 -10.90 20.15
N VAL C 47 55.08 -10.78 18.84
CA VAL C 47 54.10 -11.28 17.88
C VAL C 47 54.07 -12.80 17.91
N GLU C 48 52.86 -13.36 17.87
CA GLU C 48 52.64 -14.79 17.84
C GLU C 48 51.59 -15.10 16.79
N GLN C 49 51.57 -16.35 16.33
CA GLN C 49 50.52 -16.76 15.41
C GLN C 49 49.27 -17.14 16.19
N LEU C 50 48.14 -16.60 15.74
CA LEU C 50 46.83 -17.02 16.24
C LEU C 50 46.28 -18.05 15.27
N ASN C 51 46.02 -19.25 15.75
CA ASN C 51 45.57 -20.34 14.89
C ASN C 51 44.06 -20.32 14.82
N THR C 52 43.54 -19.93 13.66
CA THR C 52 42.12 -19.74 13.42
C THR C 52 41.52 -20.85 12.56
N GLY C 53 42.18 -22.00 12.51
CA GLY C 53 41.73 -23.11 11.67
C GLY C 53 42.36 -23.07 10.30
N SER C 54 42.52 -24.26 9.71
CA SER C 54 43.11 -24.38 8.39
C SER C 54 42.35 -25.32 7.45
N TYR C 55 41.25 -25.91 7.89
CA TYR C 55 40.46 -26.77 7.02
C TYR C 55 39.39 -25.94 6.30
N TYR C 56 38.77 -26.56 5.30
CA TYR C 56 37.89 -25.85 4.38
C TYR C 56 36.76 -25.12 5.09
N GLU C 57 36.26 -25.67 6.20
CA GLU C 57 35.14 -25.04 6.90
C GLU C 57 35.56 -23.79 7.67
N HIS C 58 36.84 -23.62 7.97
CA HIS C 58 37.30 -22.44 8.68
C HIS C 58 37.92 -21.43 7.74
N VAL C 59 38.33 -21.86 6.54
CA VAL C 59 39.02 -21.00 5.60
C VAL C 59 38.03 -20.11 4.86
N LYS C 60 38.50 -18.94 4.39
CA LYS C 60 37.71 -18.07 3.52
C LYS C 60 37.72 -18.65 2.12
N ILE C 61 36.82 -18.21 1.25
CA ILE C 61 36.85 -18.65 -0.15
C ILE C 61 38.15 -18.11 -0.78
N SER C 62 39.01 -19.01 -1.28
CA SER C 62 40.30 -18.59 -1.83
C SER C 62 40.86 -19.63 -2.79
N ALA C 63 42.00 -19.32 -3.44
CA ALA C 63 42.67 -20.27 -4.30
C ALA C 63 43.44 -21.27 -3.45
N PRO C 64 43.66 -22.50 -3.94
CA PRO C 64 44.45 -23.47 -3.17
C PRO C 64 45.90 -23.05 -2.98
N ASN C 65 46.37 -22.06 -3.72
CA ASN C 65 47.68 -21.48 -3.57
C ASN C 65 47.65 -20.24 -2.71
N GLU C 66 46.54 -19.99 -2.01
CA GLU C 66 46.34 -18.79 -1.23
C GLU C 66 46.03 -19.17 0.20
N PHE C 67 46.68 -18.50 1.16
CA PHE C 67 46.51 -18.81 2.57
C PHE C 67 46.43 -17.51 3.37
N ASP C 68 45.78 -17.59 4.52
CA ASP C 68 45.66 -16.46 5.44
C ASP C 68 46.22 -16.87 6.80
N VAL C 69 46.90 -15.95 7.46
CA VAL C 69 47.36 -16.19 8.82
C VAL C 69 47.35 -14.88 9.59
N MET C 70 46.92 -14.97 10.85
CA MET C 70 46.86 -13.83 11.74
C MET C 70 48.08 -13.82 12.66
N PHE C 71 48.76 -12.68 12.72
CA PHE C 71 49.80 -12.42 13.71
C PHE C 71 49.19 -11.53 14.78
N LYS C 72 49.04 -12.06 15.99
CA LYS C 72 48.51 -11.27 17.08
C LYS C 72 49.66 -10.67 17.88
N LEU C 73 49.40 -9.48 18.45
CA LEU C 73 50.36 -8.81 19.32
C LEU C 73 49.61 -8.22 20.50
N GLU C 74 49.98 -8.63 21.70
CA GLU C 74 49.30 -8.17 22.90
C GLU C 74 49.57 -6.68 23.13
N VAL C 75 48.51 -5.90 23.27
CA VAL C 75 48.64 -4.46 23.49
C VAL C 75 47.87 -4.08 24.76
N PRO C 76 48.55 -3.80 25.86
CA PRO C 76 47.84 -3.49 27.10
C PRO C 76 47.17 -2.13 27.06
N ARG C 77 46.15 -1.97 27.90
CA ARG C 77 45.48 -0.69 28.15
C ARG C 77 44.78 -0.14 26.91
N ILE C 78 44.25 -1.02 26.06
CA ILE C 78 43.47 -0.57 24.91
C ILE C 78 42.11 -0.07 25.38
N GLU C 79 41.72 1.11 24.91
CA GLU C 79 40.39 1.67 25.12
C GLU C 79 39.80 1.98 23.76
N LEU C 80 38.57 1.53 23.53
CA LEU C 80 37.96 1.58 22.21
C LEU C 80 36.89 2.66 22.14
N GLN C 81 36.84 3.33 20.99
CA GLN C 81 35.83 4.34 20.70
C GLN C 81 35.04 3.87 19.49
N GLU C 82 33.77 3.54 19.70
CA GLU C 82 32.87 3.22 18.60
C GLU C 82 32.95 4.31 17.54
N TYR C 83 32.97 3.89 16.26
CA TYR C 83 33.18 4.82 15.16
C TYR C 83 31.94 5.03 14.30
N TYR C 84 31.11 4.01 14.11
CA TYR C 84 29.90 4.15 13.30
C TYR C 84 28.63 3.89 14.11
N GLU C 85 28.73 3.83 15.44
CA GLU C 85 27.61 3.39 16.29
C GLU C 85 27.07 2.04 15.84
N THR C 86 27.91 1.27 15.16
CA THR C 86 27.53 -0.04 14.66
C THR C 86 28.24 -1.17 15.40
N GLY C 87 29.12 -0.85 16.34
CA GLY C 87 29.71 -1.83 17.23
C GLY C 87 30.79 -2.72 16.64
N ALA C 88 31.07 -2.62 15.34
CA ALA C 88 32.08 -3.47 14.70
C ALA C 88 33.40 -2.75 14.48
N PHE C 89 33.37 -1.46 14.18
CA PHE C 89 34.57 -0.71 13.83
C PHE C 89 34.88 0.31 14.91
N TYR C 90 36.16 0.58 15.11
CA TYR C 90 36.58 1.30 16.30
C TYR C 90 37.80 2.15 16.01
N LEU C 91 37.86 3.28 16.70
CA LEU C 91 39.12 3.93 17.00
C LEU C 91 39.73 3.25 18.21
N VAL C 92 41.04 3.02 18.16
CA VAL C 92 41.76 2.37 19.24
C VAL C 92 42.57 3.44 19.96
N LYS C 93 42.34 3.61 21.25
CA LYS C 93 43.07 4.53 22.09
C LYS C 93 43.68 3.76 23.25
N PHE C 94 44.47 4.47 24.05
CA PHE C 94 45.01 3.95 25.30
C PHE C 94 44.22 4.52 26.46
N LYS C 95 43.98 3.69 27.47
CA LYS C 95 43.17 4.10 28.62
C LYS C 95 43.92 5.17 29.42
N ARG C 96 43.19 6.11 30.04
CA ARG C 96 43.82 7.14 30.90
C ARG C 96 44.39 6.46 32.14
N ILE C 97 45.60 5.87 32.01
CA ILE C 97 46.32 5.25 33.14
C ILE C 97 47.73 5.83 33.10
N PRO C 98 48.27 6.39 34.21
CA PRO C 98 49.58 7.08 34.16
C PRO C 98 50.77 6.12 34.05
N ARG C 99 50.88 5.45 32.92
CA ARG C 99 52.02 4.60 32.62
C ARG C 99 52.36 4.70 31.14
N GLY C 100 53.66 4.59 30.83
CA GLY C 100 54.09 4.70 29.46
C GLY C 100 53.53 3.59 28.59
N ASN C 101 53.36 3.91 27.31
CA ASN C 101 52.82 2.96 26.34
C ASN C 101 53.82 2.79 25.21
N PRO C 102 54.48 1.64 25.09
CA PRO C 102 55.56 1.49 24.11
C PRO C 102 55.14 1.71 22.66
N LEU C 103 53.84 1.68 22.37
CA LEU C 103 53.35 1.94 21.02
C LEU C 103 52.87 3.38 20.84
N SER C 104 53.16 4.26 21.81
CA SER C 104 52.69 5.64 21.71
C SER C 104 53.21 6.37 20.49
N HIS C 105 54.29 5.88 19.87
CA HIS C 105 54.80 6.52 18.67
C HIS C 105 54.03 6.11 17.41
N PHE C 106 53.16 5.10 17.49
CA PHE C 106 52.27 4.76 16.40
C PHE C 106 50.98 5.56 16.42
N LEU C 107 50.84 6.52 17.34
CA LEU C 107 49.63 7.31 17.48
C LEU C 107 49.60 8.45 16.46
N GLU C 108 48.39 8.94 16.21
CA GLU C 108 48.17 10.21 15.50
C GLU C 108 47.06 10.93 16.27
N GLY C 109 47.44 11.93 17.05
CA GLY C 109 46.53 12.40 18.07
C GLY C 109 46.43 11.33 19.14
N GLU C 110 45.20 11.00 19.53
CA GLU C 110 44.98 9.99 20.56
C GLU C 110 44.66 8.61 19.99
N VAL C 111 44.52 8.46 18.67
CA VAL C 111 44.11 7.20 18.08
C VAL C 111 45.32 6.50 17.51
N LEU C 112 45.35 5.18 17.68
CA LEU C 112 46.44 4.37 17.15
C LEU C 112 46.30 4.25 15.64
N SER C 113 47.38 4.53 14.92
CA SER C 113 47.35 4.55 13.45
C SER C 113 47.75 3.18 12.92
N ALA C 114 46.79 2.48 12.30
CA ALA C 114 47.12 1.25 11.61
C ALA C 114 48.15 1.51 10.51
N THR C 115 48.05 2.65 9.82
CA THR C 115 48.94 2.93 8.70
C THR C 115 50.40 2.95 9.14
N LYS C 116 50.71 3.68 10.21
CA LYS C 116 52.09 3.76 10.69
C LYS C 116 52.56 2.40 11.22
N MET C 117 51.73 1.76 12.05
CA MET C 117 52.12 0.47 12.63
C MET C 117 52.26 -0.60 11.55
N LEU C 118 51.38 -0.60 10.57
CA LEU C 118 51.49 -1.55 9.47
C LEU C 118 52.74 -1.30 8.65
N SER C 119 53.07 -0.03 8.41
CA SER C 119 54.24 0.29 7.59
C SER C 119 55.51 -0.25 8.22
N LYS C 120 55.65 -0.12 9.54
CA LYS C 120 56.83 -0.72 10.19
C LYS C 120 56.71 -2.23 10.28
N PHE C 121 55.50 -2.74 10.54
CA PHE C 121 55.27 -4.18 10.42
C PHE C 121 55.78 -4.70 9.09
N ARG C 122 55.27 -4.15 8.00
CA ARG C 122 55.73 -4.51 6.66
C ARG C 122 57.24 -4.37 6.54
N LYS C 123 57.79 -3.24 7.00
CA LYS C 123 59.23 -3.00 6.89
C LYS C 123 60.03 -4.12 7.55
N ILE C 124 59.60 -4.54 8.74
CA ILE C 124 60.35 -5.56 9.48
C ILE C 124 60.27 -6.90 8.77
N ILE C 125 59.08 -7.27 8.29
CA ILE C 125 58.94 -8.59 7.67
C ILE C 125 59.69 -8.67 6.36
N LYS C 126 59.62 -7.62 5.54
CA LYS C 126 60.46 -7.57 4.34
C LYS C 126 61.93 -7.84 4.67
N GLU C 127 62.46 -7.10 5.67
CA GLU C 127 63.86 -7.26 6.05
C GLU C 127 64.18 -8.70 6.47
N GLU C 128 63.31 -9.29 7.32
CA GLU C 128 63.54 -10.64 7.83
C GLU C 128 63.18 -11.73 6.82
N VAL C 129 62.43 -11.38 5.78
CA VAL C 129 62.04 -12.36 4.74
C VAL C 129 63.20 -12.52 3.76
N LYS C 130 63.97 -11.44 3.54
CA LYS C 130 65.13 -11.49 2.64
C LYS C 130 66.16 -12.45 3.18
N GLU C 131 66.29 -12.55 4.50
CA GLU C 131 67.32 -13.40 5.09
C GLU C 131 66.74 -14.74 5.54
N ILE C 132 65.48 -15.01 5.14
CA ILE C 132 64.85 -16.31 5.45
C ILE C 132 65.30 -17.33 4.39
N ASP C 134 67.22 -20.03 1.69
CA ASP C 134 66.72 -21.40 1.85
C ASP C 134 65.49 -21.60 0.97
N ILE C 135 64.60 -20.59 0.92
CA ILE C 135 63.35 -20.68 0.13
C ILE C 135 63.06 -19.29 -0.42
N ASP C 136 62.50 -19.20 -1.65
CA ASP C 136 62.27 -17.88 -2.27
C ASP C 136 61.04 -17.24 -1.65
N VAL C 137 61.24 -16.40 -0.61
CA VAL C 137 60.09 -15.68 -0.06
C VAL C 137 60.31 -14.19 -0.27
N SER C 138 59.27 -13.51 -0.74
CA SER C 138 59.34 -12.08 -1.03
C SER C 138 58.04 -11.44 -0.58
N VAL C 139 58.00 -10.11 -0.65
CA VAL C 139 56.81 -9.33 -0.29
C VAL C 139 56.40 -8.53 -1.50
N GLU C 140 55.17 -8.72 -1.95
CA GLU C 140 54.66 -7.97 -3.09
C GLU C 140 54.39 -6.52 -2.70
N LYS C 141 54.38 -5.66 -3.72
CA LYS C 141 54.04 -4.25 -3.51
C LYS C 141 52.68 -4.13 -2.85
N GLU C 142 52.61 -3.30 -1.82
CA GLU C 142 51.35 -3.07 -1.12
C GLU C 142 50.28 -2.60 -2.10
N LYS C 143 49.15 -3.30 -2.11
CA LYS C 143 48.02 -2.92 -2.92
C LYS C 143 46.98 -2.23 -2.04
N PRO C 144 46.70 -0.95 -2.26
CA PRO C 144 45.68 -0.27 -1.45
C PRO C 144 44.36 -1.03 -1.46
N GLY C 145 43.67 -0.99 -0.33
CA GLY C 145 42.49 -1.79 -0.13
C GLY C 145 42.70 -3.02 0.72
N SER C 146 43.95 -3.38 1.01
CA SER C 146 44.25 -4.52 1.85
C SER C 146 45.42 -4.19 2.78
N PRO C 147 45.24 -4.35 4.09
CA PRO C 147 46.35 -4.12 5.02
C PRO C 147 47.28 -5.30 5.17
N ALA C 148 47.02 -6.39 4.45
CA ALA C 148 47.82 -7.60 4.60
C ALA C 148 49.23 -7.38 4.07
N VAL C 149 50.19 -7.97 4.78
CA VAL C 149 51.54 -8.14 4.24
C VAL C 149 51.55 -9.51 3.57
N THR C 150 51.57 -9.52 2.25
CA THR C 150 51.37 -10.74 1.48
C THR C 150 52.73 -11.32 1.09
N LEU C 151 53.03 -12.51 1.61
CA LEU C 151 54.22 -13.23 1.22
C LEU C 151 54.00 -13.95 -0.09
N LEU C 152 55.03 -13.93 -0.94
CA LEU C 152 55.02 -14.65 -2.21
C LEU C 152 56.09 -15.72 -2.13
N ILE C 153 55.65 -16.94 -1.85
CA ILE C 153 56.53 -18.11 -1.74
C ILE C 153 56.48 -18.85 -3.05
N ARG C 154 57.62 -18.96 -3.71
CA ARG C 154 57.73 -19.68 -4.99
C ARG C 154 58.43 -21.02 -4.75
N ASN C 155 57.68 -22.13 -4.88
CA ASN C 155 58.30 -23.47 -4.74
C ASN C 155 58.32 -24.17 -6.09
N GLU C 158 54.02 -20.13 -7.35
CA GLU C 158 53.80 -19.05 -6.37
C GLU C 158 52.70 -19.38 -5.38
N ILE C 159 53.03 -19.52 -4.09
CA ILE C 159 52.02 -19.66 -3.03
C ILE C 159 51.87 -18.29 -2.38
N SER C 160 50.66 -17.88 -2.02
CA SER C 160 50.44 -16.53 -1.45
C SER C 160 49.96 -16.66 -0.01
N VAL C 161 50.49 -15.80 0.88
CA VAL C 161 50.11 -15.81 2.28
C VAL C 161 49.85 -14.38 2.72
N ASP C 162 48.59 -14.05 2.99
CA ASP C 162 48.24 -12.77 3.56
C ASP C 162 48.51 -12.80 5.06
N ILE C 163 49.41 -11.95 5.54
CA ILE C 163 49.66 -11.81 6.98
C ILE C 163 48.80 -10.65 7.49
N ILE C 164 47.95 -10.95 8.48
CA ILE C 164 47.10 -9.95 9.11
C ILE C 164 47.65 -9.68 10.51
N LEU C 165 48.06 -8.45 10.76
CA LEU C 165 48.42 -8.06 12.12
C LEU C 165 47.15 -7.78 12.92
N ALA C 166 47.08 -8.34 14.12
CA ALA C 166 45.89 -8.18 14.96
C ALA C 166 46.32 -7.78 16.36
N LEU C 167 45.77 -6.68 16.85
CA LEU C 167 45.97 -6.32 18.25
C LEU C 167 45.19 -7.27 19.14
N GLU C 168 45.81 -7.68 20.23
CA GLU C 168 45.15 -8.49 21.25
C GLU C 168 44.92 -7.65 22.48
N SER C 169 43.67 -7.63 22.95
CA SER C 169 43.34 -7.03 24.23
C SER C 169 42.81 -8.11 25.15
N LYS C 170 43.31 -8.13 26.39
CA LYS C 170 42.82 -9.05 27.40
C LYS C 170 41.85 -8.38 28.36
N GLY C 171 41.33 -7.21 27.99
CA GLY C 171 40.25 -6.59 28.74
C GLY C 171 38.92 -7.25 28.43
N SER C 172 37.90 -6.84 29.17
CA SER C 172 36.56 -7.39 28.94
C SER C 172 36.08 -7.03 27.53
N TRP C 173 35.13 -7.81 27.04
CA TRP C 173 34.72 -7.69 25.65
C TRP C 173 33.96 -6.38 25.41
N PRO C 174 34.03 -5.84 24.19
CA PRO C 174 33.37 -4.54 23.93
C PRO C 174 31.88 -4.62 24.21
N ILE C 175 31.31 -3.48 24.63
CA ILE C 175 29.92 -3.44 25.07
C ILE C 175 28.98 -3.86 23.95
N SER C 176 29.39 -3.67 22.69
CA SER C 176 28.54 -4.06 21.57
C SER C 176 28.37 -5.57 21.48
N THR C 177 29.17 -6.35 22.21
CA THR C 177 29.04 -7.80 22.21
C THR C 177 28.27 -8.33 23.40
N LYS C 178 27.78 -7.46 24.29
CA LYS C 178 27.21 -7.91 25.56
C LYS C 178 26.14 -8.99 25.37
N GLU C 179 25.36 -8.89 24.29
CA GLU C 179 24.30 -9.86 24.04
C GLU C 179 24.49 -10.57 22.70
N GLY C 180 25.70 -10.52 22.14
CA GLY C 180 26.09 -11.43 21.10
C GLY C 180 26.39 -12.81 21.66
N LEU C 181 26.93 -13.66 20.79
CA LEU C 181 27.27 -15.05 21.15
C LEU C 181 26.11 -15.72 21.89
N PRO C 182 24.93 -15.84 21.26
CA PRO C 182 23.74 -16.37 21.98
C PRO C 182 23.71 -17.89 22.02
N ILE C 183 24.69 -18.47 22.71
CA ILE C 183 24.86 -19.92 22.73
C ILE C 183 24.28 -20.55 23.99
N GLN C 184 23.59 -19.77 24.84
CA GLN C 184 23.16 -20.24 26.15
C GLN C 184 22.36 -21.53 26.07
N GLY C 185 21.47 -21.64 25.10
CA GLY C 185 20.66 -22.83 24.96
C GLY C 185 21.31 -23.97 24.21
N TRP C 186 22.55 -23.79 23.76
CA TRP C 186 23.16 -24.72 22.82
C TRP C 186 24.49 -25.24 23.36
N LEU C 187 25.46 -24.36 23.57
CA LEU C 187 26.71 -24.76 24.20
C LEU C 187 26.73 -24.45 25.70
N GLY C 188 25.90 -23.53 26.16
CA GLY C 188 25.69 -23.34 27.58
C GLY C 188 26.33 -22.06 28.10
N THR C 189 25.98 -21.75 29.36
CA THR C 189 26.44 -20.51 29.97
C THR C 189 27.88 -20.60 30.45
N LYS C 190 28.34 -21.78 30.87
CA LYS C 190 29.75 -21.92 31.25
C LYS C 190 30.66 -21.74 30.05
N VAL C 191 30.29 -22.32 28.90
CA VAL C 191 31.08 -22.14 27.68
C VAL C 191 31.12 -20.67 27.28
N ARG C 192 29.97 -20.01 27.29
CA ARG C 192 29.93 -18.59 26.95
C ARG C 192 30.77 -17.77 27.92
N THR C 193 30.68 -18.09 29.21
CA THR C 193 31.49 -17.42 30.22
C THR C 193 32.99 -17.60 29.94
N ASN C 194 33.39 -18.82 29.57
CA ASN C 194 34.81 -19.08 29.34
C ASN C 194 35.29 -18.42 28.05
N LEU C 195 34.48 -18.46 27.00
CA LEU C 195 34.88 -17.84 25.73
C LEU C 195 35.00 -16.33 25.88
N ARG C 196 34.08 -15.70 26.63
CA ARG C 196 34.15 -14.26 26.82
C ARG C 196 35.21 -13.85 27.84
N ARG C 197 35.83 -14.83 28.53
CA ARG C 197 37.01 -14.54 29.33
C ARG C 197 38.31 -14.62 28.53
N GLU C 198 38.26 -15.10 27.29
CA GLU C 198 39.42 -15.13 26.41
C GLU C 198 39.64 -13.73 25.82
N PRO C 199 40.81 -13.49 25.22
CA PRO C 199 41.04 -12.21 24.57
C PRO C 199 40.05 -11.96 23.44
N PHE C 200 40.02 -10.70 23.00
CA PHE C 200 39.40 -10.35 21.72
C PHE C 200 40.43 -9.63 20.87
N TYR C 201 40.14 -9.52 19.55
CA TYR C 201 41.16 -9.04 18.64
C TYR C 201 40.63 -7.92 17.78
N LEU C 202 41.57 -7.13 17.27
CA LEU C 202 41.28 -6.00 16.38
C LEU C 202 42.17 -6.13 15.16
N VAL C 203 41.59 -5.99 13.98
CA VAL C 203 42.34 -6.07 12.74
C VAL C 203 42.18 -4.75 11.99
N PRO C 204 43.25 -4.23 11.38
CA PRO C 204 43.11 -2.99 10.62
C PRO C 204 42.19 -3.19 9.43
N LYS C 205 41.22 -2.28 9.28
CA LYS C 205 40.33 -2.34 8.13
C LYS C 205 39.71 -0.97 7.92
N ASN C 206 39.98 -0.39 6.74
CA ASN C 206 39.45 0.89 6.31
C ASN C 206 38.08 0.74 5.67
N ALA C 207 37.12 1.56 6.09
CA ALA C 207 35.79 1.50 5.50
C ALA C 207 35.76 1.97 4.05
N LYS C 208 36.81 2.64 3.59
CA LYS C 208 36.89 3.17 2.22
C LYS C 208 35.72 4.09 1.90
N ASP C 209 35.29 4.86 2.91
CA ASP C 209 34.22 5.84 2.76
C ASP C 209 34.67 7.14 2.11
N GLY C 210 35.98 7.35 1.97
CA GLY C 210 36.48 8.70 1.87
C GLY C 210 36.44 9.44 3.18
N ASN C 211 36.46 8.71 4.29
CA ASN C 211 36.27 9.28 5.62
C ASN C 211 37.57 9.91 6.12
N SER C 212 37.53 10.39 7.36
CA SER C 212 38.63 11.17 7.91
C SER C 212 39.68 10.34 8.62
N PHE C 213 39.33 9.16 9.11
CA PHE C 213 40.29 8.30 9.80
C PHE C 213 40.53 7.02 9.03
N GLN C 214 40.51 7.12 7.71
CA GLN C 214 41.13 6.11 6.87
C GLN C 214 42.54 5.84 7.36
N GLY C 215 42.88 4.56 7.50
CA GLY C 215 44.15 4.16 8.08
C GLY C 215 44.19 4.16 9.59
N GLU C 216 43.10 4.52 10.26
CA GLU C 216 43.09 4.56 11.72
C GLU C 216 41.83 3.93 12.30
N THR C 217 41.07 3.17 11.50
CA THR C 217 39.93 2.41 12.00
C THR C 217 40.33 0.94 12.13
N TRP C 218 39.84 0.28 13.17
CA TRP C 218 40.08 -1.13 13.41
C TRP C 218 38.74 -1.85 13.54
N ARG C 219 38.75 -3.15 13.26
CA ARG C 219 37.55 -3.96 13.31
C ARG C 219 37.76 -5.16 14.21
N LEU C 220 36.70 -5.55 14.91
CA LEU C 220 36.79 -6.67 15.84
C LEU C 220 36.99 -7.98 15.08
N SER C 221 37.55 -8.95 15.78
CA SER C 221 37.75 -10.29 15.22
C SER C 221 37.65 -11.31 16.35
N PHE C 222 36.81 -12.32 16.13
CA PHE C 222 36.63 -13.44 17.04
C PHE C 222 36.93 -14.76 16.33
N SER C 223 37.87 -14.72 15.39
CA SER C 223 38.22 -15.90 14.60
C SER C 223 38.62 -17.08 15.47
N HIS C 224 39.16 -16.80 16.65
CA HIS C 224 39.52 -17.87 17.58
C HIS C 224 38.28 -18.46 18.25
N THR C 225 37.39 -17.61 18.76
CA THR C 225 36.11 -18.08 19.30
C THR C 225 35.37 -18.90 18.25
N GLU C 226 35.35 -18.41 17.01
CA GLU C 226 34.67 -19.12 15.94
C GLU C 226 35.30 -20.48 15.68
N LYS C 227 36.63 -20.59 15.82
CA LYS C 227 37.26 -21.90 15.63
C LYS C 227 36.83 -22.88 16.71
N TYR C 228 36.74 -22.41 17.96
CA TYR C 228 36.30 -23.30 19.04
C TYR C 228 34.87 -23.78 18.80
N ILE C 229 33.98 -22.88 18.39
CA ILE C 229 32.58 -23.25 18.16
C ILE C 229 32.48 -24.31 17.07
N LEU C 230 33.19 -24.10 15.95
CA LEU C 230 33.12 -25.02 14.83
C LEU C 230 33.61 -26.41 15.22
N ASN C 231 34.59 -26.49 16.13
CA ASN C 231 35.13 -27.78 16.56
C ASN C 231 34.50 -28.31 17.85
N ASN C 232 33.60 -27.54 18.47
CA ASN C 232 32.86 -27.99 19.66
C ASN C 232 31.41 -27.54 19.48
N HIS C 233 30.75 -28.13 18.47
CA HIS C 233 29.50 -27.62 17.91
C HIS C 233 28.25 -28.31 18.45
N GLY C 234 28.40 -29.34 19.29
CA GLY C 234 27.27 -30.15 19.69
C GLY C 234 26.71 -29.82 21.06
N ILE C 235 25.42 -30.08 21.24
CA ILE C 235 24.83 -30.01 22.58
C ILE C 235 25.38 -31.13 23.45
N GLU C 236 25.64 -32.30 22.85
CA GLU C 236 26.31 -33.39 23.54
C GLU C 236 27.82 -33.29 23.31
N LYS C 237 28.59 -33.49 24.37
CA LYS C 237 30.04 -33.34 24.27
C LYS C 237 30.68 -34.35 23.33
N THR C 238 30.01 -35.47 23.05
CA THR C 238 30.56 -36.52 22.21
C THR C 238 30.18 -36.36 20.75
N CYS C 239 29.45 -35.31 20.38
CA CYS C 239 29.03 -35.11 19.00
C CYS C 239 30.22 -35.17 18.06
N CYS C 240 30.16 -36.11 17.12
CA CYS C 240 31.19 -36.36 16.10
C CYS C 240 32.47 -36.96 16.69
N GLU C 241 32.39 -37.62 17.84
CA GLU C 241 33.53 -38.28 18.45
C GLU C 241 33.43 -39.80 18.28
N SER C 242 34.55 -40.47 18.56
CA SER C 242 34.64 -41.92 18.36
C SER C 242 33.67 -42.68 19.25
N SER C 243 33.19 -42.09 20.33
CA SER C 243 32.20 -42.73 21.20
C SER C 243 30.88 -41.96 21.21
N GLY C 244 30.64 -41.12 20.21
CA GLY C 244 29.39 -40.37 20.14
C GLY C 244 28.68 -40.57 18.83
N ALA C 245 27.70 -39.72 18.56
CA ALA C 245 26.97 -39.74 17.30
C ALA C 245 27.54 -38.69 16.35
N LYS C 246 27.68 -39.08 15.09
CA LYS C 246 28.00 -38.13 14.04
C LYS C 246 26.81 -37.23 13.77
N CYS C 247 27.08 -35.95 13.51
CA CYS C 247 26.09 -34.99 13.04
C CYS C 247 26.58 -34.41 11.72
N CYS C 248 25.68 -33.72 11.01
CA CYS C 248 26.00 -33.18 9.70
C CYS C 248 26.12 -31.65 9.72
N ARG C 249 26.47 -31.07 10.87
CA ARG C 249 26.56 -29.61 10.98
C ARG C 249 27.65 -29.05 10.06
N LYS C 250 28.85 -29.62 10.14
CA LYS C 250 29.96 -29.08 9.36
C LYS C 250 29.84 -29.45 7.88
N GLU C 251 29.20 -30.57 7.57
CA GLU C 251 28.96 -30.91 6.16
C GLU C 251 28.03 -29.90 5.51
N CYS C 252 26.98 -29.48 6.22
CA CYS C 252 26.10 -28.44 5.70
C CYS C 252 26.86 -27.15 5.47
N LEU C 253 27.76 -26.81 6.39
CA LEU C 253 28.57 -25.59 6.20
C LEU C 253 29.47 -25.71 4.97
N LYS C 254 30.09 -26.87 4.77
CA LYS C 254 30.94 -27.07 3.59
C LYS C 254 30.12 -27.01 2.31
N LEU C 255 28.95 -27.66 2.29
CA LEU C 255 28.09 -27.63 1.11
C LEU C 255 27.68 -26.20 0.79
N MET C 256 27.25 -25.45 1.80
CA MET C 256 26.80 -24.08 1.58
C MET C 256 27.94 -23.20 1.08
N LYS C 257 29.13 -23.34 1.66
CA LYS C 257 30.26 -22.53 1.20
C LYS C 257 30.64 -22.91 -0.23
N TYR C 258 30.63 -24.20 -0.54
CA TYR C 258 30.98 -24.63 -1.90
C TYR C 258 29.99 -24.09 -2.91
N LEU C 259 28.70 -24.10 -2.58
CA LEU C 259 27.69 -23.50 -3.44
C LEU C 259 28.00 -22.04 -3.71
N LEU C 260 28.20 -21.26 -2.65
CA LEU C 260 28.53 -19.85 -2.83
C LEU C 260 29.82 -19.67 -3.63
N GLU C 261 30.84 -20.47 -3.33
CA GLU C 261 32.09 -20.41 -4.07
C GLU C 261 31.87 -20.62 -5.56
N GLN C 262 31.16 -21.68 -5.92
CA GLN C 262 30.93 -21.98 -7.34
C GLN C 262 30.08 -20.92 -7.99
N LEU C 263 29.10 -20.38 -7.27
CA LEU C 263 28.29 -19.29 -7.83
C LEU C 263 29.12 -18.03 -8.02
N LYS C 264 30.05 -17.76 -7.10
CA LYS C 264 30.89 -16.58 -7.21
C LYS C 264 31.84 -16.68 -8.40
N LYS C 265 32.25 -17.90 -8.75
CA LYS C 265 33.16 -18.09 -9.88
C LYS C 265 32.53 -17.70 -11.22
N GLU C 266 31.20 -17.68 -11.31
CA GLU C 266 30.51 -17.48 -12.57
C GLU C 266 29.89 -16.10 -12.72
N PHE C 267 29.48 -15.48 -11.63
CA PHE C 267 28.76 -14.20 -11.68
C PHE C 267 29.58 -13.16 -10.93
N GLN C 268 30.15 -12.21 -11.67
CA GLN C 268 30.75 -11.03 -11.03
C GLN C 268 29.76 -10.31 -10.15
N GLU C 269 28.47 -10.49 -10.40
CA GLU C 269 27.41 -9.86 -9.62
C GLU C 269 27.40 -10.30 -8.16
N LEU C 270 28.12 -11.36 -7.80
CA LEU C 270 28.15 -11.87 -6.43
C LEU C 270 29.43 -11.48 -5.70
N ASP C 271 30.16 -10.48 -6.20
CA ASP C 271 31.43 -10.10 -5.58
C ASP C 271 31.26 -9.64 -4.14
N ALA C 272 30.08 -9.12 -3.79
CA ALA C 272 29.86 -8.56 -2.46
C ALA C 272 29.62 -9.61 -1.38
N PHE C 273 29.56 -10.88 -1.74
CA PHE C 273 29.27 -11.95 -0.80
C PHE C 273 30.51 -12.80 -0.56
N CYS C 274 30.53 -13.42 0.61
CA CYS C 274 31.65 -14.23 1.01
C CYS C 274 31.33 -15.28 2.01
N SER C 275 32.34 -16.09 2.33
CA SER C 275 32.12 -17.24 3.22
C SER C 275 31.68 -16.80 4.60
N TYR C 276 32.06 -15.59 5.03
CA TYR C 276 31.67 -15.15 6.37
C TYR C 276 30.16 -14.99 6.50
N HIS C 277 29.49 -14.61 5.41
CA HIS C 277 28.03 -14.52 5.45
C HIS C 277 27.41 -15.90 5.65
N VAL C 278 28.04 -16.94 5.09
CA VAL C 278 27.53 -18.30 5.27
C VAL C 278 27.76 -18.76 6.70
N LYS C 279 29.00 -18.59 7.20
CA LYS C 279 29.32 -18.98 8.56
C LYS C 279 28.40 -18.30 9.57
N THR C 280 28.14 -17.00 9.38
CA THR C 280 27.25 -16.28 10.28
C THR C 280 25.83 -16.84 10.24
N ALA C 281 25.34 -17.17 9.03
CA ALA C 281 23.99 -17.69 8.90
C ALA C 281 23.83 -19.03 9.62
N ILE C 282 24.82 -19.92 9.48
CA ILE C 282 24.68 -21.23 10.12
C ILE C 282 24.94 -21.15 11.61
N PHE C 283 25.73 -20.16 12.07
CA PHE C 283 25.84 -19.90 13.50
C PHE C 283 24.46 -19.59 14.10
N HIS C 284 23.68 -18.78 13.39
CA HIS C 284 22.31 -18.51 13.86
C HIS C 284 21.42 -19.73 13.75
N MET C 285 21.65 -20.55 12.71
CA MET C 285 20.90 -21.80 12.58
C MET C 285 21.20 -22.75 13.74
N TRP C 286 22.47 -22.87 14.12
CA TRP C 286 22.87 -23.75 15.21
C TRP C 286 22.30 -23.30 16.54
N THR C 287 22.01 -21.99 16.67
CA THR C 287 21.28 -21.51 17.85
C THR C 287 19.80 -21.85 17.78
N GLN C 288 19.18 -21.67 16.62
CA GLN C 288 17.75 -21.92 16.47
C GLN C 288 17.43 -23.42 16.55
N ASP C 289 18.32 -24.26 16.04
CA ASP C 289 18.18 -25.72 16.09
C ASP C 289 19.35 -26.29 16.89
N PRO C 290 19.31 -26.17 18.22
CA PRO C 290 20.48 -26.58 19.03
C PRO C 290 20.65 -28.09 19.18
N GLN C 291 19.60 -28.88 19.00
CA GLN C 291 19.68 -30.31 19.26
C GLN C 291 20.53 -31.01 18.20
N ASP C 292 21.41 -31.90 18.66
CA ASP C 292 22.17 -32.74 17.74
C ASP C 292 21.26 -33.56 16.85
N SER C 293 20.13 -34.01 17.40
CA SER C 293 19.16 -34.79 16.62
C SER C 293 18.52 -33.97 15.51
N GLN C 294 18.66 -32.65 15.51
CA GLN C 294 18.22 -31.83 14.40
C GLN C 294 19.28 -31.74 13.30
N TRP C 295 20.39 -32.45 13.44
CA TRP C 295 21.45 -32.45 12.45
C TRP C 295 21.94 -33.88 12.22
N ASP C 296 21.00 -34.82 12.23
CA ASP C 296 21.32 -36.23 12.01
C ASP C 296 21.80 -36.46 10.58
N PRO C 297 22.90 -37.20 10.38
CA PRO C 297 23.42 -37.39 9.02
C PRO C 297 22.44 -38.08 8.08
N ARG C 298 21.47 -38.83 8.60
CA ARG C 298 20.47 -39.44 7.72
C ARG C 298 19.47 -38.43 7.19
N ASN C 299 19.49 -37.19 7.68
CA ASN C 299 18.65 -36.11 7.19
C ASN C 299 19.47 -35.05 6.46
N LEU C 300 20.63 -35.45 5.91
CA LEU C 300 21.56 -34.48 5.33
C LEU C 300 20.88 -33.50 4.36
N SER C 301 20.05 -34.02 3.46
CA SER C 301 19.47 -33.14 2.44
C SER C 301 18.40 -32.24 3.01
N SER C 302 17.60 -32.74 3.96
CA SER C 302 16.66 -31.86 4.66
C SER C 302 17.40 -30.80 5.43
N CYS C 303 18.53 -31.19 6.07
CA CYS C 303 19.30 -30.24 6.85
C CYS C 303 19.91 -29.18 5.95
N PHE C 304 20.46 -29.60 4.80
CA PHE C 304 21.06 -28.62 3.91
C PHE C 304 20.00 -27.68 3.36
N ASP C 305 18.79 -28.21 3.11
CA ASP C 305 17.76 -27.36 2.54
C ASP C 305 17.28 -26.33 3.56
N LYS C 306 17.22 -26.74 4.85
CA LYS C 306 16.82 -25.79 5.87
C LYS C 306 17.81 -24.65 5.97
N LEU C 307 19.11 -24.94 5.69
CA LEU C 307 20.10 -23.86 5.72
C LEU C 307 19.90 -22.92 4.54
N LEU C 308 19.57 -23.48 3.36
CA LEU C 308 19.31 -22.63 2.21
C LEU C 308 18.09 -21.74 2.46
N ALA C 309 17.00 -22.32 2.96
CA ALA C 309 15.80 -21.55 3.27
C ALA C 309 16.11 -20.42 4.24
N PHE C 310 16.91 -20.72 5.28
CA PHE C 310 17.24 -19.70 6.27
C PHE C 310 18.07 -18.60 5.64
N PHE C 311 19.04 -18.97 4.80
CA PHE C 311 19.87 -17.97 4.14
C PHE C 311 19.04 -17.13 3.19
N LEU C 312 18.11 -17.78 2.46
CA LEU C 312 17.29 -17.04 1.51
C LEU C 312 16.41 -16.04 2.26
N GLU C 313 15.86 -16.46 3.42
CA GLU C 313 15.05 -15.51 4.18
C GLU C 313 15.90 -14.32 4.59
N CYS C 314 17.14 -14.59 5.05
CA CYS C 314 18.04 -13.51 5.42
C CYS C 314 18.26 -12.55 4.25
N LEU C 315 18.34 -13.10 3.03
CA LEU C 315 18.47 -12.24 1.86
C LEU C 315 17.22 -11.42 1.65
N ARG C 316 16.05 -12.07 1.69
CA ARG C 316 14.80 -11.38 1.41
C ARG C 316 14.54 -10.27 2.42
N THR C 317 14.74 -10.56 3.70
CA THR C 317 14.51 -9.56 4.75
C THR C 317 15.66 -8.57 4.90
N GLU C 318 16.75 -8.75 4.15
CA GLU C 318 17.91 -7.86 4.21
C GLU C 318 18.45 -7.74 5.64
N LYS C 319 18.56 -8.88 6.32
CA LYS C 319 18.97 -8.86 7.73
C LYS C 319 19.78 -10.10 8.05
N LEU C 320 21.04 -9.90 8.43
CA LEU C 320 21.93 -10.97 8.88
C LEU C 320 22.82 -10.37 9.97
N ASP C 321 22.35 -10.46 11.22
CA ASP C 321 23.10 -9.91 12.33
C ASP C 321 24.41 -10.65 12.51
N HIS C 322 25.49 -9.89 12.72
CA HIS C 322 26.73 -10.48 13.17
C HIS C 322 26.48 -11.31 14.43
N TYR C 323 27.08 -12.49 14.47
CA TYR C 323 26.81 -13.41 15.57
C TYR C 323 27.30 -12.86 16.91
N PHE C 324 28.38 -12.08 16.89
CA PHE C 324 28.97 -11.53 18.10
C PHE C 324 28.55 -10.10 18.38
N ILE C 325 27.96 -9.41 17.40
CA ILE C 325 27.60 -8.00 17.52
C ILE C 325 26.19 -7.80 17.00
N PRO C 326 25.16 -7.99 17.84
CA PRO C 326 23.78 -8.00 17.32
C PRO C 326 23.36 -6.80 16.48
N LYS C 327 23.86 -5.61 16.80
CA LYS C 327 23.43 -4.40 16.10
C LYS C 327 24.11 -4.21 14.75
N PHE C 328 24.99 -5.13 14.36
CA PHE C 328 25.74 -4.98 13.11
C PHE C 328 25.12 -5.91 12.06
N ASN C 329 24.43 -5.30 11.10
CA ASN C 329 23.72 -6.04 10.05
C ASN C 329 24.62 -6.15 8.83
N LEU C 330 25.15 -7.35 8.60
CA LEU C 330 25.99 -7.59 7.43
C LEU C 330 25.22 -7.52 6.12
N PHE C 331 23.88 -7.58 6.17
CA PHE C 331 23.05 -7.55 4.97
C PHE C 331 22.26 -6.25 4.85
N SER C 332 22.72 -5.18 5.49
CA SER C 332 22.09 -3.88 5.36
C SER C 332 22.28 -3.34 3.94
N GLN C 333 21.40 -2.41 3.55
CA GLN C 333 21.46 -1.85 2.20
C GLN C 333 22.75 -1.07 1.97
N GLU C 334 23.28 -0.44 3.02
CA GLU C 334 24.49 0.37 2.86
C GLU C 334 25.72 -0.50 2.61
N LEU C 335 25.71 -1.75 3.09
CA LEU C 335 26.82 -2.66 2.82
C LEU C 335 26.65 -3.41 1.50
N ILE C 336 25.42 -3.83 1.19
CA ILE C 336 25.14 -4.64 0.00
C ILE C 336 23.80 -4.19 -0.57
N ASP C 337 23.78 -3.82 -1.85
CA ASP C 337 22.57 -3.31 -2.47
C ASP C 337 21.53 -4.42 -2.62
N ARG C 338 20.25 -4.05 -2.48
CA ARG C 338 19.16 -5.01 -2.56
C ARG C 338 19.21 -5.82 -3.85
N LYS C 339 19.57 -5.17 -4.96
CA LYS C 339 19.65 -5.88 -6.23
C LYS C 339 20.68 -7.00 -6.19
N SER C 340 21.75 -6.84 -5.40
CA SER C 340 22.74 -7.90 -5.28
C SER C 340 22.20 -9.07 -4.47
N LYS C 341 21.41 -8.78 -3.42
CA LYS C 341 20.84 -9.86 -2.62
C LYS C 341 19.72 -10.58 -3.37
N GLU C 342 18.99 -9.85 -4.22
CA GLU C 342 17.95 -10.50 -5.02
C GLU C 342 18.56 -11.38 -6.11
N PHE C 343 19.66 -10.92 -6.74
CA PHE C 343 20.35 -11.74 -7.72
C PHE C 343 20.86 -13.04 -7.09
N LEU C 344 21.45 -12.94 -5.89
CA LEU C 344 21.87 -14.16 -5.20
C LEU C 344 20.68 -15.05 -4.84
N SER C 345 19.58 -14.43 -4.38
CA SER C 345 18.37 -15.18 -4.06
C SER C 345 17.95 -16.08 -5.21
N LYS C 346 17.89 -15.50 -6.42
CA LYS C 346 17.44 -16.29 -7.58
C LYS C 346 18.44 -17.37 -7.95
N LYS C 347 19.75 -17.06 -7.89
CA LYS C 347 20.75 -18.05 -8.27
C LYS C 347 20.77 -19.25 -7.32
N ILE C 348 20.48 -19.01 -6.04
CA ILE C 348 20.37 -20.12 -5.10
C ILE C 348 19.09 -20.90 -5.34
N GLU C 349 17.96 -20.19 -5.53
CA GLU C 349 16.70 -20.87 -5.79
C GLU C 349 16.78 -21.73 -7.04
N TYR C 350 17.45 -21.24 -8.07
CA TYR C 350 17.60 -22.02 -9.30
C TYR C 350 18.36 -23.31 -9.05
N GLU C 351 19.50 -23.20 -8.33
CA GLU C 351 20.28 -24.40 -8.05
C GLU C 351 19.51 -25.37 -7.14
N ARG C 352 18.78 -24.81 -6.17
CA ARG C 352 18.00 -25.62 -5.25
C ARG C 352 16.91 -26.39 -5.97
N ASN C 353 16.25 -25.75 -6.95
CA ASN C 353 15.10 -26.34 -7.62
C ASN C 353 15.49 -27.27 -8.78
N ASN C 354 16.77 -27.32 -9.16
CA ASN C 354 17.17 -28.13 -10.32
C ASN C 354 18.25 -29.17 -9.98
N GLY C 355 18.33 -29.59 -8.71
CA GLY C 355 19.28 -30.61 -8.33
C GLY C 355 20.72 -30.15 -8.28
N PHE C 356 20.97 -28.84 -8.13
CA PHE C 356 22.29 -28.25 -8.00
C PHE C 356 23.22 -28.60 -9.17
N PRO C 357 22.89 -28.13 -10.37
CA PRO C 357 23.79 -28.36 -11.53
C PRO C 357 25.18 -27.83 -11.32
N ILE C 358 25.34 -26.73 -10.57
CA ILE C 358 26.66 -26.16 -10.36
C ILE C 358 27.56 -27.09 -9.56
N PHE C 359 26.99 -28.09 -8.90
CA PHE C 359 27.79 -29.12 -8.23
C PHE C 359 28.32 -30.16 -9.20
N ASP C 360 27.64 -30.38 -10.33
CA ASP C 360 28.11 -31.36 -11.30
C ASP C 360 29.40 -30.94 -11.97
N LYS C 361 29.62 -29.63 -12.09
CA LYS C 361 30.70 -29.09 -12.91
C LYS C 361 31.95 -28.90 -12.06
N PRO D 2 -53.89 13.37 -18.32
CA PRO D 2 -52.77 13.79 -17.46
C PRO D 2 -52.85 15.26 -17.07
N ASP D 3 -52.34 15.59 -15.89
CA ASP D 3 -52.45 16.96 -15.40
C ASP D 3 -51.42 17.86 -16.08
N LYS D 4 -51.64 19.17 -15.93
CA LYS D 4 -50.65 20.15 -16.36
C LYS D 4 -49.35 20.00 -15.57
N LEU D 5 -49.44 19.53 -14.33
CA LEU D 5 -48.26 19.44 -13.47
C LEU D 5 -47.26 18.41 -14.01
N LYS D 6 -47.76 17.26 -14.50
CA LYS D 6 -46.85 16.23 -14.99
C LYS D 6 -46.19 16.63 -16.29
N LYS D 7 -46.90 17.38 -17.15
CA LYS D 7 -46.26 17.86 -18.36
C LYS D 7 -45.21 18.91 -18.03
N VAL D 8 -45.43 19.71 -16.98
CA VAL D 8 -44.35 20.57 -16.48
C VAL D 8 -43.16 19.73 -16.07
N LEU D 9 -43.41 18.65 -15.31
CA LEU D 9 -42.32 17.79 -14.89
C LEU D 9 -41.61 17.13 -16.07
N ASP D 10 -42.37 16.76 -17.10
CA ASP D 10 -41.76 16.19 -18.30
C ASP D 10 -40.88 17.20 -19.00
N LYS D 11 -41.35 18.45 -19.11
CA LYS D 11 -40.53 19.51 -19.68
C LYS D 11 -39.25 19.70 -18.89
N LEU D 12 -39.36 19.69 -17.55
CA LEU D 12 -38.21 19.97 -16.71
C LEU D 12 -37.15 18.87 -16.82
N ARG D 13 -37.58 17.61 -16.97
CA ARG D 13 -36.59 16.54 -17.13
C ARG D 13 -36.07 16.43 -18.56
N LEU D 14 -36.79 17.02 -19.52
CA LEU D 14 -36.24 17.13 -20.87
C LEU D 14 -35.06 18.10 -20.93
N LYS D 15 -34.95 19.01 -19.95
CA LYS D 15 -33.82 19.91 -19.84
C LYS D 15 -32.71 19.37 -18.95
N ARG D 16 -32.77 18.08 -18.59
CA ARG D 16 -31.73 17.51 -17.75
C ARG D 16 -30.48 17.15 -18.56
N LYS D 17 -30.69 16.76 -19.82
CA LYS D 17 -29.55 16.39 -20.69
C LYS D 17 -28.57 17.57 -20.75
N ASP D 18 -29.06 18.73 -21.16
CA ASP D 18 -28.19 19.92 -21.27
C ASP D 18 -27.46 20.13 -19.95
N ILE D 19 -28.21 20.29 -18.86
CA ILE D 19 -27.58 20.60 -17.54
C ILE D 19 -26.33 19.72 -17.39
N SER D 20 -26.42 18.44 -17.73
CA SER D 20 -25.31 17.51 -17.56
C SER D 20 -24.15 17.84 -18.50
N GLU D 21 -24.46 18.15 -19.77
CA GLU D 21 -23.41 18.60 -20.69
C GLU D 21 -22.68 19.83 -20.15
N ALA D 22 -23.44 20.88 -19.84
CA ALA D 22 -22.88 22.04 -19.18
C ALA D 22 -22.18 21.62 -17.88
N ALA D 23 -22.80 20.72 -17.11
CA ALA D 23 -22.18 20.29 -15.87
C ALA D 23 -20.89 19.51 -16.08
N GLU D 24 -20.64 18.97 -17.26
CA GLU D 24 -19.35 18.30 -17.37
C GLU D 24 -18.24 19.29 -17.70
N THR D 25 -18.56 20.31 -18.51
CA THR D 25 -17.56 21.38 -18.73
C THR D 25 -17.24 22.12 -17.43
N VAL D 26 -18.27 22.33 -16.58
CA VAL D 26 -18.01 22.96 -15.28
C VAL D 26 -17.04 22.12 -14.48
N ASN D 27 -17.37 20.83 -14.25
CA ASN D 27 -16.58 20.02 -13.32
C ASN D 27 -15.14 19.88 -13.75
N LYS D 28 -14.89 19.89 -15.05
CA LYS D 28 -13.49 19.79 -15.49
C LYS D 28 -12.70 21.04 -15.07
N VAL D 29 -13.30 22.23 -15.26
CA VAL D 29 -12.55 23.43 -14.86
C VAL D 29 -12.53 23.61 -13.33
N VAL D 30 -13.61 23.24 -12.64
CA VAL D 30 -13.62 23.36 -11.19
C VAL D 30 -12.62 22.38 -10.58
N GLU D 31 -12.52 21.17 -11.13
CA GLU D 31 -11.61 20.17 -10.59
C GLU D 31 -10.17 20.60 -10.78
N ARG D 32 -9.81 21.09 -11.97
CA ARG D 32 -8.42 21.47 -12.22
C ARG D 32 -8.00 22.67 -11.37
N LEU D 33 -8.85 23.70 -11.32
CA LEU D 33 -8.61 24.81 -10.40
C LEU D 33 -8.39 24.30 -8.98
N LEU D 34 -9.33 23.47 -8.51
CA LEU D 34 -9.20 22.80 -7.22
C LEU D 34 -7.86 22.07 -7.10
N ARG D 35 -7.48 21.34 -8.14
CA ARG D 35 -6.25 20.55 -8.11
C ARG D 35 -5.05 21.44 -7.80
N ARG D 36 -4.99 22.60 -8.44
CA ARG D 36 -3.79 23.43 -8.34
C ARG D 36 -3.69 24.13 -7.00
N MET D 37 -4.82 24.60 -6.46
CA MET D 37 -4.76 25.18 -5.11
C MET D 37 -4.42 24.14 -4.05
N GLN D 38 -4.68 22.86 -4.32
CA GLN D 38 -4.25 21.80 -3.43
C GLN D 38 -2.75 21.55 -3.49
N LYS D 39 -2.06 22.13 -4.48
CA LYS D 39 -0.61 22.05 -4.59
C LYS D 39 0.07 23.34 -4.18
N ARG D 40 -0.45 24.50 -4.63
CA ARG D 40 0.18 25.77 -4.36
C ARG D 40 0.17 26.07 -2.86
N GLU D 41 1.31 26.56 -2.37
CA GLU D 41 1.43 26.90 -0.96
C GLU D 41 0.65 28.18 -0.67
N SER D 42 -0.46 28.04 0.05
CA SER D 42 -1.30 29.17 0.41
C SER D 42 -2.21 28.76 1.56
N GLU D 43 -3.00 29.72 2.04
CA GLU D 43 -3.99 29.44 3.06
C GLU D 43 -5.05 28.48 2.54
N PHE D 44 -5.27 28.48 1.23
CA PHE D 44 -6.27 27.64 0.59
C PHE D 44 -5.70 26.31 0.09
N LYS D 45 -4.48 25.96 0.49
CA LYS D 45 -4.06 24.57 0.37
C LYS D 45 -4.84 23.75 1.38
N GLY D 46 -5.58 22.76 0.88
CA GLY D 46 -6.50 22.02 1.71
C GLY D 46 -7.95 22.23 1.37
N VAL D 47 -8.28 23.13 0.43
CA VAL D 47 -9.66 23.23 -0.01
C VAL D 47 -10.03 21.98 -0.80
N GLU D 48 -11.22 21.48 -0.53
CA GLU D 48 -11.82 20.43 -1.34
C GLU D 48 -13.25 20.84 -1.68
N GLN D 49 -13.80 20.19 -2.69
CA GLN D 49 -15.14 20.50 -3.14
C GLN D 49 -16.17 19.83 -2.24
N LEU D 50 -17.21 20.59 -1.90
CA LEU D 50 -18.35 20.07 -1.18
C LEU D 50 -19.47 19.82 -2.18
N ASN D 51 -19.74 18.56 -2.49
CA ASN D 51 -20.69 18.17 -3.53
C ASN D 51 -22.10 18.32 -2.99
N THR D 52 -22.61 19.55 -3.04
CA THR D 52 -23.95 19.87 -2.53
C THR D 52 -24.62 20.82 -3.51
N GLY D 53 -25.80 21.30 -3.15
CA GLY D 53 -26.53 22.24 -3.97
C GLY D 53 -27.57 21.54 -4.84
N SER D 54 -28.35 22.37 -5.54
CA SER D 54 -29.56 21.87 -6.17
C SER D 54 -29.27 20.87 -7.27
N TYR D 55 -28.09 20.91 -7.88
CA TYR D 55 -27.82 19.92 -8.90
C TYR D 55 -27.45 18.56 -8.29
N TYR D 56 -26.86 18.55 -7.10
CA TYR D 56 -26.48 17.28 -6.47
C TYR D 56 -27.63 16.61 -5.75
N GLU D 57 -28.72 17.34 -5.52
CA GLU D 57 -29.94 16.78 -4.97
C GLU D 57 -30.95 16.45 -6.06
N HIS D 58 -30.53 16.51 -7.33
CA HIS D 58 -31.40 16.23 -8.47
C HIS D 58 -32.67 17.08 -8.41
N VAL D 59 -32.49 18.36 -8.07
CA VAL D 59 -33.58 19.25 -7.72
C VAL D 59 -33.39 20.58 -8.44
N LYS D 60 -32.54 20.58 -9.46
CA LYS D 60 -32.13 21.79 -10.17
C LYS D 60 -33.07 22.08 -11.35
N ILE D 61 -33.75 23.23 -11.28
CA ILE D 61 -34.45 23.79 -12.43
C ILE D 61 -33.67 24.94 -13.05
N SER D 62 -32.47 25.20 -12.56
CA SER D 62 -31.75 26.44 -12.81
C SER D 62 -31.43 26.61 -14.29
N ALA D 63 -30.96 27.81 -14.62
CA ALA D 63 -30.48 28.09 -15.95
C ALA D 63 -29.30 27.17 -16.27
N PRO D 64 -29.31 26.49 -17.43
CA PRO D 64 -28.19 25.58 -17.75
C PRO D 64 -26.85 26.29 -17.89
N ASN D 65 -26.84 27.62 -17.93
CA ASN D 65 -25.62 28.41 -18.01
C ASN D 65 -25.21 28.99 -16.67
N GLU D 66 -25.70 28.40 -15.57
CA GLU D 66 -25.51 28.96 -14.24
C GLU D 66 -25.34 27.82 -13.24
N PHE D 67 -24.24 27.85 -12.49
CA PHE D 67 -23.97 26.83 -11.49
C PHE D 67 -23.40 27.49 -10.24
N ASP D 68 -23.49 26.76 -9.13
CA ASP D 68 -22.95 27.20 -7.85
C ASP D 68 -22.25 26.03 -7.20
N VAL D 69 -20.98 26.22 -6.82
CA VAL D 69 -20.17 25.17 -6.18
C VAL D 69 -19.57 25.74 -4.90
N MET D 70 -19.34 24.88 -3.89
CA MET D 70 -18.81 25.33 -2.60
C MET D 70 -17.45 24.70 -2.36
N PHE D 71 -16.44 25.52 -2.02
CA PHE D 71 -15.10 25.02 -1.72
C PHE D 71 -14.98 24.97 -0.21
N LYS D 72 -14.61 23.81 0.33
CA LYS D 72 -14.56 23.64 1.79
C LYS D 72 -13.12 23.78 2.28
N LEU D 73 -12.86 24.77 3.15
CA LEU D 73 -11.56 24.89 3.78
C LEU D 73 -11.73 24.53 5.25
N GLU D 74 -11.16 23.41 5.66
CA GLU D 74 -11.16 23.04 7.07
C GLU D 74 -10.33 24.04 7.87
N VAL D 75 -11.00 24.77 8.77
CA VAL D 75 -10.30 25.77 9.64
C VAL D 75 -10.38 25.25 11.08
N PRO D 76 -9.29 24.67 11.62
CA PRO D 76 -9.36 24.06 12.93
C PRO D 76 -9.47 25.04 14.07
N ARG D 77 -10.00 24.59 15.20
CA ARG D 77 -10.07 25.44 16.42
C ARG D 77 -10.70 26.80 16.13
N ILE D 78 -12.03 26.87 16.16
CA ILE D 78 -12.69 28.19 15.98
C ILE D 78 -13.59 28.47 17.18
N GLU D 79 -14.04 29.72 17.32
CA GLU D 79 -14.95 30.13 18.38
C GLU D 79 -15.88 31.17 17.78
N LEU D 80 -17.16 31.12 18.18
CA LEU D 80 -18.22 31.81 17.44
C LEU D 80 -19.00 32.74 18.35
N GLN D 81 -19.26 33.95 17.84
CA GLN D 81 -20.05 34.96 18.54
C GLN D 81 -21.24 35.34 17.68
N GLU D 82 -22.43 35.28 18.27
CA GLU D 82 -23.66 35.67 17.58
C GLU D 82 -23.67 37.17 17.30
N TYR D 83 -23.65 37.56 16.02
CA TYR D 83 -23.73 38.98 15.68
C TYR D 83 -25.01 39.59 16.18
N TYR D 84 -26.15 39.00 15.83
CA TYR D 84 -27.45 39.27 16.40
C TYR D 84 -27.92 37.99 17.09
N GLU D 85 -29.12 38.03 17.66
CA GLU D 85 -29.69 36.84 18.27
C GLU D 85 -30.41 35.96 17.27
N THR D 86 -30.12 36.16 15.98
CA THR D 86 -30.62 35.29 14.93
C THR D 86 -30.38 33.81 15.24
N GLY D 87 -29.21 33.49 15.75
CA GLY D 87 -28.73 32.13 15.79
C GLY D 87 -28.05 31.68 14.52
N ALA D 88 -27.99 32.54 13.51
CA ALA D 88 -27.47 32.18 12.19
C ALA D 88 -26.21 32.94 11.79
N PHE D 89 -26.09 34.21 12.17
CA PHE D 89 -24.97 35.04 11.75
C PHE D 89 -23.97 35.18 12.90
N TYR D 90 -22.69 34.99 12.59
CA TYR D 90 -21.65 34.90 13.59
C TYR D 90 -20.43 35.69 13.19
N LEU D 91 -19.63 36.06 14.18
CA LEU D 91 -18.25 36.44 14.01
C LEU D 91 -17.38 35.23 14.32
N VAL D 92 -16.35 35.01 13.51
CA VAL D 92 -15.46 33.88 13.69
C VAL D 92 -14.25 34.37 14.48
N LYS D 93 -14.13 33.94 15.74
CA LYS D 93 -13.04 34.22 16.65
C LYS D 93 -12.05 33.08 16.62
N PHE D 94 -11.11 33.07 17.58
CA PHE D 94 -10.09 32.03 17.64
C PHE D 94 -9.56 31.86 19.06
N LYS D 95 -8.85 30.75 19.24
CA LYS D 95 -8.21 30.38 20.50
C LYS D 95 -6.71 30.67 20.45
N ASN D 101 -2.54 30.34 13.58
CA ASN D 101 -3.59 30.58 12.56
C ASN D 101 -2.93 31.16 11.31
N PRO D 102 -2.72 30.36 10.24
CA PRO D 102 -2.18 30.89 9.01
C PRO D 102 -2.96 32.11 8.55
N SER D 104 -3.98 34.50 9.93
CA SER D 104 -3.65 35.67 10.77
C SER D 104 -3.56 36.90 9.87
N HIS D 105 -3.10 36.71 8.64
CA HIS D 105 -3.03 37.83 7.67
C HIS D 105 -4.44 38.23 7.26
N PHE D 106 -5.46 37.58 7.83
CA PHE D 106 -6.88 37.92 7.54
C PHE D 106 -7.62 38.13 8.84
N LEU D 107 -6.90 38.19 9.96
CA LEU D 107 -7.58 38.30 11.26
C LEU D 107 -7.72 39.76 11.71
N GLU D 108 -8.18 40.64 10.82
CA GLU D 108 -8.41 42.05 11.20
C GLU D 108 -8.95 42.10 12.64
N VAL D 111 -10.90 38.63 14.81
CA VAL D 111 -12.06 38.13 14.04
C VAL D 111 -11.67 38.02 12.56
N LEU D 112 -11.91 36.87 11.93
CA LEU D 112 -11.45 36.70 10.53
C LEU D 112 -12.22 37.68 9.62
N SER D 113 -11.49 38.53 8.90
CA SER D 113 -12.13 39.48 7.96
C SER D 113 -12.52 38.72 6.72
N ALA D 114 -13.78 38.30 6.64
CA ALA D 114 -14.24 37.64 5.41
C ALA D 114 -13.65 38.41 4.24
N THR D 115 -13.79 39.74 4.27
CA THR D 115 -13.37 40.51 3.11
C THR D 115 -11.94 40.19 2.68
N LYS D 116 -10.99 40.16 3.64
CA LYS D 116 -9.59 39.90 3.30
C LYS D 116 -9.38 38.46 2.83
N MET D 117 -9.95 37.50 3.57
CA MET D 117 -9.82 36.10 3.18
C MET D 117 -10.33 35.88 1.76
N LEU D 118 -11.46 36.50 1.41
CA LEU D 118 -12.01 36.39 0.06
C LEU D 118 -11.17 37.16 -0.96
N SER D 119 -10.53 38.27 -0.56
CA SER D 119 -9.71 39.04 -1.50
C SER D 119 -8.54 38.20 -2.03
N LYS D 120 -7.77 37.58 -1.12
CA LYS D 120 -6.75 36.61 -1.55
C LYS D 120 -7.37 35.54 -2.44
N PHE D 121 -8.41 34.86 -1.94
CA PHE D 121 -9.17 33.88 -2.72
C PHE D 121 -9.47 34.33 -4.15
N ARG D 122 -10.14 35.48 -4.29
CA ARG D 122 -10.41 36.05 -5.61
C ARG D 122 -9.13 36.25 -6.41
N LYS D 123 -8.06 36.69 -5.74
CA LYS D 123 -6.77 36.82 -6.41
C LYS D 123 -6.21 35.47 -6.84
N ILE D 124 -6.13 34.50 -5.92
CA ILE D 124 -5.51 33.21 -6.20
C ILE D 124 -6.25 32.51 -7.34
N ILE D 125 -7.57 32.49 -7.28
CA ILE D 125 -8.34 31.91 -8.38
C ILE D 125 -8.01 32.65 -9.65
N LYS D 126 -8.34 33.96 -9.72
CA LYS D 126 -7.91 34.82 -10.83
C LYS D 126 -6.47 34.50 -11.26
N GLU D 127 -5.59 34.33 -10.31
CA GLU D 127 -4.21 33.93 -10.50
C GLU D 127 -4.12 32.56 -11.16
N GLU D 128 -4.50 31.50 -10.47
CA GLU D 128 -4.32 30.14 -11.01
C GLU D 128 -5.25 29.86 -12.19
N VAL D 129 -6.10 30.82 -12.57
CA VAL D 129 -7.06 30.57 -13.66
C VAL D 129 -6.45 30.99 -14.98
N LYS D 130 -5.29 31.66 -14.95
CA LYS D 130 -4.59 31.96 -16.20
C LYS D 130 -3.99 30.69 -16.75
N GLU D 131 -3.40 29.85 -15.86
CA GLU D 131 -2.88 28.55 -16.27
C GLU D 131 -3.92 27.82 -17.12
N ILE D 132 -5.18 28.24 -16.99
CA ILE D 132 -6.27 27.67 -17.78
C ILE D 132 -6.24 28.30 -19.17
N LYS D 133 -6.00 27.47 -20.18
CA LYS D 133 -6.00 27.96 -21.56
C LYS D 133 -6.71 27.03 -22.53
N ASP D 134 -7.06 25.81 -22.12
CA ASP D 134 -7.71 24.86 -23.00
C ASP D 134 -9.00 25.43 -23.58
N ILE D 135 -9.96 25.74 -22.72
CA ILE D 135 -11.15 26.49 -23.11
C ILE D 135 -11.11 27.83 -22.39
N ASP D 136 -11.80 28.82 -22.97
CA ASP D 136 -11.85 30.17 -22.44
C ASP D 136 -12.46 30.18 -21.06
N VAL D 137 -11.65 30.39 -20.03
CA VAL D 137 -12.12 30.50 -18.66
C VAL D 137 -11.56 31.80 -18.07
N SER D 138 -12.44 32.60 -17.49
CA SER D 138 -12.04 33.87 -16.90
C SER D 138 -12.62 34.01 -15.49
N VAL D 139 -12.49 35.20 -14.92
CA VAL D 139 -13.13 35.53 -13.65
C VAL D 139 -13.87 36.84 -13.87
N GLU D 140 -15.19 36.81 -13.70
CA GLU D 140 -15.97 38.02 -13.84
C GLU D 140 -15.46 39.09 -12.88
N LYS D 141 -15.68 40.34 -13.24
CA LYS D 141 -15.37 41.42 -12.32
C LYS D 141 -16.15 41.20 -11.03
N GLU D 142 -15.44 41.33 -9.91
CA GLU D 142 -16.08 41.16 -8.59
C GLU D 142 -17.33 42.02 -8.51
N LYS D 143 -18.47 41.43 -8.18
CA LYS D 143 -19.70 42.22 -7.97
C LYS D 143 -19.67 42.69 -6.51
N PRO D 144 -19.47 43.99 -6.23
CA PRO D 144 -19.30 44.46 -4.86
C PRO D 144 -20.31 43.94 -3.85
N GLY D 145 -21.51 43.53 -4.31
CA GLY D 145 -22.56 43.13 -3.35
C GLY D 145 -22.50 41.67 -2.97
N SER D 146 -21.61 40.89 -3.57
CA SER D 146 -21.62 39.42 -3.30
C SER D 146 -20.20 38.85 -3.37
N PRO D 147 -19.84 37.85 -2.52
CA PRO D 147 -18.47 37.34 -2.49
C PRO D 147 -18.13 36.28 -3.51
N ALA D 148 -19.13 35.46 -3.88
CA ALA D 148 -18.89 34.36 -4.82
C ALA D 148 -17.97 34.79 -5.94
N VAL D 149 -16.86 34.06 -6.12
CA VAL D 149 -15.99 34.36 -7.24
C VAL D 149 -16.58 33.65 -8.44
N THR D 150 -17.06 34.41 -9.41
CA THR D 150 -17.84 33.88 -10.52
C THR D 150 -16.90 33.64 -11.71
N LEU D 151 -16.72 32.38 -12.07
CA LEU D 151 -15.96 32.02 -13.26
C LEU D 151 -16.86 32.02 -14.48
N LEU D 152 -16.29 32.40 -15.61
CA LEU D 152 -16.99 32.39 -16.89
C LEU D 152 -16.27 31.42 -17.80
N ILE D 153 -17.05 30.61 -18.52
CA ILE D 153 -16.47 29.55 -19.33
C ILE D 153 -16.63 29.83 -20.82
N ASN D 155 -18.59 26.63 -22.83
CA ASN D 155 -17.65 26.17 -23.84
C ASN D 155 -17.55 27.27 -24.94
N PRO D 156 -18.22 27.21 -26.11
CA PRO D 156 -18.14 28.37 -27.01
C PRO D 156 -19.03 29.52 -26.59
N GLU D 157 -20.02 29.29 -25.76
CA GLU D 157 -20.85 30.34 -25.18
C GLU D 157 -20.81 30.21 -23.66
N GLU D 158 -21.24 31.28 -22.98
CA GLU D 158 -20.84 31.52 -21.60
C GLU D 158 -21.65 30.72 -20.59
N ILE D 159 -20.94 30.17 -19.61
CA ILE D 159 -21.53 29.47 -18.46
C ILE D 159 -20.92 30.08 -17.20
N SER D 160 -21.78 30.66 -16.36
CA SER D 160 -21.33 31.29 -15.11
C SER D 160 -21.40 30.29 -13.97
N VAL D 161 -20.38 30.31 -13.11
CA VAL D 161 -20.32 29.43 -11.95
C VAL D 161 -19.84 30.22 -10.74
N ASP D 162 -20.68 30.31 -9.72
CA ASP D 162 -20.30 31.01 -8.50
C ASP D 162 -19.53 30.06 -7.59
N ILE D 163 -18.36 30.50 -7.13
CA ILE D 163 -17.53 29.73 -6.20
C ILE D 163 -17.71 30.34 -4.81
N ILE D 164 -18.20 29.53 -3.89
CA ILE D 164 -18.53 29.96 -2.54
C ILE D 164 -17.51 29.35 -1.58
N LEU D 165 -16.80 30.21 -0.84
CA LEU D 165 -15.87 29.75 0.17
C LEU D 165 -16.64 29.41 1.44
N ALA D 166 -16.51 28.18 1.90
CA ALA D 166 -17.09 27.73 3.16
C ALA D 166 -15.98 27.24 4.08
N LEU D 167 -16.08 27.60 5.34
CA LEU D 167 -15.18 27.09 6.38
C LEU D 167 -15.81 25.82 6.94
N GLU D 168 -15.06 24.71 6.88
CA GLU D 168 -15.48 23.49 7.52
C GLU D 168 -14.97 23.47 8.95
N SER D 169 -15.90 23.41 9.91
CA SER D 169 -15.57 23.17 11.30
C SER D 169 -16.05 21.77 11.66
N LYS D 170 -15.14 20.98 12.23
CA LYS D 170 -15.48 19.63 12.65
C LYS D 170 -15.85 19.56 14.14
N GLY D 171 -16.11 20.71 14.75
CA GLY D 171 -16.60 20.75 16.10
C GLY D 171 -18.08 20.43 16.19
N SER D 172 -18.60 20.49 17.42
CA SER D 172 -20.02 20.26 17.64
C SER D 172 -20.84 21.39 17.02
N TRP D 173 -22.13 21.12 16.84
CA TRP D 173 -22.99 22.07 16.14
C TRP D 173 -23.38 23.21 17.09
N PRO D 174 -23.41 24.45 16.57
CA PRO D 174 -23.81 25.59 17.41
C PRO D 174 -25.12 25.33 18.13
N ILE D 175 -25.21 25.83 19.37
CA ILE D 175 -26.33 25.50 20.25
C ILE D 175 -27.65 26.11 19.79
N SER D 176 -27.62 27.02 18.81
CA SER D 176 -28.86 27.52 18.25
C SER D 176 -29.60 26.43 17.47
N THR D 177 -28.86 25.48 16.90
CA THR D 177 -29.45 24.37 16.16
C THR D 177 -29.88 23.22 17.05
N LYS D 178 -29.78 23.39 18.39
CA LYS D 178 -30.10 22.28 19.29
C LYS D 178 -31.50 21.73 19.04
N GLU D 179 -32.48 22.61 18.84
CA GLU D 179 -33.87 22.21 18.67
C GLU D 179 -34.31 22.14 17.21
N GLY D 180 -33.40 22.41 16.26
CA GLY D 180 -33.71 22.31 14.85
C GLY D 180 -33.66 20.88 14.35
N LEU D 181 -33.68 20.76 13.02
CA LEU D 181 -33.78 19.51 12.25
C LEU D 181 -34.72 18.53 12.96
N PRO D 182 -36.03 18.83 12.99
CA PRO D 182 -36.99 18.05 13.79
C PRO D 182 -37.49 16.79 13.07
N ILE D 183 -36.58 15.87 12.78
CA ILE D 183 -36.86 14.76 11.89
C ILE D 183 -37.23 13.48 12.64
N GLN D 184 -37.48 13.56 13.95
CA GLN D 184 -37.55 12.35 14.77
C GLN D 184 -38.72 11.46 14.36
N GLY D 185 -39.85 12.06 13.98
CA GLY D 185 -40.99 11.26 13.58
C GLY D 185 -40.95 10.79 12.14
N TRP D 186 -39.89 11.14 11.43
CA TRP D 186 -39.82 10.98 9.98
C TRP D 186 -38.58 10.17 9.61
N LEU D 187 -37.40 10.79 9.72
CA LEU D 187 -36.16 10.06 9.47
C LEU D 187 -35.59 9.41 10.72
N GLY D 188 -36.04 9.82 11.90
CA GLY D 188 -35.78 9.07 13.11
C GLY D 188 -34.66 9.67 13.96
N THR D 189 -34.50 9.09 15.14
CA THR D 189 -33.53 9.60 16.11
C THR D 189 -32.11 9.16 15.78
N LYS D 190 -31.94 7.96 15.26
CA LYS D 190 -30.59 7.51 14.89
C LYS D 190 -30.07 8.26 13.68
N VAL D 191 -30.95 8.59 12.72
CA VAL D 191 -30.53 9.43 11.60
C VAL D 191 -30.19 10.82 12.09
N ARG D 192 -31.02 11.38 12.98
CA ARG D 192 -30.73 12.71 13.52
C ARG D 192 -29.40 12.73 14.25
N THR D 193 -29.21 11.81 15.20
CA THR D 193 -27.97 11.74 15.96
C THR D 193 -26.75 11.73 15.02
N ASN D 194 -26.83 10.91 13.97
CA ASN D 194 -25.68 10.77 13.08
C ASN D 194 -25.44 12.01 12.23
N LEU D 195 -26.50 12.69 11.81
CA LEU D 195 -26.32 13.88 10.97
C LEU D 195 -25.60 14.99 11.74
N ARG D 196 -25.97 15.18 13.02
CA ARG D 196 -25.38 16.27 13.80
C ARG D 196 -23.98 15.95 14.31
N ARG D 197 -23.51 14.70 14.12
CA ARG D 197 -22.08 14.44 14.37
C ARG D 197 -21.18 14.82 13.19
N GLU D 198 -21.76 15.11 12.03
CA GLU D 198 -21.01 15.56 10.87
C GLU D 198 -20.54 17.00 11.09
N PRO D 199 -19.66 17.50 10.22
CA PRO D 199 -19.26 18.91 10.32
C PRO D 199 -20.42 19.86 10.06
N PHE D 200 -20.15 21.14 10.32
CA PHE D 200 -21.02 22.22 9.88
C PHE D 200 -20.15 23.28 9.23
N TYR D 201 -20.80 24.26 8.55
CA TYR D 201 -20.04 25.16 7.71
C TYR D 201 -20.41 26.60 8.02
N LEU D 202 -19.52 27.49 7.58
CA LEU D 202 -19.71 28.93 7.72
C LEU D 202 -19.32 29.59 6.40
N VAL D 203 -20.19 30.46 5.91
CA VAL D 203 -19.99 31.09 4.61
C VAL D 203 -20.13 32.60 4.79
N PRO D 204 -19.29 33.40 4.13
CA PRO D 204 -19.36 34.85 4.32
C PRO D 204 -20.72 35.40 3.90
N LYS D 205 -21.30 36.23 4.77
CA LYS D 205 -22.62 36.83 4.52
C LYS D 205 -22.82 38.00 5.46
N ASN D 206 -23.23 39.14 4.92
CA ASN D 206 -23.58 40.25 5.78
C ASN D 206 -25.06 40.16 6.15
N ALA D 207 -25.40 40.71 7.32
CA ALA D 207 -26.79 40.84 7.66
C ALA D 207 -27.40 41.98 6.85
N LYS D 208 -28.74 42.03 6.81
CA LYS D 208 -29.38 43.17 6.18
C LYS D 208 -29.04 44.43 6.99
N ASP D 209 -29.05 44.30 8.34
CA ASP D 209 -28.69 45.41 9.23
C ASP D 209 -27.51 46.19 8.66
N GLY D 210 -26.39 45.50 8.41
CA GLY D 210 -25.24 46.12 7.74
C GLY D 210 -24.88 47.49 8.24
N ASN D 211 -24.73 47.66 9.56
CA ASN D 211 -24.24 48.95 10.08
C ASN D 211 -22.72 48.78 10.21
N SER D 212 -22.29 47.55 10.45
CA SER D 212 -20.84 47.23 10.57
C SER D 212 -20.65 45.74 10.27
N PHE D 213 -19.48 45.19 10.58
CA PHE D 213 -19.17 43.76 10.33
C PHE D 213 -19.43 43.43 8.85
N GLY D 215 -18.24 43.10 6.53
CA GLY D 215 -17.43 42.05 5.87
C GLY D 215 -16.66 41.23 6.89
N GLU D 216 -17.25 40.96 8.04
CA GLU D 216 -16.61 40.11 9.08
C GLU D 216 -17.70 39.23 9.72
N THR D 217 -18.85 39.10 9.05
CA THR D 217 -19.97 38.28 9.53
C THR D 217 -20.04 37.01 8.72
N TRP D 218 -20.24 35.87 9.39
CA TRP D 218 -20.36 34.59 8.72
C TRP D 218 -21.70 33.97 9.08
N ARG D 219 -22.24 33.18 8.17
CA ARG D 219 -23.54 32.54 8.36
C ARG D 219 -23.41 31.03 8.28
N LEU D 220 -24.13 30.35 9.18
CA LEU D 220 -24.14 28.90 9.20
C LEU D 220 -24.66 28.34 7.89
N SER D 221 -24.10 27.20 7.49
CA SER D 221 -24.56 26.48 6.30
C SER D 221 -24.65 25.00 6.64
N PHE D 222 -25.74 24.38 6.15
CA PHE D 222 -25.99 22.95 6.36
C PHE D 222 -26.30 22.26 5.05
N SER D 223 -25.73 22.75 3.94
CA SER D 223 -26.08 22.26 2.61
C SER D 223 -25.78 20.77 2.45
N HIS D 224 -24.78 20.26 3.16
CA HIS D 224 -24.48 18.83 3.10
C HIS D 224 -25.60 18.01 3.75
N THR D 225 -26.09 18.47 4.91
CA THR D 225 -27.23 17.81 5.54
C THR D 225 -28.48 17.90 4.66
N GLU D 226 -28.70 19.06 4.06
CA GLU D 226 -29.87 19.24 3.20
C GLU D 226 -29.84 18.29 2.01
N LYS D 227 -28.66 18.10 1.42
CA LYS D 227 -28.54 17.12 0.34
C LYS D 227 -28.87 15.72 0.85
N TYR D 228 -28.38 15.37 2.04
CA TYR D 228 -28.71 14.05 2.58
C TYR D 228 -30.22 13.88 2.73
N ILE D 229 -30.90 14.89 3.27
CA ILE D 229 -32.34 14.80 3.49
C ILE D 229 -33.06 14.61 2.16
N LEU D 230 -32.71 15.43 1.16
CA LEU D 230 -33.38 15.34 -0.13
C LEU D 230 -33.18 13.98 -0.79
N ASN D 231 -32.00 13.36 -0.59
CA ASN D 231 -31.70 12.08 -1.19
C ASN D 231 -31.98 10.89 -0.27
N ASN D 232 -32.44 11.15 0.96
CA ASN D 232 -32.84 10.11 1.91
C ASN D 232 -34.13 10.57 2.60
N HIS D 233 -35.17 10.79 1.79
CA HIS D 233 -36.32 11.59 2.20
C HIS D 233 -37.50 10.77 2.71
N GLY D 234 -37.48 9.46 2.56
CA GLY D 234 -38.63 8.66 2.94
C GLY D 234 -38.57 8.16 4.38
N ILE D 235 -39.76 7.84 4.91
CA ILE D 235 -39.80 7.13 6.18
C ILE D 235 -39.42 5.67 5.98
N GLU D 236 -39.69 5.13 4.80
CA GLU D 236 -39.19 3.81 4.42
C GLU D 236 -37.83 3.96 3.77
N LYS D 237 -36.95 3.00 4.05
CA LYS D 237 -35.59 3.08 3.52
C LYS D 237 -35.55 2.90 2.01
N THR D 238 -36.55 2.22 1.44
CA THR D 238 -36.58 1.93 0.02
C THR D 238 -37.37 2.96 -0.78
N CYS D 239 -37.69 4.12 -0.19
CA CYS D 239 -38.49 5.12 -0.88
C CYS D 239 -37.76 5.62 -2.12
N CYS D 240 -38.43 5.53 -3.27
CA CYS D 240 -37.89 5.91 -4.58
C CYS D 240 -36.66 5.08 -4.95
N GLU D 241 -36.56 3.86 -4.45
CA GLU D 241 -35.45 2.98 -4.76
C GLU D 241 -35.89 1.90 -5.74
N SER D 242 -34.89 1.18 -6.27
CA SER D 242 -35.14 0.19 -7.31
C SER D 242 -36.16 -0.85 -6.86
N SER D 243 -36.10 -1.26 -5.58
CA SER D 243 -37.00 -2.27 -5.05
C SER D 243 -38.01 -1.69 -4.06
N GLY D 244 -38.25 -0.38 -4.12
CA GLY D 244 -39.23 0.26 -3.26
C GLY D 244 -40.27 1.03 -4.06
N ALA D 245 -41.08 1.83 -3.37
CA ALA D 245 -42.18 2.56 -4.00
C ALA D 245 -41.79 4.01 -4.24
N LYS D 246 -42.19 4.52 -5.41
CA LYS D 246 -41.96 5.90 -5.77
C LYS D 246 -42.89 6.83 -4.99
N CYS D 247 -42.34 7.92 -4.47
CA CYS D 247 -43.12 9.00 -3.89
C CYS D 247 -42.99 10.23 -4.78
N CYS D 248 -43.73 11.29 -4.43
CA CYS D 248 -43.72 12.52 -5.21
C CYS D 248 -43.19 13.71 -4.41
N ARG D 249 -42.35 13.45 -3.40
CA ARG D 249 -41.84 14.53 -2.57
C ARG D 249 -41.00 15.51 -3.38
N LYS D 250 -40.06 14.99 -4.16
CA LYS D 250 -39.17 15.86 -4.93
C LYS D 250 -39.89 16.49 -6.12
N GLU D 251 -40.89 15.80 -6.67
CA GLU D 251 -41.69 16.39 -7.74
C GLU D 251 -42.45 17.61 -7.25
N CYS D 252 -42.90 17.59 -5.99
CA CYS D 252 -43.56 18.76 -5.42
C CYS D 252 -42.57 19.90 -5.21
N LEU D 253 -41.34 19.57 -4.81
CA LEU D 253 -40.32 20.62 -4.66
C LEU D 253 -39.96 21.24 -6.00
N LYS D 254 -39.75 20.40 -7.02
CA LYS D 254 -39.48 20.91 -8.37
C LYS D 254 -40.58 21.85 -8.83
N LEU D 255 -41.83 21.38 -8.76
CA LEU D 255 -42.96 22.20 -9.22
C LEU D 255 -42.99 23.54 -8.50
N MET D 256 -42.71 23.53 -7.19
CA MET D 256 -42.79 24.76 -6.41
C MET D 256 -41.65 25.72 -6.73
N LYS D 257 -40.42 25.20 -6.88
CA LYS D 257 -39.30 26.03 -7.29
C LYS D 257 -39.58 26.66 -8.65
N TYR D 258 -40.06 25.86 -9.61
CA TYR D 258 -40.35 26.36 -10.94
C TYR D 258 -41.41 27.46 -10.89
N LEU D 259 -42.47 27.25 -10.10
CA LEU D 259 -43.49 28.28 -9.94
C LEU D 259 -42.89 29.59 -9.45
N LEU D 260 -42.06 29.52 -8.39
CA LEU D 260 -41.44 30.73 -7.88
C LEU D 260 -40.46 31.33 -8.89
N GLU D 261 -39.72 30.49 -9.61
CA GLU D 261 -38.79 30.98 -10.63
C GLU D 261 -39.54 31.76 -11.71
N GLN D 262 -40.63 31.18 -12.21
CA GLN D 262 -41.42 31.83 -13.25
C GLN D 262 -42.02 33.13 -12.74
N LEU D 263 -42.58 33.12 -11.52
CA LEU D 263 -43.17 34.33 -10.97
C LEU D 263 -42.12 35.42 -10.80
N LYS D 264 -40.91 35.06 -10.35
CA LYS D 264 -39.86 36.05 -10.16
C LYS D 264 -39.35 36.62 -11.48
N LYS D 265 -39.46 35.84 -12.57
CA LYS D 265 -39.04 36.35 -13.87
C LYS D 265 -39.87 37.55 -14.32
N GLU D 266 -41.15 37.58 -13.97
CA GLU D 266 -42.03 38.63 -14.46
C GLU D 266 -42.23 39.77 -13.47
N PHE D 267 -42.00 39.55 -12.18
CA PHE D 267 -42.24 40.57 -11.16
C PHE D 267 -40.97 40.77 -10.34
N GLN D 268 -40.35 41.95 -10.47
CA GLN D 268 -39.24 42.34 -9.61
C GLN D 268 -39.69 42.62 -8.19
N GLU D 269 -41.00 42.75 -7.96
CA GLU D 269 -41.56 42.86 -6.62
C GLU D 269 -41.28 41.62 -5.78
N LEU D 270 -40.91 40.51 -6.42
CA LEU D 270 -40.62 39.26 -5.74
C LEU D 270 -39.12 39.03 -5.56
N ASP D 271 -38.32 40.10 -5.64
CA ASP D 271 -36.87 39.96 -5.61
C ASP D 271 -36.38 39.40 -4.27
N ALA D 272 -37.13 39.63 -3.19
CA ALA D 272 -36.69 39.19 -1.87
C ALA D 272 -36.89 37.70 -1.65
N PHE D 273 -37.52 36.99 -2.57
CA PHE D 273 -37.79 35.57 -2.43
C PHE D 273 -36.81 34.76 -3.27
N CYS D 274 -36.53 33.54 -2.81
CA CYS D 274 -35.61 32.65 -3.50
C CYS D 274 -35.96 31.21 -3.18
N SER D 275 -35.25 30.28 -3.83
CA SER D 275 -35.56 28.86 -3.70
C SER D 275 -35.33 28.34 -2.28
N TYR D 276 -34.58 29.05 -1.44
CA TYR D 276 -34.39 28.53 -0.09
C TYR D 276 -35.67 28.59 0.73
N HIS D 277 -36.50 29.62 0.49
CA HIS D 277 -37.79 29.68 1.19
C HIS D 277 -38.67 28.50 0.80
N VAL D 278 -38.59 28.09 -0.46
CA VAL D 278 -39.33 26.93 -0.92
C VAL D 278 -38.82 25.66 -0.24
N LYS D 279 -37.51 25.45 -0.30
CA LYS D 279 -36.90 24.27 0.32
C LYS D 279 -37.25 24.17 1.80
N THR D 280 -37.08 25.28 2.54
CA THR D 280 -37.40 25.29 3.96
C THR D 280 -38.84 24.89 4.20
N ALA D 281 -39.77 25.45 3.40
CA ALA D 281 -41.18 25.16 3.62
C ALA D 281 -41.50 23.68 3.41
N ILE D 282 -40.88 23.06 2.40
CA ILE D 282 -41.19 21.65 2.17
C ILE D 282 -40.52 20.77 3.21
N PHE D 283 -39.40 21.22 3.79
CA PHE D 283 -38.82 20.49 4.91
C PHE D 283 -39.82 20.37 6.06
N HIS D 284 -40.44 21.50 6.42
CA HIS D 284 -41.48 21.46 7.46
C HIS D 284 -42.65 20.59 7.03
N MET D 285 -43.01 20.63 5.73
CA MET D 285 -44.12 19.82 5.26
C MET D 285 -43.82 18.32 5.38
N TRP D 286 -42.60 17.92 5.03
CA TRP D 286 -42.22 16.52 5.20
C TRP D 286 -42.23 16.12 6.66
N THR D 287 -41.88 17.05 7.54
CA THR D 287 -42.02 16.78 8.97
C THR D 287 -43.49 16.67 9.38
N GLN D 288 -44.36 17.48 8.78
CA GLN D 288 -45.77 17.47 9.15
C GLN D 288 -46.50 16.26 8.59
N ASP D 289 -46.11 15.78 7.40
CA ASP D 289 -46.67 14.58 6.79
C ASP D 289 -45.53 13.61 6.51
N PRO D 290 -45.08 12.86 7.52
CA PRO D 290 -43.90 12.00 7.33
C PRO D 290 -44.17 10.75 6.52
N GLN D 291 -45.41 10.26 6.50
CA GLN D 291 -45.70 8.99 5.84
C GLN D 291 -45.46 9.10 4.33
N ASP D 292 -44.75 8.11 3.78
CA ASP D 292 -44.57 8.04 2.34
C ASP D 292 -45.91 8.01 1.62
N SER D 293 -46.94 7.45 2.26
CA SER D 293 -48.27 7.34 1.67
C SER D 293 -49.00 8.68 1.58
N GLN D 294 -48.50 9.72 2.24
CA GLN D 294 -49.03 11.07 2.08
C GLN D 294 -48.36 11.82 0.94
N TRP D 295 -47.47 11.15 0.21
CA TRP D 295 -46.77 11.74 -0.92
C TRP D 295 -46.77 10.78 -2.09
N ASP D 296 -47.93 10.15 -2.32
CA ASP D 296 -48.13 9.15 -3.38
C ASP D 296 -48.28 9.86 -4.72
N PRO D 297 -47.59 9.40 -5.77
CA PRO D 297 -47.67 10.10 -7.06
C PRO D 297 -49.06 10.17 -7.67
N ARG D 298 -49.97 9.27 -7.33
CA ARG D 298 -51.33 9.38 -7.85
C ARG D 298 -52.11 10.51 -7.21
N ASN D 299 -51.56 11.12 -6.16
CA ASN D 299 -52.15 12.30 -5.52
C ASN D 299 -51.29 13.54 -5.73
N LEU D 300 -50.48 13.54 -6.81
CA LEU D 300 -49.55 14.63 -7.08
C LEU D 300 -50.18 16.02 -6.90
N SER D 301 -51.31 16.27 -7.56
CA SER D 301 -51.89 17.60 -7.53
C SER D 301 -52.42 17.96 -6.15
N SER D 302 -52.95 16.98 -5.41
CA SER D 302 -53.34 17.25 -4.03
C SER D 302 -52.11 17.55 -3.18
N CYS D 303 -51.02 16.82 -3.41
CA CYS D 303 -49.80 17.07 -2.64
C CYS D 303 -49.22 18.43 -2.98
N PHE D 304 -49.26 18.81 -4.27
CA PHE D 304 -48.72 20.12 -4.64
C PHE D 304 -49.54 21.23 -4.00
N ASP D 305 -50.88 21.06 -3.98
CA ASP D 305 -51.71 22.14 -3.46
C ASP D 305 -51.51 22.29 -1.95
N LYS D 306 -51.38 21.16 -1.24
CA LYS D 306 -51.22 21.29 0.21
C LYS D 306 -49.90 21.99 0.53
N LEU D 307 -48.90 21.85 -0.36
CA LEU D 307 -47.67 22.62 -0.18
C LEU D 307 -47.94 24.11 -0.38
N LEU D 308 -48.67 24.46 -1.44
CA LEU D 308 -48.98 25.85 -1.72
C LEU D 308 -49.76 26.46 -0.54
N ALA D 309 -50.76 25.73 -0.06
CA ALA D 309 -51.53 26.21 1.10
C ALA D 309 -50.61 26.47 2.29
N PHE D 310 -49.69 25.53 2.55
CA PHE D 310 -48.75 25.69 3.66
C PHE D 310 -47.90 26.93 3.45
N PHE D 311 -47.34 27.08 2.23
CA PHE D 311 -46.50 28.23 1.94
C PHE D 311 -47.29 29.53 2.07
N LEU D 312 -48.57 29.49 1.66
CA LEU D 312 -49.39 30.70 1.77
C LEU D 312 -49.63 31.06 3.23
N GLU D 313 -49.76 30.04 4.08
CA GLU D 313 -49.96 30.31 5.51
C GLU D 313 -48.71 30.91 6.13
N CYS D 314 -47.52 30.44 5.69
CA CYS D 314 -46.29 31.03 6.18
C CYS D 314 -46.20 32.49 5.78
N LEU D 315 -46.69 32.82 4.57
CA LEU D 315 -46.66 34.20 4.12
C LEU D 315 -47.67 35.03 4.92
N ARG D 316 -48.84 34.46 5.22
CA ARG D 316 -49.89 35.21 5.90
C ARG D 316 -49.49 35.49 7.34
N THR D 317 -48.88 34.52 8.01
CA THR D 317 -48.41 34.68 9.38
C THR D 317 -47.03 35.31 9.48
N GLU D 318 -46.35 35.51 8.35
CA GLU D 318 -44.99 36.05 8.34
C GLU D 318 -44.05 35.22 9.21
N LYS D 319 -44.22 33.90 9.15
CA LYS D 319 -43.46 32.98 9.97
C LYS D 319 -42.97 31.83 9.10
N LEU D 320 -41.65 31.71 8.96
CA LEU D 320 -41.03 30.59 8.27
C LEU D 320 -39.72 30.30 9.02
N ASP D 321 -39.80 29.45 10.05
CA ASP D 321 -38.63 29.12 10.84
C ASP D 321 -37.60 28.40 9.99
N HIS D 322 -36.35 28.81 10.12
CA HIS D 322 -35.25 28.04 9.54
C HIS D 322 -35.31 26.62 10.07
N TYR D 323 -35.13 25.65 9.16
CA TYR D 323 -35.28 24.25 9.53
C TYR D 323 -34.26 23.85 10.59
N PHE D 324 -33.06 24.40 10.51
CA PHE D 324 -32.00 24.04 11.44
C PHE D 324 -31.93 24.97 12.64
N ILE D 325 -32.40 26.21 12.50
CA ILE D 325 -32.26 27.24 13.53
C ILE D 325 -33.65 27.79 13.87
N PRO D 326 -34.37 27.19 14.82
CA PRO D 326 -35.80 27.53 14.99
C PRO D 326 -36.09 28.97 15.35
N LYS D 327 -35.11 29.75 15.82
CA LYS D 327 -35.39 31.13 16.19
C LYS D 327 -35.11 32.12 15.06
N PHE D 328 -34.58 31.67 13.93
CA PHE D 328 -34.31 32.55 12.79
C PHE D 328 -35.49 32.47 11.82
N ASN D 329 -36.33 33.49 11.84
CA ASN D 329 -37.53 33.54 11.00
C ASN D 329 -37.15 34.12 9.64
N LEU D 330 -37.05 33.23 8.63
CA LEU D 330 -36.72 33.68 7.28
C LEU D 330 -37.75 34.68 6.75
N PHE D 331 -38.98 34.63 7.27
CA PHE D 331 -40.06 35.51 6.84
C PHE D 331 -40.29 36.66 7.81
N SER D 332 -39.28 37.02 8.61
CA SER D 332 -39.42 38.15 9.51
C SER D 332 -39.71 39.41 8.71
N GLN D 333 -40.60 40.26 9.24
CA GLN D 333 -40.83 41.54 8.58
C GLN D 333 -39.50 42.24 8.36
N GLU D 334 -38.57 42.16 9.33
CA GLU D 334 -37.27 42.80 9.14
C GLU D 334 -36.55 42.26 7.92
N LEU D 335 -36.77 41.00 7.56
CA LEU D 335 -36.08 40.41 6.42
C LEU D 335 -36.82 40.63 5.10
N ILE D 336 -38.15 40.54 5.11
CA ILE D 336 -38.94 40.70 3.90
C ILE D 336 -40.11 41.63 4.21
N ASP D 337 -40.25 42.68 3.40
CA ASP D 337 -41.38 43.59 3.52
C ASP D 337 -42.69 42.82 3.45
N ARG D 338 -43.62 43.18 4.34
CA ARG D 338 -44.94 42.53 4.34
C ARG D 338 -45.67 42.78 3.04
N LYS D 339 -45.43 43.93 2.41
CA LYS D 339 -45.98 44.18 1.08
C LYS D 339 -45.53 43.11 0.09
N SER D 340 -44.27 42.69 0.17
CA SER D 340 -43.76 41.68 -0.75
C SER D 340 -44.41 40.33 -0.50
N LYS D 341 -44.65 39.99 0.77
CA LYS D 341 -45.36 38.75 1.08
C LYS D 341 -46.78 38.79 0.56
N GLU D 342 -47.42 39.96 0.66
CA GLU D 342 -48.77 40.09 0.14
C GLU D 342 -48.80 40.02 -1.39
N PHE D 343 -47.81 40.64 -2.05
CA PHE D 343 -47.72 40.51 -3.50
C PHE D 343 -47.63 39.05 -3.92
N LEU D 344 -46.79 38.28 -3.22
CA LEU D 344 -46.60 36.88 -3.59
C LEU D 344 -47.86 36.05 -3.34
N SER D 345 -48.55 36.32 -2.23
CA SER D 345 -49.75 35.54 -1.91
C SER D 345 -50.80 35.68 -3.01
N LYS D 346 -50.95 36.89 -3.55
CA LYS D 346 -51.98 37.08 -4.57
C LYS D 346 -51.58 36.41 -5.89
N LYS D 347 -50.28 36.47 -6.23
CA LYS D 347 -49.84 35.78 -7.45
C LYS D 347 -49.99 34.26 -7.32
N ILE D 348 -49.70 33.72 -6.13
CA ILE D 348 -49.84 32.28 -5.92
C ILE D 348 -51.31 31.87 -5.96
N GLU D 349 -52.15 32.60 -5.21
CA GLU D 349 -53.58 32.30 -5.22
C GLU D 349 -54.15 32.38 -6.63
N TYR D 350 -53.69 33.36 -7.42
CA TYR D 350 -54.19 33.49 -8.77
C TYR D 350 -53.81 32.28 -9.62
N GLU D 351 -52.54 31.87 -9.58
CA GLU D 351 -52.14 30.68 -10.33
C GLU D 351 -52.90 29.45 -9.87
N ARG D 352 -53.08 29.31 -8.56
CA ARG D 352 -53.74 28.15 -7.98
C ARG D 352 -55.20 28.05 -8.41
N ASN D 353 -55.86 29.20 -8.59
CA ASN D 353 -57.29 29.22 -8.88
C ASN D 353 -57.61 29.27 -10.37
N ASN D 354 -56.60 29.32 -11.24
CA ASN D 354 -56.86 29.40 -12.68
C ASN D 354 -56.06 28.37 -13.45
N GLY D 355 -55.68 27.28 -12.81
CA GLY D 355 -54.99 26.21 -13.51
C GLY D 355 -53.57 26.52 -13.91
N PHE D 356 -52.89 27.38 -13.14
CA PHE D 356 -51.47 27.69 -13.35
C PHE D 356 -51.16 28.13 -14.78
N PRO D 357 -51.72 29.25 -15.25
CA PRO D 357 -51.35 29.73 -16.59
C PRO D 357 -49.88 30.04 -16.77
N ILE D 358 -49.17 30.41 -15.70
CA ILE D 358 -47.75 30.73 -15.83
C ILE D 358 -46.93 29.50 -16.20
N PHE D 359 -47.46 28.30 -15.98
CA PHE D 359 -46.75 27.09 -16.37
C PHE D 359 -46.70 26.91 -17.88
N ASP D 360 -47.59 27.60 -18.61
CA ASP D 360 -47.63 27.48 -20.07
C ASP D 360 -46.69 28.46 -20.77
N LYS D 361 -45.91 29.24 -20.02
CA LYS D 361 -45.01 30.22 -20.61
C LYS D 361 -43.64 29.59 -20.82
N LEU D 362 -42.65 30.41 -21.15
CA LEU D 362 -41.32 29.91 -21.49
C LEU D 362 -40.33 30.16 -20.36
#